data_2GBX
#
_entry.id   2GBX
#
_cell.length_a   133.940
_cell.length_b   133.940
_cell.length_c   219.708
_cell.angle_alpha   90.00
_cell.angle_beta   90.00
_cell.angle_gamma   120.00
#
_symmetry.space_group_name_H-M   'P 31 2 1'
#
loop_
_entity.id
_entity.type
_entity.pdbx_description
1 polymer 'Biphenyl 2,3-Dioxygenase Alpha Subunit'
2 polymer 'Biphenyl 2,3-Dioxygenase Beta Subunit'
3 non-polymer 'FE (III) ION'
4 non-polymer 'FE2/S2 (INORGANIC) CLUSTER'
5 non-polymer BIPHENYL
6 non-polymer 'ZINC ION'
7 water water
#
loop_
_entity_poly.entity_id
_entity_poly.type
_entity_poly.pdbx_seq_one_letter_code
_entity_poly.pdbx_strand_id
1 'polypeptide(L)'
;MSSDATLVDTVNASQSRQVFWDEDVYALEIERIFSRAWLMLGHESLVPKPGDFITTYMAEDKVILSHQSDGTFRAFINSC
SHRGNQICHADSGNAKAFVCNYHGWVFGQDGSLVDVPLESRCYHNSLDKQKLAAKSVRVETYKGFIFGCHDPEAPSLEDY
LGEFRYYLDTIWEGAGGGMELLGPPMKSLLQCNWKVPAENFIGDGYHVGWTHAAALSQIGGELAGLAGNRADIPFDDLGL
QFTTRHGHGFGVIDNAAAGLHIKREGWTKFLEDTRGEVRRKFGPERERLYLGHWNCSIFPNCSFLYGTNTFKIWHPRGPH
EIEVWTYTIVPRDADPATKSMIQREAIRTFGTAGTLESDDGENMSSATYINRGVITRNGRMNSTMGVGYEGPHPVYPGIV
GISFIGETSYRGFYRFWKEMIDAPDWASVKANDDTWDSVFPNRNFWNEKLNAAE
;
A,C,E
2 'polypeptide(L)'
;MSSEQIPVTPDVHYDIEAHYRAEVRMFQTGQYREWLQGMVAEDIHYWMPIYEQRLTRDRRPDPTPDDAAIYNDDFGELKQ
RVERLYSGQVWMEDPPSKIRYFVSNVEAFEAGNGELDVLSNILVYRNRRQTEVTVHTLGREDKLRRDGNGFKVFRRKLIL
DARVTQDKNLYFFC
;
B,D,F
#
loop_
_chem_comp.id
_chem_comp.type
_chem_comp.name
_chem_comp.formula
BNL non-polymer BIPHENYL 'C12 H10'
FE non-polymer 'FE (III) ION' 'Fe 3'
FES non-polymer 'FE2/S2 (INORGANIC) CLUSTER' 'Fe2 S2'
ZN non-polymer 'ZINC ION' 'Zn 2'
#
# COMPACT_ATOMS: atom_id res chain seq x y z
N THR A 6 17.18 28.85 -3.54
CA THR A 6 16.14 29.61 -2.78
C THR A 6 14.84 28.83 -2.71
N LEU A 7 14.43 28.47 -1.50
CA LEU A 7 13.17 27.74 -1.30
C LEU A 7 11.98 28.71 -1.30
N VAL A 8 12.14 29.83 -0.59
CA VAL A 8 11.11 30.87 -0.54
C VAL A 8 11.74 32.23 -0.84
N ASP A 9 11.05 33.03 -1.65
CA ASP A 9 11.50 34.38 -2.00
C ASP A 9 10.48 35.40 -1.49
N THR A 10 10.80 36.02 -0.36
CA THR A 10 9.90 36.99 0.28
C THR A 10 9.82 38.32 -0.47
N VAL A 11 10.89 38.66 -1.19
CA VAL A 11 10.93 39.91 -1.96
C VAL A 11 10.02 39.82 -3.18
N ASN A 12 10.20 38.78 -3.98
CA ASN A 12 9.39 38.58 -5.19
C ASN A 12 8.06 37.88 -4.93
N ALA A 13 7.89 37.35 -3.72
CA ALA A 13 6.65 36.66 -3.34
C ALA A 13 6.44 35.38 -4.16
N SER A 14 7.40 34.45 -4.04
CA SER A 14 7.35 33.18 -4.75
C SER A 14 8.07 32.09 -3.97
N GLN A 15 7.65 30.84 -4.18
CA GLN A 15 8.26 29.69 -3.51
C GLN A 15 8.54 28.57 -4.50
N SER A 16 9.56 27.77 -4.21
CA SER A 16 9.88 26.60 -5.02
C SER A 16 8.88 25.49 -4.75
N ARG A 17 8.70 24.60 -5.73
CA ARG A 17 7.78 23.46 -5.60
C ARG A 17 8.38 22.33 -4.76
N GLN A 18 9.66 22.47 -4.37
CA GLN A 18 10.31 21.51 -3.48
C GLN A 18 9.74 21.55 -2.07
N VAL A 19 9.11 22.66 -1.70
CA VAL A 19 8.53 22.82 -0.36
C VAL A 19 7.44 21.79 -0.06
N PHE A 20 6.66 21.42 -1.07
CA PHE A 20 5.61 20.42 -0.92
C PHE A 20 6.12 18.98 -1.08
N TRP A 21 7.20 18.80 -1.85
CA TRP A 21 7.66 17.48 -2.23
C TRP A 21 8.90 16.99 -1.47
N ASP A 22 9.92 17.84 -1.39
CA ASP A 22 11.24 17.42 -0.88
C ASP A 22 11.18 16.84 0.53
N GLU A 23 11.86 15.71 0.72
CA GLU A 23 11.89 15.01 2.02
C GLU A 23 12.89 15.64 2.99
N ASP A 24 13.96 16.23 2.46
CA ASP A 24 14.96 16.91 3.29
C ASP A 24 14.44 18.24 3.84
N VAL A 25 13.57 18.90 3.07
CA VAL A 25 12.88 20.10 3.54
C VAL A 25 11.92 19.74 4.67
N TYR A 26 11.26 18.59 4.55
CA TYR A 26 10.39 18.08 5.61
C TYR A 26 11.18 17.77 6.88
N ALA A 27 12.42 17.29 6.72
CA ALA A 27 13.33 17.06 7.85
C ALA A 27 13.65 18.37 8.58
N LEU A 28 13.84 19.44 7.81
CA LEU A 28 14.06 20.78 8.38
C LEU A 28 12.81 21.33 9.04
N GLU A 29 11.65 21.06 8.45
CA GLU A 29 10.36 21.49 9.01
C GLU A 29 10.10 20.83 10.37
N ILE A 30 10.32 19.53 10.46
CA ILE A 30 10.14 18.79 11.71
C ILE A 30 11.07 19.31 12.80
N GLU A 31 12.32 19.62 12.44
CA GLU A 31 13.30 20.11 13.40
C GLU A 31 13.05 21.56 13.80
N ARG A 32 12.86 22.44 12.81
CA ARG A 32 12.84 23.88 13.05
C ARG A 32 11.46 24.54 13.03
N ILE A 33 10.38 23.74 13.05
CA ILE A 33 9.02 24.27 13.14
C ILE A 33 8.16 23.46 14.12
N PHE A 34 7.98 22.17 13.83
CA PHE A 34 7.12 21.31 14.64
C PHE A 34 7.72 20.95 16.00
N SER A 35 9.05 20.86 16.06
CA SER A 35 9.76 20.64 17.32
C SER A 35 10.21 21.96 17.96
N ARG A 36 9.62 23.07 17.51
CA ARG A 36 10.00 24.41 17.96
C ARG A 36 8.78 25.25 18.34
N ALA A 37 7.89 25.48 17.37
CA ALA A 37 6.72 26.33 17.57
C ALA A 37 5.61 25.61 18.35
N TRP A 38 4.64 26.38 18.80
CA TRP A 38 3.49 25.84 19.54
C TRP A 38 2.49 25.19 18.59
N LEU A 39 2.13 23.94 18.87
CA LEU A 39 1.17 23.19 18.05
C LEU A 39 -0.13 23.01 18.81
N MET A 40 -1.25 23.02 18.09
CA MET A 40 -2.57 22.89 18.68
C MET A 40 -2.83 21.45 19.14
N LEU A 41 -3.01 21.28 20.44
CA LEU A 41 -3.36 19.98 21.02
C LEU A 41 -4.88 19.82 21.04
N GLY A 42 -5.58 20.82 21.56
CA GLY A 42 -7.04 20.79 21.62
C GLY A 42 -7.63 21.94 22.42
N HIS A 43 -8.66 21.63 23.19
CA HIS A 43 -9.36 22.63 24.01
C HIS A 43 -9.75 22.00 25.35
N GLU A 44 -10.00 22.84 26.35
CA GLU A 44 -10.41 22.36 27.68
C GLU A 44 -11.80 21.71 27.70
N SER A 45 -12.60 21.95 26.65
CA SER A 45 -13.90 21.32 26.50
C SER A 45 -13.79 19.84 26.12
N LEU A 46 -12.67 19.48 25.49
CA LEU A 46 -12.39 18.09 25.15
C LEU A 46 -11.96 17.28 26.38
N VAL A 47 -11.40 17.97 27.36
CA VAL A 47 -11.01 17.35 28.64
C VAL A 47 -11.51 18.20 29.81
N PRO A 48 -12.85 18.23 30.01
CA PRO A 48 -13.47 19.14 30.98
C PRO A 48 -13.20 18.81 32.45
N LYS A 49 -13.45 17.56 32.85
CA LYS A 49 -13.35 17.17 34.26
C LYS A 49 -11.96 16.63 34.60
N PRO A 50 -11.53 16.78 35.87
CA PRO A 50 -10.26 16.20 36.31
C PRO A 50 -10.18 14.70 36.04
N GLY A 51 -9.13 14.27 35.35
CA GLY A 51 -8.96 12.88 34.95
C GLY A 51 -9.19 12.65 33.46
N ASP A 52 -9.99 13.53 32.84
CA ASP A 52 -10.28 13.41 31.41
C ASP A 52 -9.03 13.64 30.57
N PHE A 53 -8.88 12.85 29.51
CA PHE A 53 -7.72 12.94 28.64
C PHE A 53 -8.10 12.70 27.18
N ILE A 54 -7.20 13.07 26.28
CA ILE A 54 -7.33 12.75 24.85
C ILE A 54 -5.96 12.45 24.25
N THR A 55 -5.89 11.41 23.42
CA THR A 55 -4.68 11.12 22.65
C THR A 55 -4.71 11.99 21.39
N THR A 56 -3.59 12.61 21.06
CA THR A 56 -3.54 13.51 19.95
C THR A 56 -2.16 13.51 19.34
N TYR A 57 -1.98 14.24 18.26
CA TYR A 57 -0.71 14.26 17.57
C TYR A 57 -0.01 15.57 17.72
N MET A 58 1.28 15.52 18.02
CA MET A 58 2.17 16.62 17.74
C MET A 58 3.04 16.35 16.54
N ALA A 59 2.51 16.65 15.37
CA ALA A 59 3.06 16.15 14.14
C ALA A 59 3.04 14.65 14.09
N GLU A 60 4.21 14.04 14.14
CA GLU A 60 4.31 12.61 13.99
C GLU A 60 4.52 11.95 15.32
N ASP A 61 4.65 12.77 16.36
CA ASP A 61 4.71 12.28 17.74
C ASP A 61 3.31 12.15 18.34
N LYS A 62 3.01 10.98 18.88
CA LYS A 62 1.76 10.77 19.62
C LYS A 62 1.91 11.33 21.04
N VAL A 63 0.89 12.03 21.51
CA VAL A 63 0.91 12.63 22.85
C VAL A 63 -0.43 12.48 23.57
N ILE A 64 -0.37 12.35 24.90
CA ILE A 64 -1.57 12.22 25.73
C ILE A 64 -1.79 13.50 26.53
N LEU A 65 -2.75 14.32 26.09
CA LEU A 65 -3.16 15.52 26.83
C LEU A 65 -4.15 15.11 27.91
N SER A 66 -3.82 15.40 29.17
CA SER A 66 -4.64 15.00 30.31
C SER A 66 -4.95 16.17 31.23
N HIS A 67 -6.20 16.24 31.69
CA HIS A 67 -6.61 17.23 32.68
C HIS A 67 -6.23 16.72 34.06
N GLN A 68 -5.39 17.48 34.76
CA GLN A 68 -4.75 17.03 36.00
C GLN A 68 -5.70 17.09 37.19
N SER A 69 -5.36 16.36 38.25
CA SER A 69 -6.12 16.37 39.50
C SER A 69 -5.99 17.71 40.23
N ASP A 70 -4.84 18.36 40.09
CA ASP A 70 -4.59 19.67 40.74
C ASP A 70 -5.28 20.83 40.01
N GLY A 71 -5.72 20.60 38.77
CA GLY A 71 -6.43 21.62 38.00
C GLY A 71 -5.73 22.03 36.71
N THR A 72 -4.42 21.80 36.65
CA THR A 72 -3.62 22.18 35.48
C THR A 72 -3.83 21.23 34.30
N PHE A 73 -3.24 21.57 33.16
CA PHE A 73 -3.23 20.72 31.97
C PHE A 73 -1.80 20.29 31.66
N ARG A 74 -1.59 18.99 31.52
CA ARG A 74 -0.28 18.44 31.22
C ARG A 74 -0.32 17.52 30.01
N ALA A 75 0.80 17.43 29.30
CA ALA A 75 0.93 16.56 28.14
C ALA A 75 2.30 15.88 28.12
N PHE A 76 2.34 14.68 27.56
CA PHE A 76 3.59 13.91 27.44
C PHE A 76 3.52 12.96 26.25
N ILE A 77 4.69 12.50 25.81
CA ILE A 77 4.79 11.61 24.65
C ILE A 77 4.18 10.25 24.96
N ASN A 78 3.27 9.80 24.09
CA ASN A 78 2.57 8.52 24.28
C ASN A 78 3.47 7.34 23.93
N SER A 79 4.48 7.12 24.76
CA SER A 79 5.46 6.05 24.54
C SER A 79 6.06 5.62 25.87
N CYS A 80 6.02 4.32 26.15
CA CYS A 80 6.52 3.77 27.41
C CYS A 80 8.04 3.86 27.49
N SER A 81 8.53 4.15 28.70
CA SER A 81 9.97 4.27 28.94
C SER A 81 10.69 2.92 29.02
N HIS A 82 9.92 1.83 29.12
CA HIS A 82 10.51 0.48 29.19
C HIS A 82 11.02 0.01 27.83
N ARG A 83 10.11 -0.33 26.92
CA ARG A 83 10.49 -0.82 25.58
C ARG A 83 9.97 0.06 24.44
N GLY A 84 9.42 1.22 24.77
CA GLY A 84 8.92 2.16 23.75
C GLY A 84 7.47 1.95 23.32
N ASN A 85 6.81 0.95 23.89
CA ASN A 85 5.43 0.62 23.50
C ASN A 85 4.46 1.76 23.80
N GLN A 86 3.41 1.87 22.98
CA GLN A 86 2.40 2.90 23.17
C GLN A 86 1.62 2.64 24.46
N ILE A 87 1.46 3.70 25.27
CA ILE A 87 0.87 3.56 26.60
C ILE A 87 -0.66 3.48 26.52
N CYS A 88 -1.27 4.43 25.82
CA CYS A 88 -2.73 4.48 25.70
C CYS A 88 -3.15 4.55 24.23
N HIS A 89 -4.14 3.74 23.87
CA HIS A 89 -4.66 3.67 22.50
C HIS A 89 -6.04 4.32 22.35
N ALA A 90 -6.72 4.57 23.47
CA ALA A 90 -8.07 5.15 23.44
C ALA A 90 -8.03 6.61 23.01
N ASP A 91 -9.03 7.02 22.23
CA ASP A 91 -9.11 8.41 21.75
C ASP A 91 -9.40 9.39 22.87
N SER A 92 -10.25 8.99 23.81
CA SER A 92 -10.58 9.81 24.97
C SER A 92 -11.17 8.97 26.10
N GLY A 93 -11.28 9.58 27.28
CA GLY A 93 -11.82 8.91 28.47
C GLY A 93 -11.33 9.57 29.75
N ASN A 94 -11.62 8.92 30.88
CA ASN A 94 -11.17 9.39 32.19
C ASN A 94 -10.28 8.34 32.85
N ALA A 95 -9.08 8.74 33.26
CA ALA A 95 -8.12 7.82 33.86
C ALA A 95 -7.17 8.54 34.83
N LYS A 96 -7.05 8.00 36.03
CA LYS A 96 -6.14 8.53 37.04
C LYS A 96 -4.70 8.03 36.82
N ALA A 97 -4.57 6.95 36.04
CA ALA A 97 -3.26 6.39 35.70
C ALA A 97 -3.35 5.57 34.42
N PHE A 98 -2.27 5.60 33.62
CA PHE A 98 -2.22 4.90 32.34
C PHE A 98 -1.33 3.66 32.44
N VAL A 99 -1.87 2.51 32.04
CA VAL A 99 -1.14 1.24 32.10
C VAL A 99 -0.73 0.79 30.71
N CYS A 100 0.53 0.39 30.57
CA CYS A 100 1.05 -0.13 29.31
C CYS A 100 0.60 -1.57 29.10
N ASN A 101 0.27 -1.92 27.85
CA ASN A 101 -0.28 -3.24 27.54
C ASN A 101 0.75 -4.35 27.45
N TYR A 102 2.03 -3.99 27.34
CA TYR A 102 3.10 -4.98 27.19
C TYR A 102 3.38 -5.70 28.51
N HIS A 103 3.90 -4.97 29.49
CA HIS A 103 4.29 -5.55 30.78
C HIS A 103 3.48 -5.04 31.96
N GLY A 104 2.93 -3.83 31.86
CA GLY A 104 2.05 -3.27 32.89
C GLY A 104 2.59 -2.09 33.67
N TRP A 105 3.57 -1.38 33.10
CA TRP A 105 4.13 -0.18 33.74
C TRP A 105 3.07 0.91 33.88
N VAL A 106 2.72 1.24 35.13
CA VAL A 106 1.70 2.23 35.40
C VAL A 106 2.30 3.64 35.36
N PHE A 107 1.74 4.50 34.51
CA PHE A 107 2.19 5.88 34.38
C PHE A 107 1.18 6.84 35.00
N GLY A 108 1.68 7.93 35.57
CA GLY A 108 0.85 8.91 36.24
C GLY A 108 0.09 9.80 35.27
N GLN A 109 -0.50 10.86 35.82
CA GLN A 109 -1.34 11.77 35.04
C GLN A 109 -0.48 12.80 34.27
N ASP A 110 0.77 12.96 34.70
CA ASP A 110 1.73 13.83 34.00
C ASP A 110 2.82 13.03 33.27
N GLY A 111 2.61 11.73 33.14
CA GLY A 111 3.57 10.84 32.47
C GLY A 111 4.69 10.33 33.36
N SER A 112 4.56 10.54 34.67
CA SER A 112 5.56 10.07 35.63
C SER A 112 5.35 8.58 35.91
N LEU A 113 6.44 7.82 35.96
CA LEU A 113 6.39 6.39 36.24
C LEU A 113 6.04 6.16 37.71
N VAL A 114 4.76 5.92 37.98
CA VAL A 114 4.25 5.80 39.36
C VAL A 114 4.47 4.42 39.97
N ASP A 115 4.35 3.37 39.17
CA ASP A 115 4.46 2.00 39.67
C ASP A 115 4.78 1.00 38.54
N VAL A 116 5.47 -0.08 38.91
CA VAL A 116 5.78 -1.17 37.98
C VAL A 116 5.53 -2.53 38.67
N PRO A 117 4.88 -3.48 37.96
CA PRO A 117 4.66 -4.82 38.50
C PRO A 117 5.94 -5.53 38.93
N LEU A 118 5.88 -6.22 40.07
CA LEU A 118 7.01 -6.99 40.60
C LEU A 118 8.25 -6.11 40.80
N GLU A 119 8.08 -4.98 41.48
CA GLU A 119 9.16 -4.04 41.73
C GLU A 119 10.12 -4.55 42.80
N SER A 120 9.57 -5.12 43.86
CA SER A 120 10.37 -5.68 44.95
C SER A 120 10.93 -7.06 44.60
N ARG A 121 10.17 -7.83 43.81
CA ARG A 121 10.56 -9.19 43.45
C ARG A 121 11.67 -9.22 42.39
N CYS A 122 11.37 -8.68 41.21
CA CYS A 122 12.25 -8.79 40.05
C CYS A 122 13.25 -7.63 39.96
N TYR A 123 12.77 -6.41 40.16
CA TYR A 123 13.63 -5.21 40.08
C TYR A 123 14.41 -4.96 41.38
N HIS A 124 13.95 -5.55 42.49
CA HIS A 124 14.57 -5.36 43.81
C HIS A 124 14.61 -3.90 44.25
N ASN A 125 13.60 -3.13 43.84
CA ASN A 125 13.51 -1.70 44.13
C ASN A 125 14.74 -0.90 43.68
N SER A 126 15.41 -1.36 42.62
CA SER A 126 16.60 -0.70 42.11
C SER A 126 16.30 0.16 40.88
N LEU A 127 15.03 0.18 40.47
CA LEU A 127 14.61 0.93 39.29
C LEU A 127 14.38 2.40 39.66
N ASP A 128 15.19 3.28 39.08
CA ASP A 128 15.04 4.72 39.28
C ASP A 128 13.87 5.23 38.43
N LYS A 129 12.68 5.25 39.04
CA LYS A 129 11.45 5.59 38.32
C LYS A 129 11.36 7.07 37.92
N GLN A 130 12.06 7.94 38.66
CA GLN A 130 12.06 9.37 38.36
C GLN A 130 12.76 9.70 37.03
N LYS A 131 13.78 8.91 36.69
CA LYS A 131 14.50 9.07 35.42
C LYS A 131 13.78 8.40 34.24
N LEU A 132 12.80 7.54 34.54
CA LEU A 132 12.06 6.81 33.51
C LEU A 132 10.65 7.38 33.29
N ALA A 133 10.53 8.70 33.39
CA ALA A 133 9.26 9.38 33.13
C ALA A 133 9.07 9.58 31.62
N ALA A 134 7.82 9.60 31.18
CA ALA A 134 7.50 9.85 29.78
C ALA A 134 7.86 11.29 29.43
N LYS A 135 8.44 11.48 28.23
CA LYS A 135 8.91 12.80 27.79
C LYS A 135 7.77 13.82 27.86
N SER A 136 7.82 14.68 28.87
CA SER A 136 6.79 15.69 29.09
C SER A 136 6.86 16.79 28.04
N VAL A 137 5.72 17.41 27.77
CA VAL A 137 5.61 18.48 26.79
C VAL A 137 5.06 19.74 27.46
N ARG A 138 5.64 20.89 27.12
CA ARG A 138 5.17 22.17 27.64
C ARG A 138 3.75 22.46 27.17
N VAL A 139 2.84 22.69 28.12
CA VAL A 139 1.44 22.96 27.82
C VAL A 139 1.04 24.33 28.35
N GLU A 140 0.44 25.15 27.48
CA GLU A 140 -0.08 26.45 27.87
C GLU A 140 -1.43 26.71 27.19
N THR A 141 -2.33 27.35 27.93
CA THR A 141 -3.69 27.61 27.45
C THR A 141 -3.89 29.07 27.08
N TYR A 142 -4.68 29.32 26.04
CA TYR A 142 -5.08 30.66 25.64
C TYR A 142 -6.56 30.68 25.30
N LYS A 143 -7.36 31.27 26.20
CA LYS A 143 -8.82 31.32 26.06
C LYS A 143 -9.41 29.91 25.94
N GLY A 144 -8.87 28.96 26.71
CA GLY A 144 -9.33 27.57 26.68
C GLY A 144 -8.57 26.67 25.71
N PHE A 145 -8.04 27.26 24.63
CA PHE A 145 -7.34 26.49 23.60
C PHE A 145 -5.97 26.03 24.08
N ILE A 146 -5.79 24.71 24.18
CA ILE A 146 -4.57 24.12 24.71
C ILE A 146 -3.54 23.88 23.61
N PHE A 147 -2.37 24.48 23.76
CA PHE A 147 -1.26 24.31 22.82
C PHE A 147 -0.16 23.44 23.44
N GLY A 148 0.78 23.02 22.60
CA GLY A 148 1.90 22.16 23.04
C GLY A 148 3.20 22.54 22.35
N CYS A 149 4.31 22.45 23.09
CA CYS A 149 5.64 22.82 22.57
C CYS A 149 6.73 21.91 23.10
N HIS A 150 7.72 21.62 22.25
CA HIS A 150 8.83 20.73 22.59
C HIS A 150 10.10 21.48 23.00
N ASP A 151 10.20 22.77 22.65
CA ASP A 151 11.40 23.56 22.89
C ASP A 151 11.28 24.39 24.18
N PRO A 152 12.17 24.13 25.16
CA PRO A 152 12.21 24.96 26.37
C PRO A 152 12.62 26.41 26.12
N GLU A 153 13.47 26.64 25.11
CA GLU A 153 13.98 27.97 24.80
C GLU A 153 12.98 28.86 24.06
N ALA A 154 11.82 28.28 23.70
CA ALA A 154 10.77 29.02 23.01
C ALA A 154 10.12 30.08 23.92
N PRO A 155 9.43 31.06 23.32
CA PRO A 155 8.71 32.06 24.11
C PRO A 155 7.43 31.48 24.70
N SER A 156 6.64 32.33 25.36
CA SER A 156 5.34 31.93 25.89
C SER A 156 4.32 31.84 24.76
N LEU A 157 3.21 31.15 25.02
CA LEU A 157 2.10 31.05 24.06
C LEU A 157 1.48 32.42 23.82
N GLU A 158 1.53 33.28 24.84
CA GLU A 158 1.07 34.67 24.71
C GLU A 158 1.93 35.40 23.67
N ASP A 159 3.24 35.35 23.85
CA ASP A 159 4.18 36.02 22.94
C ASP A 159 4.17 35.40 21.55
N TYR A 160 4.01 34.08 21.48
CA TYR A 160 3.97 33.36 20.20
C TYR A 160 2.81 33.82 19.33
N LEU A 161 1.64 33.98 19.94
CA LEU A 161 0.49 34.60 19.26
C LEU A 161 0.78 36.09 19.08
N GLY A 162 1.16 36.75 20.17
CA GLY A 162 1.61 38.14 20.15
C GLY A 162 0.56 39.13 19.72
N GLU A 163 0.80 39.81 18.60
CA GLU A 163 -0.15 40.79 18.07
C GLU A 163 -1.40 40.14 17.46
N PHE A 164 -1.34 38.83 17.23
CA PHE A 164 -2.50 38.07 16.74
C PHE A 164 -3.59 37.92 17.81
N ARG A 165 -3.21 38.11 19.08
CA ARG A 165 -4.18 38.09 20.20
C ARG A 165 -5.24 39.18 20.06
N TYR A 166 -4.87 40.30 19.43
CA TYR A 166 -5.80 41.38 19.13
C TYR A 166 -7.03 40.86 18.38
N TYR A 167 -6.78 40.02 17.38
CA TYR A 167 -7.86 39.48 16.53
C TYR A 167 -8.60 38.35 17.23
N LEU A 168 -7.84 37.39 17.78
CA LEU A 168 -8.42 36.23 18.46
C LEU A 168 -9.38 36.63 19.58
N ASP A 169 -9.02 37.66 20.34
CA ASP A 169 -9.87 38.19 21.41
C ASP A 169 -11.28 38.56 20.93
N THR A 170 -11.38 39.03 19.69
CA THR A 170 -12.67 39.41 19.11
C THR A 170 -13.69 38.27 19.14
N ILE A 171 -13.25 37.06 18.87
CA ILE A 171 -14.13 35.89 18.81
C ILE A 171 -13.93 34.91 19.96
N TRP A 172 -12.66 34.68 20.36
CA TRP A 172 -12.34 33.72 21.42
C TRP A 172 -12.66 34.25 22.82
N GLU A 173 -12.93 35.55 22.94
CA GLU A 173 -13.51 36.12 24.16
C GLU A 173 -14.93 36.60 23.86
N GLY A 174 -15.06 37.46 22.85
CA GLY A 174 -16.37 37.92 22.38
C GLY A 174 -17.10 38.79 23.40
N ALA A 175 -18.28 38.34 23.80
CA ALA A 175 -19.09 39.05 24.79
C ALA A 175 -18.97 38.42 26.18
N GLY A 176 -17.76 37.96 26.51
CA GLY A 176 -17.50 37.32 27.80
C GLY A 176 -17.52 35.81 27.77
N GLY A 177 -18.30 35.24 26.86
CA GLY A 177 -18.45 33.79 26.76
C GLY A 177 -17.23 33.08 26.23
N GLY A 178 -16.79 33.48 25.03
CA GLY A 178 -15.68 32.81 24.35
C GLY A 178 -16.16 31.61 23.55
N MET A 179 -15.22 30.84 23.01
CA MET A 179 -15.56 29.68 22.18
C MET A 179 -14.89 28.39 22.67
N GLU A 180 -15.43 27.26 22.21
CA GLU A 180 -14.95 25.94 22.61
C GLU A 180 -15.14 24.92 21.48
N LEU A 181 -14.34 23.85 21.50
CA LEU A 181 -14.40 22.81 20.49
C LEU A 181 -15.36 21.69 20.89
N LEU A 182 -16.01 21.08 19.91
CA LEU A 182 -16.91 19.95 20.12
C LEU A 182 -16.36 18.70 19.45
N GLY A 183 -16.39 17.58 20.16
CA GLY A 183 -15.89 16.30 19.65
C GLY A 183 -16.96 15.22 19.66
N PRO A 184 -16.59 13.99 19.22
CA PRO A 184 -15.27 13.60 18.73
C PRO A 184 -15.00 14.13 17.32
N PRO A 185 -13.72 14.28 16.95
CA PRO A 185 -13.36 14.84 15.64
C PRO A 185 -13.54 13.85 14.49
N MET A 186 -13.46 14.36 13.26
CA MET A 186 -13.49 13.52 12.07
C MET A 186 -12.07 13.34 11.55
N LYS A 187 -11.51 12.15 11.78
CA LYS A 187 -10.15 11.83 11.34
C LYS A 187 -10.17 11.23 9.94
N SER A 188 -9.26 11.70 9.08
CA SER A 188 -9.18 11.22 7.71
C SER A 188 -7.82 11.55 7.09
N LEU A 189 -7.27 10.61 6.31
CA LEU A 189 -5.99 10.80 5.65
C LEU A 189 -6.17 11.45 4.29
N LEU A 190 -5.38 12.49 4.03
CA LEU A 190 -5.38 13.19 2.74
C LEU A 190 -3.95 13.21 2.21
N GLN A 191 -3.74 12.59 1.04
CA GLN A 191 -2.40 12.47 0.45
C GLN A 191 -1.93 13.80 -0.15
N CYS A 192 -1.47 14.69 0.73
CA CYS A 192 -0.94 16.00 0.33
C CYS A 192 0.01 16.54 1.39
N ASN A 193 0.75 17.59 1.03
CA ASN A 193 1.61 18.27 1.99
C ASN A 193 0.76 19.10 2.96
N TRP A 194 1.26 19.28 4.18
CA TRP A 194 0.53 19.99 5.23
C TRP A 194 0.37 21.50 4.98
N LYS A 195 1.20 22.06 4.10
CA LYS A 195 1.16 23.49 3.80
C LYS A 195 0.09 23.88 2.78
N VAL A 196 -0.38 22.93 1.97
CA VAL A 196 -1.36 23.22 0.93
C VAL A 196 -2.75 23.54 1.50
N PRO A 197 -3.24 22.73 2.47
CA PRO A 197 -4.43 23.16 3.23
C PRO A 197 -4.17 24.34 4.15
N ALA A 198 -2.93 24.45 4.64
CA ALA A 198 -2.56 25.55 5.54
C ALA A 198 -2.64 26.90 4.83
N GLU A 199 -2.05 26.98 3.64
CA GLU A 199 -2.09 28.21 2.82
C GLU A 199 -3.50 28.48 2.28
N ASN A 200 -4.25 27.41 2.02
CA ASN A 200 -5.62 27.53 1.54
C ASN A 200 -6.51 28.20 2.57
N PHE A 201 -6.53 27.66 3.78
CA PHE A 201 -7.38 28.17 4.86
C PHE A 201 -6.88 29.47 5.50
N ILE A 202 -5.70 29.95 5.11
CA ILE A 202 -5.16 31.19 5.66
C ILE A 202 -5.61 32.44 4.87
N GLY A 203 -5.83 32.29 3.57
CA GLY A 203 -6.25 33.43 2.76
C GLY A 203 -6.58 33.11 1.29
N ASP A 204 -7.28 32.01 1.06
CA ASP A 204 -7.66 31.62 -0.30
C ASP A 204 -9.15 31.84 -0.54
N GLY A 205 -9.54 33.11 -0.53
CA GLY A 205 -10.89 33.51 -0.97
C GLY A 205 -11.00 33.49 -2.49
N TYR A 206 -9.85 33.39 -3.16
CA TYR A 206 -9.75 33.37 -4.61
C TYR A 206 -10.30 32.07 -5.23
N HIS A 207 -10.18 30.97 -4.49
CA HIS A 207 -10.67 29.66 -4.97
C HIS A 207 -12.14 29.41 -4.62
N VAL A 208 -12.68 30.20 -3.70
CA VAL A 208 -14.05 30.00 -3.20
C VAL A 208 -15.09 30.12 -4.31
N GLY A 209 -14.91 31.10 -5.18
CA GLY A 209 -15.83 31.32 -6.30
C GLY A 209 -15.74 30.25 -7.38
N TRP A 210 -14.53 29.77 -7.65
CA TRP A 210 -14.29 28.79 -8.71
C TRP A 210 -14.56 27.35 -8.22
N THR A 211 -13.85 26.95 -7.17
CA THR A 211 -13.92 25.58 -6.67
C THR A 211 -15.29 25.25 -6.08
N HIS A 212 -15.80 26.14 -5.22
CA HIS A 212 -17.09 25.93 -4.56
C HIS A 212 -18.19 26.74 -5.23
N ALA A 213 -18.24 26.71 -6.57
CA ALA A 213 -19.28 27.40 -7.32
C ALA A 213 -20.60 26.64 -7.27
N ALA A 214 -20.52 25.32 -7.06
CA ALA A 214 -21.71 24.46 -7.01
C ALA A 214 -22.52 24.69 -5.73
N ALA A 215 -21.83 24.62 -4.58
CA ALA A 215 -22.48 24.72 -3.28
C ALA A 215 -23.00 26.14 -2.98
N LEU A 216 -22.22 27.14 -3.36
CA LEU A 216 -22.58 28.55 -3.10
C LEU A 216 -23.82 28.99 -3.87
N SER A 217 -24.02 28.44 -5.07
CA SER A 217 -25.16 28.80 -5.92
C SER A 217 -26.49 28.29 -5.36
N GLN A 218 -26.48 27.07 -4.81
CA GLN A 218 -27.68 26.46 -4.26
C GLN A 218 -28.08 27.08 -2.91
N ILE A 219 -27.10 27.30 -2.05
CA ILE A 219 -27.34 27.87 -0.72
C ILE A 219 -27.91 29.28 -0.81
N GLY A 220 -27.37 30.10 -1.72
CA GLY A 220 -27.84 31.46 -1.92
C GLY A 220 -27.35 32.40 -0.83
N GLY A 221 -28.20 33.38 -0.49
CA GLY A 221 -27.88 34.32 0.57
C GLY A 221 -26.88 35.39 0.14
N GLU A 222 -25.81 35.54 0.92
CA GLU A 222 -24.81 36.57 0.68
C GLU A 222 -23.66 36.06 -0.20
N LEU A 223 -23.23 34.82 0.06
CA LEU A 223 -22.05 34.26 -0.59
C LEU A 223 -22.32 33.65 -1.97
N ALA A 224 -23.56 33.74 -2.45
CA ALA A 224 -23.93 33.22 -3.77
C ALA A 224 -23.31 34.03 -4.91
N GLY A 225 -23.06 35.31 -4.67
CA GLY A 225 -22.46 36.20 -5.67
C GLY A 225 -21.02 35.89 -6.02
N LEU A 226 -20.32 35.19 -5.12
CA LEU A 226 -18.92 34.81 -5.33
C LEU A 226 -18.76 33.76 -6.44
N ALA A 227 -19.78 32.92 -6.63
CA ALA A 227 -19.72 31.82 -7.58
C ALA A 227 -19.48 32.30 -9.02
N GLY A 228 -18.48 31.71 -9.68
CA GLY A 228 -18.16 32.03 -11.07
C GLY A 228 -17.07 33.07 -11.25
N ASN A 229 -16.58 33.64 -10.15
CA ASN A 229 -15.57 34.69 -10.17
C ASN A 229 -15.94 35.86 -11.10
N ARG A 230 -17.05 36.52 -10.78
CA ARG A 230 -17.49 37.69 -11.54
C ARG A 230 -16.65 38.91 -11.15
N ALA A 231 -16.31 39.73 -12.13
CA ALA A 231 -15.46 40.91 -11.92
C ALA A 231 -16.27 42.15 -11.51
N ASP A 232 -17.59 42.07 -11.58
CA ASP A 232 -18.45 43.22 -11.29
C ASP A 232 -18.48 43.59 -9.80
N ILE A 233 -18.51 42.58 -8.93
CA ILE A 233 -18.59 42.81 -7.49
C ILE A 233 -17.23 43.25 -6.92
N PRO A 234 -17.22 44.36 -6.14
CA PRO A 234 -15.98 44.85 -5.54
C PRO A 234 -15.59 44.06 -4.29
N PHE A 235 -14.48 43.33 -4.36
CA PHE A 235 -14.01 42.50 -3.26
C PHE A 235 -13.21 43.28 -2.21
N ASP A 236 -12.66 44.43 -2.61
CA ASP A 236 -11.90 45.29 -1.70
C ASP A 236 -12.82 45.88 -0.62
N ASP A 237 -14.01 46.30 -1.02
CA ASP A 237 -15.00 46.85 -0.08
C ASP A 237 -15.71 45.76 0.71
N LEU A 238 -15.81 44.56 0.13
CA LEU A 238 -16.55 43.46 0.74
C LEU A 238 -15.76 42.68 1.81
N GLY A 239 -14.44 42.86 1.85
CA GLY A 239 -13.60 42.13 2.80
C GLY A 239 -12.20 42.67 2.99
N LEU A 240 -11.47 42.04 3.92
CA LEU A 240 -10.07 42.40 4.20
C LEU A 240 -9.27 41.14 4.51
N GLN A 241 -7.94 41.30 4.61
CA GLN A 241 -7.04 40.19 4.93
C GLN A 241 -5.96 40.65 5.91
N PHE A 242 -5.44 39.71 6.70
CA PHE A 242 -4.48 40.03 7.75
C PHE A 242 -3.34 39.03 7.83
N THR A 243 -2.21 39.49 8.39
CA THR A 243 -1.07 38.63 8.68
C THR A 243 -0.21 39.27 9.78
N THR A 244 0.38 38.44 10.62
CA THR A 244 1.10 38.89 11.81
C THR A 244 2.58 38.53 11.77
N ARG A 245 3.29 38.89 12.84
CA ARG A 245 4.72 38.63 12.98
C ARG A 245 5.04 37.13 12.94
N HIS A 246 4.31 36.33 13.73
CA HIS A 246 4.60 34.90 13.86
C HIS A 246 3.81 34.02 12.88
N GLY A 247 3.55 34.53 11.68
CA GLY A 247 2.93 33.73 10.62
C GLY A 247 1.45 33.46 10.76
N HIS A 248 0.78 34.10 11.72
CA HIS A 248 -0.66 33.94 11.90
C HIS A 248 -1.37 34.96 11.02
N GLY A 249 -2.42 34.52 10.33
CA GLY A 249 -3.18 35.41 9.43
C GLY A 249 -4.54 34.85 9.04
N PHE A 250 -5.41 35.72 8.53
CA PHE A 250 -6.75 35.33 8.12
C PHE A 250 -7.39 36.33 7.18
N GLY A 251 -8.27 35.84 6.30
CA GLY A 251 -9.12 36.68 5.48
C GLY A 251 -10.47 36.85 6.15
N VAL A 252 -11.18 37.93 5.81
CA VAL A 252 -12.49 38.20 6.41
C VAL A 252 -13.49 38.75 5.40
N ILE A 253 -14.67 38.13 5.35
CA ILE A 253 -15.77 38.58 4.49
C ILE A 253 -16.82 39.26 5.37
N ASP A 254 -17.17 40.50 5.02
CA ASP A 254 -18.06 41.31 5.86
C ASP A 254 -19.51 40.86 5.81
N ASN A 255 -20.16 40.85 6.97
CA ASN A 255 -21.58 40.53 7.10
C ASN A 255 -21.97 39.17 6.52
N ALA A 256 -21.10 38.17 6.72
CA ALA A 256 -21.33 36.81 6.21
C ALA A 256 -21.06 35.74 7.25
N ALA A 257 -21.19 36.09 8.54
CA ALA A 257 -20.94 35.16 9.63
C ALA A 257 -21.79 33.90 9.47
N ALA A 258 -23.10 34.10 9.34
CA ALA A 258 -24.02 32.99 9.06
C ALA A 258 -24.23 32.86 7.56
N GLY A 259 -23.12 32.67 6.83
CA GLY A 259 -23.15 32.64 5.37
C GLY A 259 -23.68 31.34 4.81
N LEU A 260 -22.91 30.27 5.01
CA LEU A 260 -23.25 28.95 4.47
C LEU A 260 -24.40 28.26 5.22
N HIS A 261 -24.64 28.68 6.46
CA HIS A 261 -25.74 28.13 7.25
C HIS A 261 -27.10 28.53 6.68
N ILE A 262 -27.91 27.53 6.33
CA ILE A 262 -29.32 27.75 5.98
C ILE A 262 -30.12 27.80 7.27
N LYS A 263 -29.93 26.78 8.12
CA LYS A 263 -30.49 26.78 9.47
C LYS A 263 -29.54 27.53 10.39
N ARG A 264 -29.78 28.84 10.53
CA ARG A 264 -28.88 29.74 11.25
C ARG A 264 -29.59 30.59 12.31
N GLU A 265 -30.83 30.25 12.64
CA GLU A 265 -31.65 31.08 13.52
C GLU A 265 -30.97 31.30 14.88
N GLY A 266 -30.54 30.22 15.52
CA GLY A 266 -29.86 30.31 16.81
C GLY A 266 -28.50 30.98 16.72
N TRP A 267 -27.77 30.68 15.65
CA TRP A 267 -26.43 31.25 15.43
C TRP A 267 -26.48 32.73 15.02
N THR A 268 -27.49 33.09 14.21
CA THR A 268 -27.67 34.48 13.79
C THR A 268 -28.16 35.36 14.93
N LYS A 269 -29.14 34.86 15.69
CA LYS A 269 -29.66 35.57 16.86
C LYS A 269 -28.58 35.76 17.95
N PHE A 270 -27.68 34.80 18.06
CA PHE A 270 -26.57 34.89 19.02
C PHE A 270 -25.66 36.07 18.69
N LEU A 271 -25.34 36.26 17.41
CA LEU A 271 -24.49 37.36 16.96
C LEU A 271 -25.16 38.71 17.15
N GLU A 272 -26.45 38.79 16.80
CA GLU A 272 -27.21 40.04 16.93
C GLU A 272 -27.41 40.46 18.39
N ASP A 273 -27.46 39.48 19.30
CA ASP A 273 -27.57 39.76 20.73
C ASP A 273 -26.22 40.14 21.34
N THR A 274 -25.14 39.58 20.82
CA THR A 274 -23.80 39.77 21.40
C THR A 274 -22.96 40.85 20.70
N ARG A 275 -23.38 41.30 19.52
CA ARG A 275 -22.64 42.33 18.78
C ARG A 275 -22.55 43.67 19.52
N GLY A 276 -23.58 43.98 20.31
CA GLY A 276 -23.60 45.20 21.13
C GLY A 276 -22.53 45.20 22.21
N GLU A 277 -22.31 44.03 22.81
CA GLU A 277 -21.28 43.86 23.83
C GLU A 277 -19.88 43.88 23.22
N VAL A 278 -19.74 43.29 22.03
CA VAL A 278 -18.46 43.24 21.32
C VAL A 278 -18.03 44.63 20.83
N ARG A 279 -19.01 45.45 20.42
CA ARG A 279 -18.75 46.82 20.00
C ARG A 279 -18.23 47.68 21.16
N ARG A 280 -18.73 47.40 22.37
CA ARG A 280 -18.30 48.12 23.57
C ARG A 280 -16.90 47.66 24.01
N LYS A 281 -16.70 46.35 24.09
CA LYS A 281 -15.43 45.78 24.54
C LYS A 281 -14.28 46.09 23.59
N PHE A 282 -14.38 45.60 22.36
CA PHE A 282 -13.29 45.65 21.39
C PHE A 282 -13.46 46.72 20.30
N GLY A 283 -14.45 47.59 20.45
CA GLY A 283 -14.67 48.68 19.49
C GLY A 283 -15.41 48.25 18.25
N PRO A 284 -15.75 49.22 17.38
CA PRO A 284 -16.46 48.94 16.13
C PRO A 284 -15.57 48.35 15.03
N GLU A 285 -14.26 48.49 15.18
CA GLU A 285 -13.30 47.95 14.21
C GLU A 285 -13.24 46.43 14.26
N ARG A 286 -13.32 45.88 15.48
CA ARG A 286 -13.30 44.44 15.67
C ARG A 286 -14.71 43.83 15.66
N GLU A 287 -15.74 44.65 15.86
CA GLU A 287 -17.12 44.21 15.70
C GLU A 287 -17.39 43.88 14.22
N ARG A 288 -16.79 44.66 13.33
CA ARG A 288 -16.82 44.40 11.89
C ARG A 288 -16.37 42.97 11.59
N LEU A 289 -15.30 42.54 12.26
CA LEU A 289 -14.79 41.17 12.13
C LEU A 289 -15.75 40.17 12.79
N TYR A 290 -16.26 40.52 13.96
CA TYR A 290 -17.17 39.65 14.72
C TYR A 290 -18.42 39.25 13.93
N LEU A 291 -18.89 40.12 13.05
CA LEU A 291 -20.05 39.85 12.20
C LEU A 291 -19.68 39.21 10.85
N GLY A 292 -18.37 39.11 10.58
CA GLY A 292 -17.88 38.59 9.30
C GLY A 292 -17.39 37.16 9.35
N HIS A 293 -17.24 36.55 8.18
CA HIS A 293 -16.75 35.17 8.07
C HIS A 293 -15.23 35.16 7.94
N TRP A 294 -14.57 34.37 8.80
CA TRP A 294 -13.11 34.27 8.80
C TRP A 294 -12.63 33.05 8.03
N ASN A 295 -11.39 33.12 7.56
CA ASN A 295 -10.66 31.95 7.10
C ASN A 295 -9.24 32.04 7.67
N CYS A 296 -9.05 31.44 8.84
CA CYS A 296 -7.81 31.58 9.61
C CYS A 296 -6.95 30.33 9.57
N SER A 297 -5.65 30.53 9.66
CA SER A 297 -4.73 29.49 10.01
C SER A 297 -3.80 30.03 11.07
N ILE A 298 -3.74 29.33 12.20
CA ILE A 298 -2.69 29.57 13.16
C ILE A 298 -1.47 28.73 12.83
N PHE A 299 -0.33 29.39 12.66
CA PHE A 299 0.90 28.73 12.31
C PHE A 299 1.31 27.71 13.35
N PRO A 300 1.57 26.49 12.90
CA PRO A 300 1.70 26.20 11.47
C PRO A 300 0.51 25.43 10.93
N ASN A 301 -0.10 24.58 11.75
CA ASN A 301 -0.97 23.54 11.26
C ASN A 301 -2.36 23.48 11.86
N CYS A 302 -2.84 24.59 12.39
CA CYS A 302 -4.23 24.68 12.82
C CYS A 302 -4.98 25.68 11.97
N SER A 303 -6.15 25.28 11.49
CA SER A 303 -7.00 26.15 10.73
C SER A 303 -8.42 26.16 11.28
N PHE A 304 -9.15 27.22 11.03
CA PHE A 304 -10.59 27.25 11.30
C PHE A 304 -11.31 28.32 10.51
N LEU A 305 -12.62 28.13 10.33
CA LEU A 305 -13.48 29.10 9.67
C LEU A 305 -14.53 29.60 10.65
N TYR A 306 -14.33 30.80 11.18
CA TYR A 306 -15.34 31.43 12.05
C TYR A 306 -16.54 31.82 11.19
N GLY A 307 -17.73 31.47 11.67
CA GLY A 307 -18.97 31.65 10.91
C GLY A 307 -19.49 30.31 10.44
N THR A 308 -18.72 29.65 9.58
CA THR A 308 -18.99 28.27 9.19
C THR A 308 -18.72 27.33 10.37
N ASN A 309 -17.83 27.76 11.26
CA ASN A 309 -17.56 27.09 12.53
C ASN A 309 -17.02 25.66 12.37
N THR A 310 -16.04 25.50 11.48
CA THR A 310 -15.26 24.27 11.36
C THR A 310 -13.85 24.54 11.89
N PHE A 311 -13.25 23.52 12.49
CA PHE A 311 -11.95 23.66 13.14
C PHE A 311 -11.07 22.47 12.81
N LYS A 312 -10.01 22.70 12.03
CA LYS A 312 -9.16 21.62 11.51
C LYS A 312 -7.72 21.71 11.98
N ILE A 313 -7.08 20.56 12.15
CA ILE A 313 -5.66 20.47 12.49
C ILE A 313 -5.00 19.46 11.54
N TRP A 314 -3.95 19.90 10.86
CA TRP A 314 -3.28 19.06 9.85
C TRP A 314 -2.05 18.41 10.46
N HIS A 315 -2.16 17.12 10.79
CA HIS A 315 -1.05 16.37 11.36
C HIS A 315 -0.20 15.77 10.23
N PRO A 316 1.03 16.28 10.04
CA PRO A 316 1.87 15.78 8.96
C PRO A 316 2.32 14.34 9.16
N ARG A 317 2.21 13.53 8.10
CA ARG A 317 2.68 12.15 8.10
C ARG A 317 3.62 11.96 6.91
N GLY A 318 4.76 12.63 6.97
CA GLY A 318 5.70 12.70 5.84
C GLY A 318 5.40 13.91 4.98
N PRO A 319 6.19 14.12 3.92
CA PRO A 319 6.02 15.27 3.04
C PRO A 319 4.81 15.18 2.10
N HIS A 320 4.29 13.97 1.87
CA HIS A 320 3.23 13.75 0.88
C HIS A 320 1.90 13.26 1.48
N GLU A 321 1.73 13.41 2.80
CA GLU A 321 0.51 12.93 3.45
C GLU A 321 0.27 13.60 4.81
N ILE A 322 -1.00 13.77 5.16
CA ILE A 322 -1.41 14.33 6.45
C ILE A 322 -2.66 13.64 6.98
N GLU A 323 -2.90 13.80 8.28
CA GLU A 323 -4.12 13.30 8.92
C GLU A 323 -4.95 14.50 9.42
N VAL A 324 -6.09 14.73 8.76
CA VAL A 324 -6.92 15.90 9.04
C VAL A 324 -7.93 15.61 10.16
N TRP A 325 -7.76 16.30 11.29
CA TRP A 325 -8.70 16.20 12.41
C TRP A 325 -9.64 17.39 12.37
N THR A 326 -10.93 17.13 12.22
CA THR A 326 -11.93 18.20 12.08
C THR A 326 -12.86 18.28 13.29
N TYR A 327 -12.65 19.31 14.11
CA TYR A 327 -13.54 19.63 15.24
C TYR A 327 -14.57 20.68 14.81
N THR A 328 -15.50 20.98 15.70
CA THR A 328 -16.49 22.05 15.48
C THR A 328 -16.38 23.09 16.58
N ILE A 329 -15.93 24.29 16.22
CA ILE A 329 -15.79 25.39 17.18
C ILE A 329 -17.13 26.08 17.36
N VAL A 330 -17.51 26.32 18.61
CA VAL A 330 -18.79 26.98 18.92
C VAL A 330 -18.67 27.87 20.17
N PRO A 331 -19.56 28.87 20.31
CA PRO A 331 -19.52 29.72 21.50
C PRO A 331 -19.96 28.97 22.77
N ARG A 332 -19.35 29.31 23.90
CA ARG A 332 -19.70 28.71 25.19
C ARG A 332 -21.12 29.08 25.62
N ASP A 333 -21.44 30.37 25.54
CA ASP A 333 -22.72 30.89 26.01
C ASP A 333 -23.90 30.57 25.07
N ALA A 334 -23.62 30.05 23.88
CA ALA A 334 -24.67 29.60 22.98
C ALA A 334 -25.45 28.44 23.57
N ASP A 335 -26.71 28.29 23.15
CA ASP A 335 -27.59 27.26 23.70
C ASP A 335 -27.18 25.86 23.22
N PRO A 336 -27.47 24.82 24.02
CA PRO A 336 -27.19 23.43 23.62
C PRO A 336 -27.78 23.06 22.25
N ALA A 337 -28.98 23.56 21.96
CA ALA A 337 -29.64 23.35 20.67
C ALA A 337 -28.91 24.08 19.54
N THR A 338 -28.42 25.28 19.84
CA THR A 338 -27.66 26.08 18.87
C THR A 338 -26.30 25.44 18.56
N LYS A 339 -25.64 24.92 19.61
CA LYS A 339 -24.38 24.20 19.45
C LYS A 339 -24.53 22.97 18.56
N SER A 340 -25.64 22.25 18.74
CA SER A 340 -25.94 21.08 17.92
C SER A 340 -26.29 21.46 16.47
N MET A 341 -26.92 22.62 16.30
CA MET A 341 -27.28 23.13 14.98
C MET A 341 -26.03 23.56 14.21
N ILE A 342 -25.13 24.27 14.88
CA ILE A 342 -23.86 24.70 14.28
C ILE A 342 -22.98 23.50 13.92
N GLN A 343 -23.04 22.45 14.75
CA GLN A 343 -22.28 21.22 14.51
C GLN A 343 -22.75 20.51 13.23
N ARG A 344 -24.06 20.35 13.09
CA ARG A 344 -24.63 19.70 11.90
C ARG A 344 -24.31 20.46 10.62
N GLU A 345 -24.44 21.79 10.66
CA GLU A 345 -24.18 22.64 9.51
C GLU A 345 -22.69 22.72 9.15
N ALA A 346 -21.84 22.68 10.17
CA ALA A 346 -20.39 22.72 9.97
C ALA A 346 -19.86 21.43 9.35
N ILE A 347 -20.38 20.30 9.80
CA ILE A 347 -19.98 18.98 9.28
C ILE A 347 -20.57 18.73 7.89
N ARG A 348 -21.80 19.19 7.66
CA ARG A 348 -22.44 19.06 6.35
C ARG A 348 -21.71 19.86 5.27
N THR A 349 -21.08 20.96 5.68
CA THR A 349 -20.33 21.82 4.76
C THR A 349 -18.85 21.44 4.70
N PHE A 350 -18.21 21.31 5.86
CA PHE A 350 -16.77 21.06 5.94
C PHE A 350 -16.42 19.83 6.79
N GLY A 351 -17.16 18.73 6.59
CA GLY A 351 -16.86 17.47 7.25
C GLY A 351 -16.11 16.54 6.30
N THR A 352 -16.09 15.25 6.63
CA THR A 352 -15.47 14.24 5.76
C THR A 352 -16.25 14.14 4.45
N ALA A 353 -17.58 14.13 4.56
CA ALA A 353 -18.46 14.17 3.40
C ALA A 353 -19.09 15.56 3.26
N GLY A 354 -18.27 16.60 3.39
CA GLY A 354 -18.75 17.98 3.32
C GLY A 354 -19.12 18.38 1.90
N THR A 355 -20.11 19.26 1.77
CA THR A 355 -20.55 19.76 0.47
C THR A 355 -19.49 20.66 -0.18
N LEU A 356 -18.67 21.30 0.65
CA LEU A 356 -17.54 22.10 0.17
C LEU A 356 -16.23 21.32 0.26
N GLU A 357 -15.95 20.74 1.41
CA GLU A 357 -14.69 20.02 1.66
C GLU A 357 -14.40 18.95 0.62
N SER A 358 -15.44 18.31 0.09
CA SER A 358 -15.28 17.28 -0.95
C SER A 358 -14.75 17.83 -2.28
N ASP A 359 -14.92 19.13 -2.51
CA ASP A 359 -14.41 19.78 -3.72
C ASP A 359 -12.89 20.02 -3.66
N ASP A 360 -12.38 20.30 -2.47
CA ASP A 360 -10.96 20.61 -2.27
C ASP A 360 -10.05 19.38 -2.31
N GLY A 361 -10.63 18.19 -2.18
CA GLY A 361 -9.87 16.94 -2.13
C GLY A 361 -8.74 16.84 -3.13
N GLU A 362 -9.06 17.02 -4.41
CA GLU A 362 -8.07 16.92 -5.48
C GLU A 362 -7.15 18.14 -5.53
N ASN A 363 -7.69 19.30 -5.19
CA ASN A 363 -6.91 20.55 -5.18
C ASN A 363 -5.70 20.50 -4.25
N MET A 364 -5.84 19.76 -3.15
CA MET A 364 -4.74 19.60 -2.18
C MET A 364 -3.75 18.54 -2.66
N SER A 365 -4.25 17.40 -3.12
CA SER A 365 -3.41 16.28 -3.52
CA SER A 365 -3.41 16.28 -3.52
C SER A 365 -2.68 16.55 -4.83
N SER A 366 -3.38 17.12 -5.81
CA SER A 366 -2.82 17.40 -7.13
C SER A 366 -1.60 18.34 -7.07
N ALA A 367 -1.68 19.35 -6.22
CA ALA A 367 -0.57 20.31 -6.06
C ALA A 367 0.70 19.66 -5.51
N THR A 368 0.52 18.63 -4.69
CA THR A 368 1.65 17.93 -4.07
C THR A 368 2.25 16.87 -4.99
N TYR A 369 1.40 15.96 -5.49
CA TYR A 369 1.87 14.80 -6.26
C TYR A 369 2.22 15.10 -7.73
N ILE A 370 1.90 16.31 -8.20
CA ILE A 370 2.36 16.76 -9.52
C ILE A 370 3.88 16.96 -9.51
N ASN A 371 4.44 17.23 -8.33
CA ASN A 371 5.88 17.40 -8.15
C ASN A 371 6.66 16.08 -8.14
N ARG A 372 6.01 14.98 -8.51
CA ARG A 372 6.67 13.69 -8.69
C ARG A 372 7.65 13.75 -9.87
N GLY A 373 7.35 14.59 -10.86
CA GLY A 373 8.24 14.83 -11.98
C GLY A 373 9.39 15.74 -11.60
N VAL A 374 10.57 15.46 -12.17
CA VAL A 374 11.80 16.21 -11.83
C VAL A 374 11.80 17.63 -12.41
N ILE A 375 11.30 17.78 -13.63
CA ILE A 375 11.26 19.08 -14.30
C ILE A 375 10.22 20.00 -13.68
N THR A 376 9.13 19.40 -13.19
CA THR A 376 8.04 20.15 -12.57
C THR A 376 8.49 20.78 -11.24
N ARG A 377 9.02 19.95 -10.34
CA ARG A 377 9.36 20.41 -8.99
C ARG A 377 10.53 21.40 -8.93
N ASN A 378 11.30 21.49 -10.01
CA ASN A 378 12.33 22.53 -10.14
C ASN A 378 11.75 23.91 -10.45
N GLY A 379 10.48 23.95 -10.85
CA GLY A 379 9.78 25.21 -11.10
C GLY A 379 9.44 25.95 -9.82
N ARG A 380 8.55 26.96 -9.94
CA ARG A 380 8.20 27.81 -8.81
C ARG A 380 6.69 28.08 -8.74
N MET A 381 6.27 28.60 -7.59
CA MET A 381 4.87 28.96 -7.35
C MET A 381 4.74 30.46 -7.18
N ASN A 382 3.61 31.01 -7.61
CA ASN A 382 3.36 32.46 -7.53
C ASN A 382 2.39 32.80 -6.41
N SER A 383 2.77 33.78 -5.57
CA SER A 383 1.90 34.32 -4.53
C SER A 383 2.06 35.83 -4.49
N THR A 384 1.69 36.49 -5.59
CA THR A 384 1.87 37.93 -5.75
C THR A 384 0.55 38.69 -5.91
N MET A 385 -0.56 38.09 -5.48
CA MET A 385 -1.87 38.72 -5.58
C MET A 385 -2.02 39.76 -4.46
N GLY A 386 -1.95 41.04 -4.82
CA GLY A 386 -2.07 42.13 -3.87
C GLY A 386 -0.74 42.69 -3.41
N VAL A 387 0.30 42.53 -4.24
CA VAL A 387 1.62 43.11 -3.95
C VAL A 387 1.60 44.61 -4.18
N GLY A 388 2.07 45.37 -3.19
CA GLY A 388 2.02 46.83 -3.23
C GLY A 388 0.84 47.40 -2.47
N TYR A 389 -0.29 46.68 -2.50
CA TYR A 389 -1.51 47.10 -1.82
C TYR A 389 -1.60 46.42 -0.45
N GLU A 390 -0.63 46.71 0.41
CA GLU A 390 -0.56 46.11 1.75
C GLU A 390 0.43 46.88 2.63
N GLY A 391 0.20 46.84 3.94
CA GLY A 391 1.07 47.54 4.89
C GLY A 391 0.47 47.64 6.28
N PRO A 392 1.15 48.37 7.18
CA PRO A 392 0.66 48.54 8.55
C PRO A 392 -0.55 49.45 8.65
N HIS A 393 -1.63 48.94 9.23
CA HIS A 393 -2.87 49.69 9.42
C HIS A 393 -2.74 50.55 10.67
N PRO A 394 -3.28 51.79 10.65
CA PRO A 394 -3.24 52.62 11.86
C PRO A 394 -3.96 52.00 13.07
N VAL A 395 -5.12 51.39 12.82
CA VAL A 395 -5.90 50.74 13.87
C VAL A 395 -5.48 49.28 14.07
N TYR A 396 -5.59 48.48 13.00
CA TYR A 396 -5.29 47.05 13.06
C TYR A 396 -3.78 46.81 13.18
N PRO A 397 -3.36 45.91 14.09
CA PRO A 397 -1.94 45.59 14.22
C PRO A 397 -1.43 44.67 13.11
N GLY A 398 -0.11 44.59 12.96
CA GLY A 398 0.50 43.76 11.92
C GLY A 398 0.33 44.35 10.53
N ILE A 399 0.33 43.49 9.52
CA ILE A 399 0.15 43.91 8.13
C ILE A 399 -1.26 43.51 7.66
N VAL A 400 -1.89 44.39 6.89
CA VAL A 400 -3.27 44.19 6.44
C VAL A 400 -3.40 44.35 4.92
N GLY A 401 -4.22 43.49 4.31
CA GLY A 401 -4.52 43.57 2.88
C GLY A 401 -5.88 44.20 2.63
N ILE A 402 -6.06 44.74 1.43
CA ILE A 402 -7.29 45.46 1.07
C ILE A 402 -8.50 44.56 0.79
N SER A 403 -8.25 43.32 0.38
CA SER A 403 -9.32 42.38 0.03
C SER A 403 -9.06 40.99 0.60
N PHE A 404 -10.14 40.26 0.90
CA PHE A 404 -10.03 38.88 1.37
C PHE A 404 -9.59 37.95 0.25
N ILE A 405 -9.94 38.30 -0.99
CA ILE A 405 -9.40 37.62 -2.17
C ILE A 405 -8.02 38.23 -2.47
N GLY A 406 -7.02 37.76 -1.72
CA GLY A 406 -5.65 38.27 -1.84
C GLY A 406 -4.67 37.30 -1.23
N GLU A 407 -3.38 37.54 -1.45
CA GLU A 407 -2.33 36.63 -0.98
C GLU A 407 -1.34 37.32 -0.04
N THR A 408 -1.87 38.18 0.84
CA THR A 408 -1.08 38.81 1.89
C THR A 408 -0.75 37.78 2.98
N SER A 409 -1.74 36.94 3.30
CA SER A 409 -1.56 35.86 4.25
C SER A 409 -0.60 34.79 3.74
N TYR A 410 -0.63 34.54 2.43
CA TYR A 410 0.32 33.62 1.79
C TYR A 410 1.76 34.09 2.01
N ARG A 411 2.03 35.34 1.64
CA ARG A 411 3.37 35.92 1.79
C ARG A 411 3.85 35.88 3.24
N GLY A 412 2.98 36.29 4.16
CA GLY A 412 3.31 36.30 5.59
C GLY A 412 3.53 34.91 6.19
N PHE A 413 2.83 33.92 5.65
CA PHE A 413 2.99 32.53 6.09
C PHE A 413 4.36 31.99 5.70
N TYR A 414 4.71 32.14 4.42
CA TYR A 414 5.98 31.64 3.90
C TYR A 414 7.19 32.49 4.31
N ARG A 415 6.94 33.74 4.73
CA ARG A 415 8.01 34.61 5.23
C ARG A 415 8.48 34.15 6.61
N PHE A 416 7.52 33.89 7.50
CA PHE A 416 7.84 33.36 8.84
C PHE A 416 8.35 31.92 8.72
N TRP A 417 7.83 31.17 7.76
CA TRP A 417 8.33 29.83 7.45
C TRP A 417 9.81 29.88 7.08
N LYS A 418 10.15 30.79 6.18
CA LYS A 418 11.55 30.99 5.76
C LYS A 418 12.44 31.39 6.93
N GLU A 419 11.92 32.24 7.81
CA GLU A 419 12.65 32.69 8.99
C GLU A 419 12.92 31.54 9.95
N MET A 420 11.91 30.71 10.17
CA MET A 420 12.03 29.54 11.06
C MET A 420 12.99 28.50 10.48
N ILE A 421 12.89 28.27 9.16
CA ILE A 421 13.74 27.30 8.47
C ILE A 421 15.21 27.76 8.41
N ASP A 422 15.43 29.07 8.26
CA ASP A 422 16.78 29.62 8.19
C ASP A 422 17.44 29.75 9.56
N ALA A 423 16.66 30.13 10.57
CA ALA A 423 17.19 30.35 11.91
C ALA A 423 17.54 29.03 12.60
N PRO A 424 18.69 28.99 13.31
CA PRO A 424 19.07 27.81 14.08
C PRO A 424 18.31 27.68 15.42
N ASP A 425 17.88 28.81 15.99
CA ASP A 425 17.18 28.80 17.27
C ASP A 425 16.22 30.00 17.40
N TRP A 426 15.49 30.05 18.51
CA TRP A 426 14.58 31.16 18.79
C TRP A 426 15.32 32.49 18.99
N ALA A 427 16.55 32.42 19.51
CA ALA A 427 17.36 33.62 19.72
C ALA A 427 17.60 34.39 18.42
N SER A 428 17.79 33.66 17.33
CA SER A 428 17.95 34.26 16.00
C SER A 428 16.63 34.83 15.47
N VAL A 429 15.52 34.17 15.80
CA VAL A 429 14.19 34.65 15.42
C VAL A 429 13.83 35.91 16.21
N LYS A 430 14.01 35.85 17.53
CA LYS A 430 13.72 36.97 18.43
C LYS A 430 14.57 38.22 18.13
N ALA A 431 15.71 38.04 17.48
CA ALA A 431 16.56 39.16 17.08
C ALA A 431 15.91 40.02 15.98
N ASN A 432 15.01 39.43 15.20
CA ASN A 432 14.34 40.12 14.09
C ASN A 432 12.94 40.64 14.44
N ASP A 433 12.69 40.92 15.73
CA ASP A 433 11.39 41.45 16.16
C ASP A 433 11.09 42.84 15.60
N ASP A 434 12.15 43.64 15.42
CA ASP A 434 11.98 45.00 14.90
C ASP A 434 11.83 45.02 13.38
N THR A 435 12.69 44.28 12.68
CA THR A 435 12.73 44.29 11.22
C THR A 435 12.22 42.97 10.62
N TRP A 436 10.97 42.63 10.94
CA TRP A 436 10.33 41.44 10.36
C TRP A 436 9.49 41.78 9.13
N ASP A 437 8.84 42.95 9.15
CA ASP A 437 7.95 43.39 8.07
C ASP A 437 8.61 44.40 7.13
N SER A 438 9.93 44.27 6.96
CA SER A 438 10.67 45.11 6.00
C SER A 438 10.41 44.68 4.55
N VAL A 439 9.99 43.42 4.38
CA VAL A 439 9.64 42.89 3.06
C VAL A 439 8.30 43.43 2.52
N PHE A 440 7.55 44.12 3.38
CA PHE A 440 6.36 44.86 2.96
C PHE A 440 6.73 46.34 2.78
N PRO A 441 7.05 46.75 1.54
CA PRO A 441 7.67 48.05 1.31
C PRO A 441 6.76 49.25 1.53
N ASN A 442 5.50 49.16 1.10
CA ASN A 442 4.57 50.28 1.16
C ASN A 442 4.13 50.56 2.61
N ARG A 443 4.80 51.52 3.26
CA ARG A 443 4.53 51.85 4.65
C ARG A 443 3.33 52.78 4.76
N ASN A 444 3.36 53.87 4.00
CA ASN A 444 2.28 54.87 4.01
C ASN A 444 1.20 54.53 2.98
N PHE A 445 0.60 53.35 3.15
CA PHE A 445 -0.45 52.87 2.24
C PHE A 445 -1.83 53.23 2.78
N TRP A 446 -2.09 52.81 4.02
CA TRP A 446 -3.39 53.06 4.65
C TRP A 446 -3.60 54.52 5.07
N ASN A 447 -2.50 55.24 5.27
CA ASN A 447 -2.56 56.67 5.54
C ASN A 447 -3.08 57.44 4.33
N GLU A 448 -2.58 57.10 3.16
CA GLU A 448 -3.01 57.71 1.90
C GLU A 448 -4.37 57.19 1.44
N LYS A 449 -4.66 55.92 1.74
CA LYS A 449 -5.90 55.29 1.31
C LYS A 449 -7.10 55.81 2.10
N LEU A 450 -6.96 55.91 3.42
CA LEU A 450 -8.04 56.40 4.28
C LEU A 450 -8.28 57.91 4.11
N ASN A 451 -7.24 58.65 3.76
CA ASN A 451 -7.36 60.09 3.46
C ASN A 451 -8.06 60.33 2.12
N ALA A 452 -7.80 59.46 1.15
CA ALA A 452 -8.47 59.53 -0.15
C ALA A 452 -9.96 59.21 -0.01
N ALA A 453 -10.27 58.22 0.83
CA ALA A 453 -11.66 57.87 1.13
C ALA A 453 -12.29 58.90 2.08
N GLU A 454 -13.62 58.87 2.16
CA GLU A 454 -14.39 59.79 3.02
C GLU A 454 -14.02 61.25 2.79
N GLN B 5 -38.95 -8.94 16.43
CA GLN B 5 -37.73 -9.80 16.38
C GLN B 5 -37.86 -10.97 15.40
N ILE B 6 -39.05 -11.14 14.82
CA ILE B 6 -39.33 -12.27 13.94
C ILE B 6 -38.71 -12.05 12.57
N PRO B 7 -37.83 -12.99 12.12
CA PRO B 7 -37.28 -12.89 10.76
C PRO B 7 -38.35 -12.94 9.67
N VAL B 8 -38.14 -12.20 8.59
CA VAL B 8 -39.08 -12.16 7.48
C VAL B 8 -39.06 -13.46 6.68
N THR B 9 -40.13 -13.69 5.91
CA THR B 9 -40.25 -14.90 5.09
C THR B 9 -39.32 -14.81 3.88
N PRO B 10 -38.96 -15.98 3.29
CA PRO B 10 -38.09 -16.01 2.10
C PRO B 10 -38.59 -15.15 0.94
N ASP B 11 -39.90 -15.09 0.74
CA ASP B 11 -40.50 -14.29 -0.32
C ASP B 11 -40.35 -12.79 -0.05
N VAL B 12 -40.50 -12.39 1.21
CA VAL B 12 -40.30 -11.00 1.62
C VAL B 12 -38.83 -10.61 1.58
N HIS B 13 -37.95 -11.57 1.90
CA HIS B 13 -36.50 -11.34 1.85
C HIS B 13 -36.01 -11.03 0.44
N TYR B 14 -36.63 -11.66 -0.56
CA TYR B 14 -36.29 -11.42 -1.96
C TYR B 14 -36.61 -9.98 -2.38
N ASP B 15 -37.76 -9.48 -1.95
CA ASP B 15 -38.20 -8.13 -2.32
C ASP B 15 -37.32 -7.05 -1.68
N ILE B 16 -36.85 -7.31 -0.47
CA ILE B 16 -35.92 -6.40 0.23
C ILE B 16 -34.53 -6.46 -0.42
N GLU B 17 -34.11 -7.68 -0.79
CA GLU B 17 -32.88 -7.87 -1.55
C GLU B 17 -32.94 -7.18 -2.91
N ALA B 18 -34.07 -7.35 -3.60
CA ALA B 18 -34.29 -6.73 -4.90
C ALA B 18 -34.39 -5.20 -4.81
N HIS B 19 -34.93 -4.71 -3.69
CA HIS B 19 -35.02 -3.28 -3.44
C HIS B 19 -33.62 -2.65 -3.31
N TYR B 20 -32.76 -3.28 -2.53
CA TYR B 20 -31.38 -2.81 -2.36
C TYR B 20 -30.56 -2.95 -3.65
N ARG B 21 -30.83 -4.02 -4.41
CA ARG B 21 -30.15 -4.22 -5.69
C ARG B 21 -30.52 -3.13 -6.70
N ALA B 22 -31.79 -2.76 -6.74
CA ALA B 22 -32.25 -1.64 -7.55
C ALA B 22 -31.65 -0.33 -7.03
N GLU B 23 -31.62 -0.19 -5.70
CA GLU B 23 -31.06 1.00 -5.05
C GLU B 23 -29.57 1.18 -5.37
N VAL B 24 -28.84 0.07 -5.45
CA VAL B 24 -27.42 0.10 -5.81
C VAL B 24 -27.22 0.54 -7.26
N ARG B 25 -28.08 0.05 -8.15
CA ARG B 25 -28.00 0.42 -9.58
C ARG B 25 -28.22 1.92 -9.79
N MET B 26 -29.11 2.51 -8.99
CA MET B 26 -29.42 3.94 -9.10
CA MET B 26 -29.42 3.93 -9.11
C MET B 26 -28.28 4.80 -8.57
N PHE B 27 -27.55 4.30 -7.57
CA PHE B 27 -26.37 5.00 -7.05
C PHE B 27 -25.24 4.99 -8.08
N GLN B 28 -24.99 3.82 -8.66
CA GLN B 28 -23.89 3.64 -9.61
C GLN B 28 -24.14 4.36 -10.95
N THR B 29 -25.38 4.33 -11.43
CA THR B 29 -25.75 5.01 -12.67
C THR B 29 -25.91 6.53 -12.50
N GLY B 30 -26.00 6.98 -11.24
CA GLY B 30 -26.10 8.40 -10.94
C GLY B 30 -27.52 8.94 -11.00
N GLN B 31 -28.49 8.09 -10.65
CA GLN B 31 -29.91 8.47 -10.63
C GLN B 31 -30.35 8.71 -9.19
N TYR B 32 -29.88 9.82 -8.62
CA TYR B 32 -30.12 10.16 -7.21
C TYR B 32 -31.48 10.81 -7.00
N ARG B 33 -31.92 11.63 -7.96
CA ARG B 33 -33.25 12.25 -7.91
C ARG B 33 -34.35 11.18 -7.91
N GLU B 34 -34.11 10.14 -8.68
CA GLU B 34 -35.06 9.08 -8.85
C GLU B 34 -35.02 8.12 -7.68
N TRP B 35 -33.93 8.16 -6.93
CA TRP B 35 -33.80 7.37 -5.73
C TRP B 35 -34.46 8.11 -4.59
N LEU B 36 -34.20 9.40 -4.53
CA LEU B 36 -34.67 10.20 -3.43
C LEU B 36 -36.16 10.21 -3.41
N GLN B 37 -36.74 9.74 -4.50
CA GLN B 37 -38.13 10.04 -4.81
C GLN B 37 -38.93 8.79 -4.52
N GLY B 38 -38.47 7.68 -5.07
CA GLY B 38 -39.01 6.38 -4.74
C GLY B 38 -38.38 5.74 -3.52
N MET B 39 -37.06 5.63 -3.48
CA MET B 39 -36.86 4.74 -2.58
CA MET B 39 -36.83 4.74 -2.58
C MET B 39 -36.63 5.39 -1.25
N VAL B 40 -36.81 6.69 -1.12
CA VAL B 40 -36.61 7.42 0.14
C VAL B 40 -37.87 8.16 0.57
N ALA B 41 -38.23 8.02 1.84
CA ALA B 41 -39.40 8.69 2.41
C ALA B 41 -39.08 10.13 2.80
N GLU B 42 -40.12 10.94 2.97
CA GLU B 42 -39.96 12.36 3.31
C GLU B 42 -39.63 12.57 4.80
N ASP B 43 -39.82 11.54 5.62
CA ASP B 43 -39.45 11.60 7.04
C ASP B 43 -38.15 10.83 7.31
N ILE B 44 -37.22 10.90 6.35
CA ILE B 44 -35.96 10.16 6.43
C ILE B 44 -35.00 10.79 7.46
N HIS B 45 -34.24 9.94 8.14
CA HIS B 45 -33.15 10.39 9.00
C HIS B 45 -31.86 9.66 8.62
N TYR B 46 -31.12 10.27 7.70
CA TYR B 46 -29.87 9.71 7.21
C TYR B 46 -28.76 10.02 8.22
N TRP B 47 -28.19 8.98 8.82
CA TRP B 47 -27.30 9.13 9.98
C TRP B 47 -26.05 8.26 9.86
N MET B 48 -24.88 8.89 9.99
CA MET B 48 -23.60 8.19 10.02
C MET B 48 -22.76 8.73 11.18
N PRO B 49 -22.99 8.19 12.41
CA PRO B 49 -22.33 8.72 13.61
C PRO B 49 -20.82 8.45 13.65
N ILE B 50 -20.11 9.29 14.41
CA ILE B 50 -18.66 9.17 14.57
C ILE B 50 -18.36 8.33 15.82
N TYR B 51 -17.91 7.10 15.61
CA TYR B 51 -17.52 6.21 16.71
C TYR B 51 -16.04 6.38 17.04
N GLU B 52 -15.76 6.84 18.26
CA GLU B 52 -14.38 7.01 18.73
C GLU B 52 -13.92 5.77 19.51
N GLN B 53 -12.62 5.49 19.44
CA GLN B 53 -12.04 4.33 20.12
C GLN B 53 -11.98 4.58 21.63
N ARG B 54 -12.68 3.74 22.39
CA ARG B 54 -12.72 3.82 23.85
C ARG B 54 -12.31 2.49 24.46
N LEU B 55 -11.95 2.52 25.74
CA LEU B 55 -11.69 1.29 26.49
C LEU B 55 -13.03 0.61 26.79
N THR B 56 -12.99 -0.71 26.98
CA THR B 56 -14.20 -1.48 27.27
C THR B 56 -14.77 -1.15 28.66
N ARG B 57 -13.89 -0.76 29.58
CA ARG B 57 -14.32 -0.36 30.93
C ARG B 57 -15.00 1.01 30.95
N ASP B 58 -14.84 1.79 29.89
CA ASP B 58 -15.50 3.10 29.76
C ASP B 58 -17.02 2.91 29.71
N ARG B 59 -17.72 3.60 30.60
CA ARG B 59 -19.16 3.39 30.80
C ARG B 59 -20.05 4.44 30.11
N ARG B 60 -19.46 5.23 29.21
CA ARG B 60 -20.23 6.26 28.48
C ARG B 60 -21.15 5.63 27.43
N PRO B 61 -22.27 6.30 27.11
CA PRO B 61 -23.23 5.77 26.15
C PRO B 61 -22.81 6.00 24.70
N ASP B 62 -23.31 5.17 23.80
CA ASP B 62 -23.00 5.26 22.37
C ASP B 62 -23.52 6.59 21.77
N PRO B 63 -22.90 7.06 20.67
CA PRO B 63 -23.26 8.35 20.09
C PRO B 63 -24.72 8.44 19.63
N THR B 64 -25.38 9.53 20.02
CA THR B 64 -26.77 9.79 19.64
C THR B 64 -26.81 10.77 18.46
N PRO B 65 -27.99 10.93 17.82
CA PRO B 65 -28.12 11.95 16.76
C PRO B 65 -27.73 13.37 17.16
N ASP B 66 -27.85 13.69 18.45
CA ASP B 66 -27.46 15.01 18.97
C ASP B 66 -25.94 15.21 18.94
N ASP B 67 -25.19 14.10 19.04
CA ASP B 67 -23.72 14.15 19.02
C ASP B 67 -23.19 14.34 17.60
N ALA B 68 -21.86 14.44 17.47
CA ALA B 68 -21.22 14.64 16.17
C ALA B 68 -21.41 13.45 15.24
N ALA B 69 -21.62 13.75 13.96
CA ALA B 69 -21.84 12.72 12.94
C ALA B 69 -21.47 13.24 11.55
N ILE B 70 -20.98 12.36 10.69
CA ILE B 70 -20.61 12.72 9.32
C ILE B 70 -21.88 13.06 8.53
N TYR B 71 -22.87 12.18 8.62
CA TYR B 71 -24.21 12.42 8.09
C TYR B 71 -25.19 12.55 9.24
N ASN B 72 -26.07 13.54 9.16
CA ASN B 72 -27.14 13.72 10.16
C ASN B 72 -28.21 14.63 9.55
N ASP B 73 -28.80 14.17 8.45
CA ASP B 73 -29.64 15.01 7.60
C ASP B 73 -31.09 14.50 7.58
N ASP B 74 -32.02 15.44 7.40
CA ASP B 74 -33.41 15.10 7.09
C ASP B 74 -33.60 15.13 5.57
N PHE B 75 -34.82 14.89 5.10
CA PHE B 75 -35.10 14.83 3.66
C PHE B 75 -34.69 16.09 2.91
N GLY B 76 -34.98 17.26 3.48
CA GLY B 76 -34.64 18.55 2.87
C GLY B 76 -33.14 18.76 2.75
N GLU B 77 -32.40 18.44 3.80
CA GLU B 77 -30.95 18.54 3.81
C GLU B 77 -30.29 17.43 2.98
N LEU B 78 -30.94 16.27 2.92
CA LEU B 78 -30.49 15.16 2.08
C LEU B 78 -30.68 15.48 0.60
N LYS B 79 -31.75 16.22 0.29
CA LYS B 79 -32.02 16.67 -1.08
C LYS B 79 -30.96 17.70 -1.53
N GLN B 80 -30.52 18.54 -0.59
CA GLN B 80 -29.48 19.54 -0.88
C GLN B 80 -28.15 18.89 -1.27
N ARG B 81 -27.85 17.75 -0.64
CA ARG B 81 -26.64 16.98 -0.97
C ARG B 81 -26.73 16.35 -2.37
N VAL B 82 -27.93 15.93 -2.76
CA VAL B 82 -28.15 15.28 -4.04
C VAL B 82 -27.99 16.23 -5.23
N GLU B 83 -28.45 17.47 -5.05
CA GLU B 83 -28.42 18.48 -6.11
C GLU B 83 -27.00 18.96 -6.48
N ARG B 84 -26.04 18.76 -5.58
CA ARG B 84 -24.64 19.09 -5.86
C ARG B 84 -24.08 18.21 -6.98
N LEU B 85 -24.48 16.95 -7.02
CA LEU B 85 -24.06 16.02 -8.06
C LEU B 85 -24.72 16.34 -9.40
N TYR B 86 -25.93 16.89 -9.38
CA TYR B 86 -26.65 17.26 -10.59
C TYR B 86 -26.34 18.68 -11.04
N SER B 87 -26.82 19.67 -10.29
CA SER B 87 -26.75 21.08 -10.68
C SER B 87 -25.35 21.69 -10.52
N GLY B 88 -24.52 21.08 -9.68
CA GLY B 88 -23.20 21.63 -9.36
C GLY B 88 -22.18 21.53 -10.47
N GLN B 89 -21.23 22.46 -10.47
CA GLN B 89 -20.12 22.46 -11.41
C GLN B 89 -18.86 21.93 -10.72
N VAL B 90 -18.99 20.73 -10.14
CA VAL B 90 -17.90 20.13 -9.37
C VAL B 90 -16.79 19.64 -10.30
N TRP B 91 -15.60 20.21 -10.15
CA TRP B 91 -14.48 19.93 -11.05
C TRP B 91 -13.83 18.57 -10.76
N MET B 92 -13.97 18.10 -9.53
CA MET B 92 -13.40 16.84 -9.11
C MET B 92 -14.12 15.71 -9.79
N GLU B 93 -15.33 16.00 -10.26
CA GLU B 93 -16.26 14.95 -10.61
C GLU B 93 -16.71 15.10 -12.04
N ASP B 94 -16.00 15.93 -12.79
CA ASP B 94 -15.87 15.75 -14.24
C ASP B 94 -14.55 15.11 -14.57
N PRO B 95 -14.60 13.81 -14.85
CA PRO B 95 -15.86 13.09 -14.89
C PRO B 95 -16.16 12.45 -13.56
N PRO B 96 -17.39 12.00 -13.38
CA PRO B 96 -17.80 11.42 -12.11
C PRO B 96 -16.89 10.24 -11.78
N SER B 97 -16.58 10.07 -10.50
CA SER B 97 -15.85 8.91 -10.06
C SER B 97 -16.68 7.67 -10.25
N LYS B 98 -16.05 6.58 -10.66
CA LYS B 98 -16.73 5.29 -10.74
C LYS B 98 -16.82 4.64 -9.35
N ILE B 99 -18.03 4.41 -8.89
CA ILE B 99 -18.28 3.75 -7.61
C ILE B 99 -19.00 2.42 -7.85
N ARG B 100 -18.77 1.45 -6.97
CA ARG B 100 -19.42 0.14 -7.09
C ARG B 100 -19.66 -0.46 -5.70
N TYR B 101 -20.93 -0.75 -5.41
CA TYR B 101 -21.34 -1.26 -4.10
C TYR B 101 -21.45 -2.78 -4.13
N PHE B 102 -21.22 -3.40 -2.97
CA PHE B 102 -21.34 -4.85 -2.82
C PHE B 102 -22.12 -5.17 -1.55
N VAL B 103 -23.44 -5.17 -1.65
CA VAL B 103 -24.33 -5.43 -0.53
C VAL B 103 -24.37 -6.94 -0.24
N SER B 104 -24.30 -7.30 1.03
CA SER B 104 -24.32 -8.69 1.45
C SER B 104 -24.81 -8.83 2.89
N ASN B 105 -25.17 -10.05 3.26
CA ASN B 105 -25.59 -10.37 4.63
C ASN B 105 -26.89 -9.65 5.02
N VAL B 106 -27.80 -9.50 4.06
CA VAL B 106 -29.07 -8.80 4.28
C VAL B 106 -30.00 -9.64 5.13
N GLU B 107 -30.41 -9.11 6.29
CA GLU B 107 -31.27 -9.81 7.23
C GLU B 107 -32.40 -8.91 7.72
N ALA B 108 -33.62 -9.18 7.26
CA ALA B 108 -34.79 -8.39 7.63
C ALA B 108 -35.51 -8.99 8.83
N PHE B 109 -36.16 -8.13 9.62
CA PHE B 109 -36.95 -8.55 10.77
C PHE B 109 -38.25 -7.73 10.84
N GLU B 110 -39.35 -8.39 11.17
CA GLU B 110 -40.65 -7.73 11.29
C GLU B 110 -40.69 -6.85 12.55
N ALA B 111 -40.78 -5.54 12.34
CA ALA B 111 -40.76 -4.57 13.44
C ALA B 111 -42.15 -4.06 13.83
N GLY B 112 -43.19 -4.67 13.27
CA GLY B 112 -44.57 -4.28 13.57
C GLY B 112 -45.01 -3.04 12.82
N ASN B 113 -46.33 -2.88 12.69
CA ASN B 113 -46.93 -1.74 11.98
C ASN B 113 -46.51 -1.65 10.51
N GLY B 114 -46.24 -2.80 9.90
CA GLY B 114 -45.77 -2.87 8.52
C GLY B 114 -44.41 -2.24 8.31
N GLU B 115 -43.55 -2.34 9.32
CA GLU B 115 -42.18 -1.80 9.27
C GLU B 115 -41.16 -2.91 9.49
N LEU B 116 -40.03 -2.83 8.78
CA LEU B 116 -39.03 -3.89 8.76
C LEU B 116 -37.66 -3.38 9.19
N ASP B 117 -37.09 -4.02 10.22
CA ASP B 117 -35.73 -3.73 10.66
C ASP B 117 -34.74 -4.58 9.85
N VAL B 118 -33.89 -3.93 9.07
CA VAL B 118 -32.97 -4.61 8.17
C VAL B 118 -31.51 -4.31 8.51
N LEU B 119 -30.70 -5.37 8.60
CA LEU B 119 -29.26 -5.25 8.84
C LEU B 119 -28.51 -5.85 7.66
N SER B 120 -27.43 -5.20 7.23
CA SER B 120 -26.65 -5.67 6.07
C SER B 120 -25.22 -5.11 6.05
N ASN B 121 -24.32 -5.86 5.42
CA ASN B 121 -22.94 -5.45 5.22
C ASN B 121 -22.77 -4.81 3.86
N ILE B 122 -21.97 -3.73 3.80
CA ILE B 122 -21.75 -2.99 2.56
C ILE B 122 -20.27 -2.74 2.33
N LEU B 123 -19.76 -3.18 1.16
CA LEU B 123 -18.39 -2.94 0.75
C LEU B 123 -18.38 -2.02 -0.47
N VAL B 124 -17.92 -0.78 -0.28
CA VAL B 124 -17.91 0.22 -1.34
C VAL B 124 -16.52 0.33 -1.97
N TYR B 125 -16.44 0.14 -3.28
CA TYR B 125 -15.21 0.32 -4.04
C TYR B 125 -15.32 1.56 -4.91
N ARG B 126 -14.34 2.46 -4.79
CA ARG B 126 -14.34 3.73 -5.51
C ARG B 126 -13.08 3.87 -6.36
N ASN B 127 -13.26 4.27 -7.62
CA ASN B 127 -12.15 4.54 -8.53
C ASN B 127 -12.33 5.88 -9.22
N ARG B 128 -11.25 6.67 -9.29
CA ARG B 128 -11.27 7.96 -9.97
C ARG B 128 -9.92 8.26 -10.64
N ARG B 129 -9.97 9.05 -11.70
CA ARG B 129 -8.77 9.47 -12.45
C ARG B 129 -7.99 8.25 -13.00
N GLN B 130 -6.69 8.17 -12.72
CA GLN B 130 -5.84 7.16 -13.34
C GLN B 130 -5.62 5.94 -12.43
N THR B 131 -5.00 6.16 -11.28
CA THR B 131 -4.58 5.07 -10.40
C THR B 131 -5.12 5.17 -8.96
N GLU B 132 -6.02 6.12 -8.70
CA GLU B 132 -6.54 6.33 -7.35
C GLU B 132 -7.66 5.33 -7.05
N VAL B 133 -7.50 4.61 -5.93
CA VAL B 133 -8.50 3.63 -5.48
C VAL B 133 -8.65 3.68 -3.96
N THR B 134 -9.90 3.68 -3.49
CA THR B 134 -10.20 3.68 -2.06
C THR B 134 -11.33 2.69 -1.75
N VAL B 135 -11.21 2.00 -0.62
CA VAL B 135 -12.18 0.98 -0.22
C VAL B 135 -12.76 1.29 1.15
N HIS B 136 -14.08 1.15 1.29
CA HIS B 136 -14.77 1.36 2.56
C HIS B 136 -15.68 0.18 2.87
N THR B 137 -15.80 -0.14 4.17
CA THR B 137 -16.70 -1.19 4.63
C THR B 137 -17.63 -0.63 5.70
N LEU B 138 -18.94 -0.87 5.54
CA LEU B 138 -19.94 -0.31 6.45
C LEU B 138 -20.95 -1.37 6.93
N GLY B 139 -21.58 -1.07 8.06
CA GLY B 139 -22.66 -1.92 8.61
C GLY B 139 -23.94 -1.12 8.68
N ARG B 140 -24.85 -1.38 7.73
CA ARG B 140 -26.07 -0.60 7.59
C ARG B 140 -27.18 -1.13 8.51
N GLU B 141 -27.96 -0.21 9.09
CA GLU B 141 -29.11 -0.55 9.92
C GLU B 141 -30.29 0.33 9.48
N ASP B 142 -31.33 -0.30 8.93
CA ASP B 142 -32.45 0.42 8.32
C ASP B 142 -33.80 0.12 8.95
N LYS B 143 -34.75 1.01 8.71
CA LYS B 143 -36.17 0.76 8.97
C LYS B 143 -36.95 1.06 7.70
N LEU B 144 -37.40 0.00 7.01
CA LEU B 144 -38.15 0.13 5.78
C LEU B 144 -39.64 -0.12 6.04
N ARG B 145 -40.49 0.64 5.36
CA ARG B 145 -41.94 0.40 5.38
C ARG B 145 -42.47 0.20 3.97
N ARG B 146 -43.57 -0.54 3.85
CA ARG B 146 -44.20 -0.74 2.55
C ARG B 146 -45.00 0.50 2.15
N ASP B 147 -44.63 1.09 1.00
CA ASP B 147 -45.33 2.24 0.46
C ASP B 147 -45.67 1.99 -1.00
N GLY B 148 -46.93 1.63 -1.26
CA GLY B 148 -47.35 1.21 -2.59
C GLY B 148 -46.75 -0.14 -2.93
N ASN B 149 -46.42 -0.34 -4.19
CA ASN B 149 -45.78 -1.58 -4.64
C ASN B 149 -44.25 -1.47 -4.56
N GLY B 150 -43.75 -1.26 -3.34
CA GLY B 150 -42.31 -1.10 -3.11
C GLY B 150 -41.97 -0.80 -1.66
N PHE B 151 -40.78 -0.23 -1.46
CA PHE B 151 -40.30 0.12 -0.11
C PHE B 151 -39.78 1.54 -0.04
N LYS B 152 -39.69 2.07 1.18
CA LYS B 152 -39.11 3.39 1.43
C LYS B 152 -38.45 3.43 2.82
N VAL B 153 -37.17 3.77 2.84
CA VAL B 153 -36.41 3.89 4.08
C VAL B 153 -36.75 5.22 4.78
N PHE B 154 -37.01 5.16 6.08
CA PHE B 154 -37.24 6.37 6.89
C PHE B 154 -36.23 6.55 8.03
N ARG B 155 -35.62 5.46 8.49
CA ARG B 155 -34.47 5.52 9.40
C ARG B 155 -33.31 4.74 8.79
N ARG B 156 -32.12 5.32 8.82
CA ARG B 156 -30.93 4.72 8.21
C ARG B 156 -29.67 5.09 9.00
N LYS B 157 -29.02 4.08 9.59
CA LYS B 157 -27.82 4.29 10.39
C LYS B 157 -26.64 3.54 9.77
N LEU B 158 -25.59 4.28 9.41
CA LEU B 158 -24.41 3.70 8.77
C LEU B 158 -23.23 3.70 9.74
N ILE B 159 -22.72 2.51 10.06
CA ILE B 159 -21.61 2.36 10.99
C ILE B 159 -20.31 2.08 10.23
N LEU B 160 -19.42 3.08 10.19
CA LEU B 160 -18.12 2.95 9.53
C LEU B 160 -17.17 2.10 10.37
N ASP B 161 -16.36 1.28 9.70
CA ASP B 161 -15.39 0.43 10.38
C ASP B 161 -14.13 1.21 10.74
N ALA B 162 -13.56 1.90 9.75
CA ALA B 162 -12.32 2.65 9.93
C ALA B 162 -12.56 3.92 10.75
N ARG B 163 -11.71 4.14 11.75
CA ARG B 163 -11.74 5.37 12.53
C ARG B 163 -11.24 6.53 11.68
N VAL B 164 -10.04 6.35 11.12
CA VAL B 164 -9.45 7.34 10.22
C VAL B 164 -9.80 6.96 8.78
N THR B 165 -10.56 7.82 8.11
CA THR B 165 -11.01 7.56 6.75
C THR B 165 -9.88 7.76 5.75
N GLN B 166 -9.40 6.66 5.17
CA GLN B 166 -8.31 6.70 4.19
C GLN B 166 -8.85 7.03 2.80
N ASP B 167 -9.32 8.26 2.63
CA ASP B 167 -9.92 8.72 1.38
C ASP B 167 -10.05 10.25 1.41
N LYS B 168 -10.15 10.86 0.22
CA LYS B 168 -10.34 12.31 0.11
C LYS B 168 -11.64 12.77 0.78
N ASN B 169 -12.69 11.97 0.63
CA ASN B 169 -13.99 12.27 1.23
C ASN B 169 -14.87 11.03 1.34
N LEU B 170 -16.03 11.19 1.97
CA LEU B 170 -17.04 10.13 2.06
C LEU B 170 -18.36 10.61 1.44
N TYR B 171 -18.25 11.29 0.30
CA TYR B 171 -19.43 11.84 -0.37
C TYR B 171 -20.03 10.80 -1.32
N PHE B 172 -20.73 9.83 -0.73
CA PHE B 172 -21.44 8.80 -1.49
C PHE B 172 -22.57 8.22 -0.63
N PHE B 173 -23.70 7.93 -1.27
CA PHE B 173 -24.90 7.47 -0.56
C PHE B 173 -24.93 5.94 -0.42
N CYS B 174 -25.44 5.48 0.71
CA CYS B 174 -25.61 4.06 0.99
C CYS B 174 -27.01 3.80 1.54
N THR C 6 32.14 -0.95 -11.48
CA THR C 6 31.37 -0.11 -12.44
C THR C 6 29.94 -0.62 -12.61
N LEU C 7 29.06 0.24 -13.10
CA LEU C 7 27.65 -0.11 -13.33
C LEU C 7 27.49 -0.95 -14.59
N VAL C 8 28.10 -0.49 -15.69
CA VAL C 8 28.04 -1.19 -16.98
C VAL C 8 29.45 -1.47 -17.49
N ASP C 9 29.66 -2.69 -17.98
CA ASP C 9 30.94 -3.11 -18.54
C ASP C 9 30.75 -3.41 -20.03
N THR C 10 31.15 -2.47 -20.88
CA THR C 10 30.99 -2.61 -22.33
C THR C 10 32.02 -3.57 -22.95
N VAL C 11 33.15 -3.76 -22.28
CA VAL C 11 34.22 -4.62 -22.78
C VAL C 11 33.82 -6.09 -22.66
N ASN C 12 33.53 -6.53 -21.44
CA ASN C 12 33.13 -7.92 -21.18
C ASN C 12 31.63 -8.17 -21.38
N ALA C 13 30.86 -7.09 -21.58
CA ALA C 13 29.43 -7.18 -21.85
C ALA C 13 28.64 -7.69 -20.65
N SER C 14 28.79 -6.99 -19.52
CA SER C 14 28.08 -7.32 -18.29
C SER C 14 27.65 -6.06 -17.55
N GLN C 15 26.56 -6.16 -16.79
CA GLN C 15 26.03 -5.04 -16.02
C GLN C 15 25.81 -5.44 -14.57
N SER C 16 25.89 -4.47 -13.67
CA SER C 16 25.60 -4.69 -12.25
C SER C 16 24.10 -4.79 -12.04
N ARG C 17 23.69 -5.47 -10.97
CA ARG C 17 22.27 -5.58 -10.62
C ARG C 17 21.74 -4.31 -9.95
N GLN C 18 22.63 -3.35 -9.68
CA GLN C 18 22.24 -2.06 -9.13
C GLN C 18 21.48 -1.20 -10.15
N VAL C 19 21.64 -1.51 -11.43
CA VAL C 19 20.98 -0.76 -12.51
C VAL C 19 19.45 -0.86 -12.46
N PHE C 20 18.93 -2.01 -12.01
CA PHE C 20 17.49 -2.22 -11.90
C PHE C 20 16.93 -1.86 -10.51
N TRP C 21 17.80 -1.55 -9.55
CA TRP C 21 17.37 -1.38 -8.17
C TRP C 21 17.75 -0.03 -7.52
N ASP C 22 19.01 0.36 -7.66
CA ASP C 22 19.56 1.50 -6.90
C ASP C 22 18.77 2.80 -7.12
N GLU C 23 18.60 3.56 -6.03
CA GLU C 23 17.88 4.84 -6.07
C GLU C 23 18.73 5.95 -6.67
N ASP C 24 20.00 6.02 -6.28
CA ASP C 24 20.92 7.06 -6.76
C ASP C 24 21.20 6.94 -8.25
N VAL C 25 21.19 5.71 -8.77
CA VAL C 25 21.33 5.48 -10.21
C VAL C 25 20.09 6.00 -10.94
N TYR C 26 18.92 5.73 -10.38
CA TYR C 26 17.65 6.21 -10.94
C TYR C 26 17.57 7.74 -10.92
N ALA C 27 18.08 8.35 -9.86
CA ALA C 27 18.15 9.81 -9.77
C ALA C 27 19.05 10.39 -10.87
N LEU C 28 20.13 9.67 -11.18
CA LEU C 28 21.05 10.07 -12.25
C LEU C 28 20.44 9.80 -13.63
N GLU C 29 19.65 8.73 -13.74
CA GLU C 29 18.94 8.41 -14.99
C GLU C 29 17.97 9.52 -15.37
N ILE C 30 17.15 9.93 -14.42
CA ILE C 30 16.16 10.95 -14.67
C ILE C 30 16.81 12.21 -15.18
N GLU C 31 17.96 12.53 -14.63
CA GLU C 31 18.60 13.78 -14.93
C GLU C 31 19.44 13.68 -16.18
N ARG C 32 20.04 12.53 -16.42
CA ARG C 32 20.99 12.40 -17.51
C ARG C 32 20.42 11.64 -18.68
N ILE C 33 19.15 11.29 -18.60
CA ILE C 33 18.50 10.62 -19.71
C ILE C 33 17.16 11.26 -20.03
N PHE C 34 16.19 11.07 -19.16
CA PHE C 34 14.83 11.43 -19.50
C PHE C 34 14.67 12.92 -19.54
N SER C 35 15.67 13.62 -19.03
CA SER C 35 15.65 15.07 -19.04
C SER C 35 16.63 15.61 -20.07
N ARG C 36 17.03 14.76 -20.99
CA ARG C 36 18.07 15.09 -21.94
C ARG C 36 17.75 14.50 -23.29
N ALA C 37 17.07 13.37 -23.29
CA ALA C 37 16.86 12.63 -24.51
C ALA C 37 15.52 12.95 -25.11
N TRP C 38 15.27 12.44 -26.31
CA TRP C 38 13.97 12.55 -26.93
C TRP C 38 13.07 11.43 -26.50
N LEU C 39 11.96 11.78 -25.88
CA LEU C 39 11.01 10.79 -25.40
C LEU C 39 9.77 10.74 -26.29
N MET C 40 9.23 9.54 -26.49
CA MET C 40 8.04 9.35 -27.33
C MET C 40 6.79 9.90 -26.64
N LEU C 41 6.20 10.94 -27.23
CA LEU C 41 4.98 11.54 -26.71
C LEU C 41 3.74 10.87 -27.32
N GLY C 42 3.73 10.77 -28.66
CA GLY C 42 2.61 10.14 -29.36
C GLY C 42 2.75 10.21 -30.86
N HIS C 43 1.64 10.54 -31.54
CA HIS C 43 1.59 10.59 -33.00
C HIS C 43 0.56 11.62 -33.45
N GLU C 44 0.65 12.05 -34.71
CA GLU C 44 -0.33 12.95 -35.30
C GLU C 44 -1.75 12.37 -35.33
N SER C 45 -1.86 11.04 -35.38
CA SER C 45 -3.15 10.36 -35.42
C SER C 45 -3.90 10.43 -34.09
N LEU C 46 -3.15 10.57 -32.99
CA LEU C 46 -3.75 10.73 -31.66
C LEU C 46 -4.35 12.13 -31.47
N VAL C 47 -3.79 13.10 -32.20
CA VAL C 47 -4.30 14.48 -32.19
C VAL C 47 -4.39 14.99 -33.64
N PRO C 48 -5.36 14.45 -34.41
CA PRO C 48 -5.43 14.68 -35.85
C PRO C 48 -5.80 16.10 -36.27
N LYS C 49 -6.85 16.66 -35.67
CA LYS C 49 -7.38 17.96 -36.06
C LYS C 49 -6.81 19.07 -35.19
N PRO C 50 -6.80 20.32 -35.69
CA PRO C 50 -6.29 21.44 -34.90
C PRO C 50 -7.14 21.72 -33.67
N GLY C 51 -6.51 21.74 -32.49
CA GLY C 51 -7.22 21.89 -31.23
C GLY C 51 -7.22 20.62 -30.40
N ASP C 52 -7.02 19.48 -31.06
CA ASP C 52 -6.98 18.19 -30.38
C ASP C 52 -5.73 18.08 -29.51
N PHE C 53 -5.87 17.43 -28.36
CA PHE C 53 -4.75 17.27 -27.42
C PHE C 53 -4.78 15.91 -26.74
N ILE C 54 -3.65 15.54 -26.14
CA ILE C 54 -3.55 14.34 -25.30
C ILE C 54 -2.60 14.59 -24.12
N THR C 55 -3.01 14.16 -22.93
CA THR C 55 -2.14 14.21 -21.76
C THR C 55 -1.30 12.95 -21.73
N THR C 56 -0.01 13.10 -21.46
CA THR C 56 0.87 11.96 -21.44
C THR C 56 2.03 12.23 -20.53
N TYR C 57 2.96 11.28 -20.49
CA TYR C 57 4.06 11.36 -19.55
C TYR C 57 5.34 11.63 -20.28
N MET C 58 6.21 12.36 -19.62
CA MET C 58 7.60 12.40 -20.01
C MET C 58 8.49 11.97 -18.86
N ALA C 59 8.45 10.68 -18.58
CA ALA C 59 9.02 10.13 -17.36
C ALA C 59 8.04 10.24 -16.24
N GLU C 60 8.41 10.99 -15.23
CA GLU C 60 7.54 11.20 -14.09
C GLU C 60 6.89 12.56 -14.17
N ASP C 61 7.25 13.33 -15.18
CA ASP C 61 6.56 14.60 -15.46
C ASP C 61 5.34 14.37 -16.34
N LYS C 62 4.23 15.02 -16.00
CA LYS C 62 3.02 15.01 -16.83
C LYS C 62 3.10 16.15 -17.84
N VAL C 63 2.69 15.89 -19.08
CA VAL C 63 2.74 16.90 -20.14
C VAL C 63 1.49 16.84 -21.03
N ILE C 64 1.14 18.00 -21.61
CA ILE C 64 -0.03 18.12 -22.48
C ILE C 64 0.41 18.41 -23.92
N LEU C 65 0.38 17.39 -24.77
CA LEU C 65 0.68 17.54 -26.19
C LEU C 65 -0.55 18.07 -26.91
N SER C 66 -0.40 19.19 -27.61
CA SER C 66 -1.55 19.87 -28.24
C SER C 66 -1.29 20.22 -29.71
N HIS C 67 -2.26 19.93 -30.56
CA HIS C 67 -2.24 20.35 -31.95
C HIS C 67 -2.67 21.82 -32.01
N GLN C 68 -1.79 22.69 -32.49
CA GLN C 68 -2.07 24.12 -32.56
C GLN C 68 -3.03 24.43 -33.71
N SER C 69 -3.65 25.61 -33.65
CA SER C 69 -4.57 26.05 -34.69
C SER C 69 -3.85 26.28 -36.02
N ASP C 70 -2.59 26.69 -35.95
CA ASP C 70 -1.77 26.91 -37.14
C ASP C 70 -1.37 25.60 -37.84
N GLY C 71 -1.24 24.52 -37.05
CA GLY C 71 -0.89 23.21 -37.60
C GLY C 71 0.26 22.52 -36.87
N THR C 72 1.16 23.32 -36.30
CA THR C 72 2.32 22.80 -35.57
C THR C 72 1.90 22.18 -34.23
N PHE C 73 2.84 21.48 -33.59
CA PHE C 73 2.58 20.80 -32.31
C PHE C 73 3.48 21.34 -31.21
N ARG C 74 2.86 21.75 -30.10
CA ARG C 74 3.58 22.23 -28.92
C ARG C 74 3.23 21.36 -27.72
N ALA C 75 4.19 21.24 -26.80
CA ALA C 75 3.99 20.49 -25.56
C ALA C 75 4.50 21.30 -24.37
N PHE C 76 3.86 21.11 -23.22
CA PHE C 76 4.25 21.79 -21.99
C PHE C 76 3.89 20.96 -20.76
N ILE C 77 4.55 21.26 -19.64
CA ILE C 77 4.34 20.50 -18.40
C ILE C 77 2.94 20.76 -17.85
N ASN C 78 2.22 19.68 -17.55
CA ASN C 78 0.86 19.77 -17.04
C ASN C 78 0.86 20.19 -15.57
N SER C 79 1.11 21.48 -15.34
CA SER C 79 1.18 22.04 -13.99
C SER C 79 0.97 23.55 -14.05
N CYS C 80 0.04 24.04 -13.23
CA CYS C 80 -0.29 25.46 -13.18
C CYS C 80 0.84 26.24 -12.53
N SER C 81 1.18 27.39 -13.10
CA SER C 81 2.27 28.23 -12.60
C SER C 81 1.93 28.95 -11.28
N HIS C 82 0.65 28.94 -10.89
CA HIS C 82 0.22 29.59 -9.65
C HIS C 82 0.65 28.79 -8.42
N ARG C 83 0.02 27.65 -8.16
CA ARG C 83 0.37 26.80 -7.01
C ARG C 83 0.93 25.42 -7.39
N GLY C 84 0.96 25.10 -8.68
CA GLY C 84 1.51 23.82 -9.15
C GLY C 84 0.48 22.75 -9.46
N ASN C 85 -0.80 23.08 -9.35
CA ASN C 85 -1.88 22.10 -9.55
C ASN C 85 -1.96 21.63 -11.00
N GLN C 86 -2.40 20.39 -11.20
CA GLN C 86 -2.54 19.82 -12.54
C GLN C 86 -3.65 20.54 -13.31
N ILE C 87 -3.34 20.97 -14.52
CA ILE C 87 -4.25 21.80 -15.31
C ILE C 87 -5.37 20.98 -15.93
N CYS C 88 -5.02 19.92 -16.65
CA CYS C 88 -5.98 19.06 -17.33
C CYS C 88 -5.82 17.60 -16.91
N HIS C 89 -6.93 16.94 -16.60
CA HIS C 89 -6.94 15.54 -16.19
C HIS C 89 -7.47 14.59 -17.28
N ALA C 90 -8.02 15.16 -18.36
CA ALA C 90 -8.58 14.35 -19.44
C ALA C 90 -7.47 13.69 -20.25
N ASP C 91 -7.70 12.44 -20.66
CA ASP C 91 -6.73 11.69 -21.47
C ASP C 91 -6.55 12.33 -22.85
N SER C 92 -7.67 12.70 -23.46
CA SER C 92 -7.63 13.44 -24.73
C SER C 92 -8.93 14.19 -24.97
N GLY C 93 -8.95 15.02 -26.01
CA GLY C 93 -10.12 15.82 -26.36
C GLY C 93 -9.75 16.99 -27.25
N ASN C 94 -10.65 17.98 -27.33
CA ASN C 94 -10.42 19.19 -28.11
C ASN C 94 -10.62 20.42 -27.22
N ALA C 95 -9.61 21.30 -27.21
CA ALA C 95 -9.65 22.48 -26.35
C ALA C 95 -8.75 23.59 -26.89
N LYS C 96 -9.30 24.81 -26.97
CA LYS C 96 -8.53 25.99 -27.36
C LYS C 96 -7.85 26.64 -26.15
N ALA C 97 -8.24 26.21 -24.95
CA ALA C 97 -7.63 26.70 -23.71
C ALA C 97 -7.88 25.72 -22.57
N PHE C 98 -6.88 25.58 -21.69
CA PHE C 98 -6.94 24.64 -20.56
C PHE C 98 -7.08 25.39 -19.24
N VAL C 99 -8.21 25.19 -18.56
CA VAL C 99 -8.50 25.86 -17.30
C VAL C 99 -8.07 25.01 -16.11
N CYS C 100 -7.38 25.64 -15.15
CA CYS C 100 -6.97 24.96 -13.92
C CYS C 100 -8.15 24.90 -12.96
N ASN C 101 -8.31 23.77 -12.27
CA ASN C 101 -9.48 23.52 -11.43
C ASN C 101 -9.44 24.18 -10.05
N TYR C 102 -8.29 24.72 -9.66
CA TYR C 102 -8.15 25.35 -8.34
C TYR C 102 -8.78 26.75 -8.34
N HIS C 103 -8.14 27.71 -9.00
CA HIS C 103 -8.60 29.10 -8.98
C HIS C 103 -9.17 29.59 -10.33
N GLY C 104 -8.91 28.82 -11.40
CA GLY C 104 -9.46 29.14 -12.72
C GLY C 104 -8.47 29.79 -13.68
N TRP C 105 -7.18 29.55 -13.49
CA TRP C 105 -6.15 30.05 -14.40
C TRP C 105 -6.23 29.31 -15.73
N VAL C 106 -6.57 30.03 -16.80
CA VAL C 106 -6.66 29.43 -18.13
C VAL C 106 -5.34 29.58 -18.89
N PHE C 107 -4.94 28.52 -19.58
CA PHE C 107 -3.70 28.50 -20.35
C PHE C 107 -4.01 28.21 -21.82
N GLY C 108 -3.21 28.78 -22.71
CA GLY C 108 -3.40 28.60 -24.15
C GLY C 108 -2.97 27.22 -24.64
N GLN C 109 -3.01 27.03 -25.95
CA GLN C 109 -2.61 25.76 -26.56
C GLN C 109 -1.11 25.49 -26.45
N ASP C 110 -0.31 26.56 -26.37
CA ASP C 110 1.15 26.44 -26.23
C ASP C 110 1.61 26.52 -24.77
N GLY C 111 0.67 26.61 -23.84
CA GLY C 111 0.98 26.67 -22.41
C GLY C 111 1.21 28.06 -21.86
N SER C 112 0.85 29.08 -22.64
CA SER C 112 0.99 30.47 -22.21
C SER C 112 -0.20 30.89 -21.35
N LEU C 113 0.08 31.63 -20.29
CA LEU C 113 -0.98 32.13 -19.40
C LEU C 113 -1.78 33.22 -20.09
N VAL C 114 -2.87 32.82 -20.75
CA VAL C 114 -3.67 33.74 -21.57
C VAL C 114 -4.54 34.70 -20.76
N ASP C 115 -5.11 34.20 -19.66
CA ASP C 115 -6.00 35.00 -18.82
C ASP C 115 -6.13 34.42 -17.42
N VAL C 116 -6.38 35.29 -16.43
CA VAL C 116 -6.60 34.88 -15.05
C VAL C 116 -7.77 35.67 -14.45
N PRO C 117 -8.68 34.98 -13.72
CA PRO C 117 -9.80 35.67 -13.06
C PRO C 117 -9.36 36.77 -12.10
N LEU C 118 -10.08 37.89 -12.13
CA LEU C 118 -9.85 39.03 -11.23
C LEU C 118 -8.43 39.60 -11.35
N GLU C 119 -7.93 39.69 -12.58
CA GLU C 119 -6.61 40.24 -12.83
C GLU C 119 -6.61 41.77 -12.69
N SER C 120 -7.75 42.39 -13.03
CA SER C 120 -7.92 43.83 -12.87
C SER C 120 -8.17 44.22 -11.42
N ARG C 121 -8.99 43.43 -10.73
CA ARG C 121 -9.46 43.77 -9.39
C ARG C 121 -8.47 43.37 -8.30
N CYS C 122 -8.09 42.09 -8.26
CA CYS C 122 -7.25 41.56 -7.19
C CYS C 122 -5.75 41.74 -7.46
N TYR C 123 -5.34 41.44 -8.69
CA TYR C 123 -3.92 41.54 -9.07
C TYR C 123 -3.48 42.94 -9.49
N HIS C 124 -4.43 43.74 -9.98
CA HIS C 124 -4.15 45.10 -10.48
C HIS C 124 -3.19 45.09 -11.67
N ASN C 125 -3.24 44.01 -12.46
CA ASN C 125 -2.32 43.79 -13.59
C ASN C 125 -0.85 43.90 -13.18
N SER C 126 -0.52 43.40 -11.98
CA SER C 126 0.85 43.36 -11.49
C SER C 126 1.34 41.92 -11.52
N LEU C 127 1.30 41.32 -12.71
CA LEU C 127 1.63 39.91 -12.89
C LEU C 127 2.24 39.68 -14.26
N ASP C 128 3.53 39.32 -14.30
CA ASP C 128 4.22 39.04 -15.55
C ASP C 128 3.80 37.67 -16.07
N LYS C 129 2.79 37.67 -16.94
CA LYS C 129 2.20 36.43 -17.45
C LYS C 129 3.07 35.74 -18.50
N GLN C 130 4.01 36.49 -19.09
CA GLN C 130 4.98 35.90 -20.02
C GLN C 130 5.92 34.95 -19.28
N LYS C 131 6.36 35.37 -18.09
CA LYS C 131 7.24 34.56 -17.26
C LYS C 131 6.50 33.48 -16.48
N LEU C 132 5.19 33.67 -16.29
CA LEU C 132 4.36 32.69 -15.57
C LEU C 132 3.59 31.77 -16.53
N ALA C 133 4.19 31.46 -17.67
CA ALA C 133 3.64 30.48 -18.59
C ALA C 133 4.01 29.08 -18.12
N ALA C 134 3.25 28.09 -18.57
CA ALA C 134 3.54 26.69 -18.27
C ALA C 134 4.87 26.29 -18.90
N LYS C 135 5.63 25.47 -18.18
CA LYS C 135 6.97 25.07 -18.64
C LYS C 135 6.88 24.31 -19.96
N SER C 136 7.26 24.99 -21.04
CA SER C 136 7.16 24.43 -22.39
C SER C 136 8.25 23.38 -22.65
N VAL C 137 7.94 22.46 -23.55
CA VAL C 137 8.86 21.39 -23.94
C VAL C 137 9.07 21.42 -25.45
N ARG C 138 10.30 21.19 -25.89
CA ARG C 138 10.61 21.14 -27.31
C ARG C 138 9.89 19.97 -27.98
N VAL C 139 9.30 20.21 -29.15
CA VAL C 139 8.53 19.20 -29.86
C VAL C 139 8.94 19.12 -31.33
N GLU C 140 9.47 17.97 -31.72
CA GLU C 140 9.81 17.68 -33.12
C GLU C 140 9.16 16.36 -33.52
N THR C 141 8.84 16.23 -34.80
CA THR C 141 8.15 15.06 -35.33
C THR C 141 8.96 14.40 -36.44
N TYR C 142 8.87 13.06 -36.51
CA TYR C 142 9.53 12.29 -37.57
C TYR C 142 8.55 11.29 -38.18
N LYS C 143 8.07 11.59 -39.38
CA LYS C 143 7.09 10.77 -40.09
C LYS C 143 5.84 10.53 -39.25
N GLY C 144 5.33 11.61 -38.66
CA GLY C 144 4.11 11.55 -37.83
C GLY C 144 4.37 11.33 -36.35
N PHE C 145 5.40 10.56 -36.02
CA PHE C 145 5.71 10.21 -34.63
C PHE C 145 6.27 11.41 -33.87
N ILE C 146 5.55 11.86 -32.85
CA ILE C 146 5.92 13.05 -32.08
C ILE C 146 6.82 12.68 -30.91
N PHE C 147 7.90 13.43 -30.73
CA PHE C 147 8.82 13.26 -29.60
C PHE C 147 8.88 14.52 -28.76
N GLY C 148 9.46 14.41 -27.57
CA GLY C 148 9.60 15.55 -26.64
C GLY C 148 10.93 15.56 -25.94
N CYS C 149 11.47 16.76 -25.71
CA CYS C 149 12.78 16.92 -25.06
C CYS C 149 12.82 18.17 -24.18
N HIS C 150 13.45 18.05 -23.00
CA HIS C 150 13.54 19.14 -22.05
C HIS C 150 14.83 19.97 -22.23
N ASP C 151 15.92 19.29 -22.59
CA ASP C 151 17.24 19.94 -22.71
C ASP C 151 17.30 20.77 -24.01
N PRO C 152 17.51 22.10 -23.88
CA PRO C 152 17.66 22.94 -25.07
C PRO C 152 18.99 22.76 -25.82
N GLU C 153 20.01 22.27 -25.11
CA GLU C 153 21.34 22.06 -25.69
C GLU C 153 21.45 20.78 -26.54
N ALA C 154 20.40 19.96 -26.52
CA ALA C 154 20.40 18.69 -27.26
C ALA C 154 20.36 18.90 -28.78
N PRO C 155 20.69 17.85 -29.54
CA PRO C 155 20.62 17.93 -31.01
C PRO C 155 19.18 17.84 -31.51
N SER C 156 19.01 17.78 -32.83
CA SER C 156 17.68 17.61 -33.43
C SER C 156 17.20 16.18 -33.26
N LEU C 157 15.90 15.97 -33.43
CA LEU C 157 15.29 14.65 -33.32
C LEU C 157 15.81 13.70 -34.39
N GLU C 158 15.98 14.22 -35.61
CA GLU C 158 16.48 13.43 -36.74
C GLU C 158 17.93 12.98 -36.53
N ASP C 159 18.75 13.85 -35.94
CA ASP C 159 20.13 13.51 -35.61
C ASP C 159 20.22 12.59 -34.40
N TYR C 160 19.28 12.73 -33.47
CA TYR C 160 19.20 11.85 -32.31
C TYR C 160 18.85 10.42 -32.74
N LEU C 161 17.94 10.30 -33.71
CA LEU C 161 17.68 9.02 -34.36
C LEU C 161 18.93 8.61 -35.15
N GLY C 162 19.40 9.51 -36.00
CA GLY C 162 20.67 9.33 -36.71
C GLY C 162 20.63 8.20 -37.73
N GLU C 163 21.63 7.33 -37.68
CA GLU C 163 21.73 6.19 -38.59
C GLU C 163 20.55 5.20 -38.47
N PHE C 164 19.82 5.27 -37.36
CA PHE C 164 18.61 4.47 -37.17
C PHE C 164 17.47 4.86 -38.13
N ARG C 165 17.50 6.10 -38.62
CA ARG C 165 16.53 6.56 -39.61
C ARG C 165 16.47 5.67 -40.85
N TYR C 166 17.63 5.17 -41.26
CA TYR C 166 17.75 4.22 -42.37
C TYR C 166 16.73 3.08 -42.25
N TYR C 167 16.63 2.52 -41.05
CA TYR C 167 15.71 1.42 -40.79
C TYR C 167 14.27 1.90 -40.68
N LEU C 168 14.06 2.96 -39.89
CA LEU C 168 12.72 3.52 -39.68
C LEU C 168 12.00 3.88 -40.97
N ASP C 169 12.74 4.41 -41.94
CA ASP C 169 12.17 4.79 -43.24
C ASP C 169 11.59 3.60 -44.02
N THR C 170 12.09 2.40 -43.74
CA THR C 170 11.58 1.18 -44.38
C THR C 170 10.09 0.95 -44.10
N ILE C 171 9.68 1.20 -42.86
CA ILE C 171 8.30 0.95 -42.42
C ILE C 171 7.48 2.22 -42.16
N TRP C 172 8.12 3.26 -41.60
CA TRP C 172 7.43 4.50 -41.27
C TRP C 172 7.18 5.39 -42.51
N GLU C 173 7.75 5.02 -43.64
CA GLU C 173 7.40 5.61 -44.93
C GLU C 173 6.94 4.51 -45.88
N GLY C 174 7.83 3.55 -46.15
CA GLY C 174 7.50 2.37 -46.96
C GLY C 174 7.10 2.71 -48.39
N ALA C 175 5.88 2.32 -48.76
CA ALA C 175 5.37 2.59 -50.10
C ALA C 175 5.07 4.07 -50.32
N GLY C 176 4.76 4.79 -49.24
CA GLY C 176 4.44 6.22 -49.32
C GLY C 176 3.65 6.73 -48.13
N GLY C 177 2.71 5.92 -47.65
CA GLY C 177 1.86 6.30 -46.52
C GLY C 177 2.62 6.40 -45.22
N GLY C 178 3.06 5.25 -44.70
CA GLY C 178 3.74 5.18 -43.41
C GLY C 178 2.89 4.44 -42.39
N MET C 179 3.11 4.76 -41.11
CA MET C 179 2.35 4.15 -40.01
C MET C 179 1.80 5.19 -39.04
N GLU C 180 0.80 4.78 -38.26
CA GLU C 180 0.13 5.65 -37.29
C GLU C 180 -0.36 4.85 -36.08
N LEU C 181 -0.43 5.52 -34.94
CA LEU C 181 -0.90 4.89 -33.70
C LEU C 181 -2.42 4.91 -33.63
N LEU C 182 -2.98 3.93 -32.91
CA LEU C 182 -4.43 3.84 -32.70
C LEU C 182 -4.77 3.69 -31.22
N GLY C 183 -5.27 4.77 -30.62
CA GLY C 183 -5.68 4.77 -29.22
C GLY C 183 -7.15 4.40 -29.08
N PRO C 184 -7.69 4.45 -27.84
CA PRO C 184 -6.98 4.80 -26.60
C PRO C 184 -6.01 3.70 -26.15
N PRO C 185 -4.94 4.08 -25.43
CA PRO C 185 -3.93 3.12 -25.00
C PRO C 185 -4.37 2.30 -23.78
N MET C 186 -3.77 1.14 -23.60
CA MET C 186 -4.03 0.29 -22.43
C MET C 186 -2.99 0.59 -21.35
N LYS C 187 -3.39 1.33 -20.33
CA LYS C 187 -2.51 1.70 -19.24
C LYS C 187 -2.51 0.62 -18.16
N SER C 188 -1.33 0.33 -17.61
CA SER C 188 -1.21 -0.69 -16.56
C SER C 188 0.12 -0.56 -15.81
N LEU C 189 0.08 -0.79 -14.50
CA LEU C 189 1.27 -0.68 -13.65
C LEU C 189 1.95 -2.04 -13.48
N LEU C 190 3.24 -2.09 -13.80
CA LEU C 190 4.05 -3.29 -13.62
C LEU C 190 5.19 -2.97 -12.66
N GLN C 191 5.26 -3.70 -11.55
CA GLN C 191 6.27 -3.45 -10.52
C GLN C 191 7.64 -3.97 -10.95
N CYS C 192 8.32 -3.19 -11.80
CA CYS C 192 9.64 -3.52 -12.31
C CYS C 192 10.36 -2.27 -12.79
N ASN C 193 11.66 -2.40 -13.04
CA ASN C 193 12.45 -1.31 -13.60
C ASN C 193 12.13 -1.13 -15.08
N TRP C 194 12.24 0.11 -15.57
CA TRP C 194 11.88 0.44 -16.95
C TRP C 194 12.81 -0.18 -18.00
N LYS C 195 14.05 -0.50 -17.60
CA LYS C 195 15.03 -1.07 -18.52
C LYS C 195 14.76 -2.54 -18.86
N VAL C 196 14.09 -3.26 -17.96
CA VAL C 196 13.88 -4.72 -18.14
C VAL C 196 12.97 -5.03 -19.33
N PRO C 197 11.81 -4.34 -19.44
CA PRO C 197 11.06 -4.40 -20.70
C PRO C 197 11.81 -3.77 -21.88
N ALA C 198 12.55 -2.70 -21.61
CA ALA C 198 13.33 -2.01 -22.65
C ALA C 198 14.31 -2.95 -23.33
N GLU C 199 15.09 -3.67 -22.53
CA GLU C 199 16.05 -4.65 -23.06
C GLU C 199 15.36 -5.87 -23.67
N ASN C 200 14.18 -6.22 -23.13
CA ASN C 200 13.41 -7.36 -23.64
C ASN C 200 12.97 -7.13 -25.08
N PHE C 201 12.35 -5.97 -25.33
CA PHE C 201 11.84 -5.64 -26.66
C PHE C 201 12.92 -5.15 -27.63
N ILE C 202 14.13 -4.86 -27.13
CA ILE C 202 15.21 -4.41 -28.02
C ILE C 202 15.85 -5.58 -28.78
N GLY C 203 15.84 -6.77 -28.18
CA GLY C 203 16.39 -7.95 -28.83
C GLY C 203 16.50 -9.18 -27.94
N ASP C 204 15.37 -9.62 -27.41
CA ASP C 204 15.32 -10.82 -26.57
C ASP C 204 14.48 -11.90 -27.26
N GLY C 205 14.96 -12.35 -28.43
CA GLY C 205 14.35 -13.47 -29.13
C GLY C 205 14.65 -14.81 -28.45
N TYR C 206 15.63 -14.80 -27.54
CA TYR C 206 16.04 -15.98 -26.80
C TYR C 206 14.97 -16.45 -25.80
N HIS C 207 14.17 -15.51 -25.29
CA HIS C 207 13.12 -15.84 -24.31
C HIS C 207 11.80 -16.27 -24.98
N VAL C 208 11.67 -15.98 -26.28
CA VAL C 208 10.40 -16.20 -26.99
C VAL C 208 10.03 -17.67 -27.09
N GLY C 209 11.00 -18.50 -27.49
CA GLY C 209 10.78 -19.93 -27.61
C GLY C 209 10.50 -20.61 -26.28
N TRP C 210 11.15 -20.13 -25.22
CA TRP C 210 10.99 -20.70 -23.90
C TRP C 210 9.70 -20.22 -23.22
N THR C 211 9.58 -18.89 -23.08
CA THR C 211 8.46 -18.29 -22.35
C THR C 211 7.12 -18.47 -23.07
N HIS C 212 7.10 -18.19 -24.37
CA HIS C 212 5.87 -18.26 -25.17
C HIS C 212 5.80 -19.54 -26.00
N ALA C 213 6.16 -20.66 -25.39
CA ALA C 213 6.11 -21.96 -26.05
C ALA C 213 4.67 -22.44 -26.23
N ALA C 214 3.80 -22.03 -25.29
CA ALA C 214 2.38 -22.38 -25.34
C ALA C 214 1.65 -21.63 -26.45
N ALA C 215 1.89 -20.32 -26.54
CA ALA C 215 1.21 -19.47 -27.52
C ALA C 215 1.64 -19.78 -28.96
N LEU C 216 2.94 -20.03 -29.15
CA LEU C 216 3.48 -20.32 -30.48
C LEU C 216 3.04 -21.69 -31.01
N SER C 217 3.03 -22.69 -30.14
CA SER C 217 2.60 -24.04 -30.50
C SER C 217 1.09 -24.09 -30.78
N GLN C 218 0.33 -23.31 -30.01
CA GLN C 218 -1.12 -23.23 -30.18
C GLN C 218 -1.48 -22.54 -31.49
N ILE C 219 -0.91 -21.37 -31.71
CA ILE C 219 -1.13 -20.61 -32.95
C ILE C 219 -0.57 -21.36 -34.16
N GLY C 220 0.60 -21.96 -33.99
CA GLY C 220 1.24 -22.72 -35.05
C GLY C 220 1.93 -21.82 -36.06
N GLY C 221 1.96 -22.26 -37.32
CA GLY C 221 2.53 -21.47 -38.40
C GLY C 221 4.05 -21.51 -38.44
N GLU C 222 4.63 -20.48 -39.03
CA GLU C 222 6.08 -20.40 -39.23
C GLU C 222 6.85 -20.08 -37.94
N LEU C 223 6.21 -19.36 -37.02
CA LEU C 223 6.82 -19.01 -35.73
C LEU C 223 6.68 -20.12 -34.67
N ALA C 224 5.97 -21.19 -35.00
CA ALA C 224 5.79 -22.32 -34.09
C ALA C 224 7.06 -23.13 -33.85
N GLY C 225 7.99 -23.08 -34.82
CA GLY C 225 9.25 -23.81 -34.72
C GLY C 225 10.19 -23.32 -33.64
N LEU C 226 10.02 -22.06 -33.22
CA LEU C 226 10.87 -21.47 -32.16
C LEU C 226 10.57 -22.06 -30.78
N ALA C 227 9.35 -22.53 -30.58
CA ALA C 227 8.91 -23.03 -29.27
C ALA C 227 9.76 -24.22 -28.79
N GLY C 228 10.28 -24.12 -27.58
CA GLY C 228 11.08 -25.19 -26.96
C GLY C 228 12.58 -24.96 -26.98
N ASN C 229 13.04 -24.03 -27.82
CA ASN C 229 14.47 -23.76 -28.01
C ASN C 229 15.26 -25.01 -28.40
N ARG C 230 15.15 -25.38 -29.67
CA ARG C 230 15.85 -26.55 -30.21
C ARG C 230 17.05 -26.12 -31.06
N ALA C 231 18.15 -26.87 -30.96
CA ALA C 231 19.41 -26.50 -31.60
C ALA C 231 19.49 -26.84 -33.08
N ASP C 232 18.60 -27.71 -33.56
CA ASP C 232 18.64 -28.17 -34.95
C ASP C 232 18.33 -27.07 -35.98
N ILE C 233 17.46 -26.14 -35.61
CA ILE C 233 17.05 -25.05 -36.51
C ILE C 233 18.16 -23.98 -36.63
N PRO C 234 18.51 -23.60 -37.86
CA PRO C 234 19.56 -22.59 -38.05
C PRO C 234 19.03 -21.17 -37.83
N PHE C 235 19.37 -20.58 -36.69
CA PHE C 235 18.89 -19.24 -36.34
C PHE C 235 19.62 -18.12 -37.08
N ASP C 236 20.80 -18.43 -37.61
CA ASP C 236 21.59 -17.44 -38.37
C ASP C 236 20.89 -17.09 -39.70
N ASP C 237 20.25 -18.08 -40.31
CA ASP C 237 19.53 -17.87 -41.56
C ASP C 237 18.15 -17.25 -41.34
N LEU C 238 17.53 -17.54 -40.19
CA LEU C 238 16.16 -17.09 -39.91
C LEU C 238 16.03 -15.60 -39.62
N GLY C 239 17.11 -14.95 -39.18
CA GLY C 239 17.03 -13.53 -38.83
C GLY C 239 18.36 -12.84 -38.58
N LEU C 240 18.28 -11.53 -38.30
CA LEU C 240 19.44 -10.70 -37.97
C LEU C 240 19.10 -9.75 -36.83
N GLN C 241 20.11 -9.06 -36.32
CA GLN C 241 19.95 -8.11 -35.22
C GLN C 241 20.76 -6.85 -35.49
N PHE C 242 20.23 -5.70 -35.06
CA PHE C 242 20.86 -4.40 -35.34
C PHE C 242 20.97 -3.52 -34.10
N THR C 243 21.88 -2.55 -34.16
CA THR C 243 22.04 -1.56 -33.10
C THR C 243 22.77 -0.32 -33.63
N THR C 244 22.36 0.86 -33.17
CA THR C 244 22.85 2.13 -33.70
C THR C 244 23.69 2.89 -32.68
N ARG C 245 24.12 4.09 -33.06
CA ARG C 245 24.99 4.92 -32.23
C ARG C 245 24.28 5.48 -31.00
N HIS C 246 23.05 5.96 -31.17
CA HIS C 246 22.31 6.60 -30.07
C HIS C 246 21.41 5.62 -29.30
N GLY C 247 21.92 4.41 -29.07
CA GLY C 247 21.24 3.43 -28.21
C GLY C 247 20.05 2.69 -28.79
N HIS C 248 19.69 3.01 -30.04
CA HIS C 248 18.54 2.36 -30.68
C HIS C 248 18.98 1.03 -31.27
N GLY C 249 18.07 0.05 -31.28
CA GLY C 249 18.38 -1.28 -31.81
C GLY C 249 17.13 -2.15 -31.95
N PHE C 250 17.22 -3.15 -32.80
CA PHE C 250 16.10 -4.07 -33.02
C PHE C 250 16.53 -5.39 -33.66
N GLY C 251 15.74 -6.43 -33.39
CA GLY C 251 15.92 -7.74 -34.02
C GLY C 251 14.89 -7.93 -35.13
N VAL C 252 15.16 -8.85 -36.04
CA VAL C 252 14.27 -9.12 -37.17
C VAL C 252 14.19 -10.61 -37.49
N ILE C 253 12.97 -11.10 -37.72
CA ILE C 253 12.73 -12.47 -38.16
C ILE C 253 12.27 -12.43 -39.61
N ASP C 254 12.91 -13.23 -40.46
CA ASP C 254 12.66 -13.18 -41.91
C ASP C 254 11.29 -13.74 -42.29
N ASN C 255 10.52 -12.93 -43.03
CA ASN C 255 9.19 -13.32 -43.53
C ASN C 255 8.24 -13.82 -42.43
N ALA C 256 8.30 -13.18 -41.27
CA ALA C 256 7.48 -13.56 -40.12
C ALA C 256 6.52 -12.44 -39.69
N ALA C 257 6.39 -11.40 -40.51
CA ALA C 257 5.58 -10.23 -40.17
C ALA C 257 4.22 -10.61 -39.58
N ALA C 258 3.43 -11.34 -40.35
CA ALA C 258 2.11 -11.80 -39.90
C ALA C 258 2.21 -13.20 -39.26
N GLY C 259 3.16 -13.36 -38.35
CA GLY C 259 3.40 -14.66 -37.72
C GLY C 259 2.38 -14.98 -36.63
N LEU C 260 2.19 -14.05 -35.71
CA LEU C 260 1.28 -14.25 -34.58
C LEU C 260 -0.20 -14.11 -34.95
N HIS C 261 -0.49 -13.39 -36.03
CA HIS C 261 -1.88 -13.18 -36.46
C HIS C 261 -2.49 -14.45 -37.03
N ILE C 262 -3.63 -14.85 -36.47
CA ILE C 262 -4.41 -15.97 -37.00
C ILE C 262 -5.18 -15.49 -38.22
N LYS C 263 -5.96 -14.42 -38.02
CA LYS C 263 -6.68 -13.76 -39.10
C LYS C 263 -5.82 -12.63 -39.64
N ARG C 264 -5.39 -12.75 -40.90
CA ARG C 264 -4.39 -11.85 -41.47
C ARG C 264 -4.53 -11.70 -42.99
N GLU C 265 -5.78 -11.60 -43.47
CA GLU C 265 -6.03 -11.43 -44.90
C GLU C 265 -5.71 -9.99 -45.34
N GLY C 266 -6.03 -9.02 -44.49
CA GLY C 266 -5.78 -7.61 -44.79
C GLY C 266 -4.32 -7.21 -44.63
N TRP C 267 -3.70 -7.66 -43.53
CA TRP C 267 -2.31 -7.28 -43.22
C TRP C 267 -1.30 -7.93 -44.15
N THR C 268 -1.50 -9.22 -44.47
CA THR C 268 -0.60 -9.95 -45.36
C THR C 268 -0.72 -9.45 -46.80
N LYS C 269 -1.96 -9.25 -47.26
CA LYS C 269 -2.22 -8.79 -48.62
C LYS C 269 -1.79 -7.33 -48.85
N PHE C 270 -1.74 -6.55 -47.77
CA PHE C 270 -1.21 -5.18 -47.82
C PHE C 270 0.30 -5.22 -48.09
N LEU C 271 1.00 -6.10 -47.39
CA LEU C 271 2.44 -6.27 -47.58
C LEU C 271 2.77 -6.80 -48.99
N GLU C 272 1.93 -7.72 -49.48
CA GLU C 272 2.11 -8.28 -50.83
C GLU C 272 1.93 -7.24 -51.93
N ASP C 273 1.05 -6.26 -51.69
CA ASP C 273 0.80 -5.19 -52.66
C ASP C 273 1.82 -4.05 -52.56
N THR C 274 2.41 -3.87 -51.37
CA THR C 274 3.31 -2.75 -51.11
C THR C 274 4.80 -3.12 -51.12
N ARG C 275 5.11 -4.42 -51.15
CA ARG C 275 6.51 -4.87 -51.16
C ARG C 275 7.27 -4.45 -52.42
N GLY C 276 6.58 -4.41 -53.56
CA GLY C 276 7.17 -4.00 -54.82
C GLY C 276 7.62 -2.54 -54.83
N GLU C 277 6.83 -1.69 -54.17
CA GLU C 277 7.16 -0.27 -54.05
C GLU C 277 8.34 -0.05 -53.11
N VAL C 278 8.41 -0.83 -52.04
CA VAL C 278 9.52 -0.76 -51.09
C VAL C 278 10.82 -1.27 -51.70
N ARG C 279 10.72 -2.27 -52.57
CA ARG C 279 11.88 -2.81 -53.28
C ARG C 279 12.47 -1.80 -54.26
N ARG C 280 11.61 -0.99 -54.87
CA ARG C 280 12.04 0.03 -55.83
C ARG C 280 12.70 1.21 -55.12
N LYS C 281 12.09 1.69 -54.05
CA LYS C 281 12.58 2.86 -53.32
CA LYS C 281 12.58 2.86 -53.31
C LYS C 281 13.82 2.53 -52.49
N PHE C 282 13.66 1.65 -51.51
CA PHE C 282 14.72 1.35 -50.55
C PHE C 282 15.61 0.14 -50.92
N GLY C 283 15.34 -0.47 -52.07
CA GLY C 283 16.14 -1.61 -52.54
C GLY C 283 15.75 -2.93 -51.89
N PRO C 284 16.38 -4.03 -52.32
CA PRO C 284 16.10 -5.37 -51.77
C PRO C 284 16.61 -5.57 -50.35
N GLU C 285 17.67 -4.87 -49.96
CA GLU C 285 18.23 -4.98 -48.61
C GLU C 285 17.25 -4.53 -47.52
N ARG C 286 16.43 -3.52 -47.82
CA ARG C 286 15.42 -3.04 -46.89
C ARG C 286 14.04 -3.66 -47.15
N GLU C 287 13.86 -4.27 -48.32
CA GLU C 287 12.67 -5.08 -48.61
C GLU C 287 12.63 -6.29 -47.67
N ARG C 288 13.79 -6.87 -47.42
CA ARG C 288 13.94 -8.00 -46.49
C ARG C 288 13.36 -7.66 -45.10
N LEU C 289 13.63 -6.45 -44.63
CA LEU C 289 13.12 -5.99 -43.35
C LEU C 289 11.61 -5.76 -43.39
N TYR C 290 11.14 -5.13 -44.46
CA TYR C 290 9.72 -4.79 -44.63
C TYR C 290 8.79 -6.01 -44.51
N LEU C 291 9.25 -7.17 -44.98
CA LEU C 291 8.46 -8.40 -44.90
C LEU C 291 8.66 -9.15 -43.57
N GLY C 292 9.75 -8.84 -42.86
CA GLY C 292 10.08 -9.52 -41.61
C GLY C 292 9.43 -8.94 -40.37
N HIS C 293 9.39 -9.73 -39.30
CA HIS C 293 8.84 -9.29 -38.02
C HIS C 293 9.92 -8.60 -37.20
N TRP C 294 9.68 -7.34 -36.86
CA TRP C 294 10.65 -6.54 -36.11
C TRP C 294 10.57 -6.83 -34.61
N ASN C 295 11.47 -6.20 -33.85
CA ASN C 295 11.59 -6.42 -32.43
C ASN C 295 12.46 -5.29 -31.86
N CYS C 296 11.84 -4.11 -31.72
CA CYS C 296 12.60 -2.86 -31.54
C CYS C 296 12.37 -2.16 -30.20
N SER C 297 13.35 -1.38 -29.79
CA SER C 297 13.19 -0.41 -28.73
C SER C 297 13.92 0.86 -29.09
N ILE C 298 13.22 1.98 -29.02
CA ILE C 298 13.86 3.26 -29.23
C ILE C 298 14.28 3.87 -27.92
N PHE C 299 15.57 4.14 -27.80
CA PHE C 299 16.13 4.68 -26.59
C PHE C 299 15.56 6.04 -26.24
N PRO C 300 14.99 6.15 -25.04
CA PRO C 300 15.30 5.25 -23.93
C PRO C 300 14.26 4.17 -23.78
N ASN C 301 12.99 4.56 -23.93
CA ASN C 301 11.91 3.94 -23.19
C ASN C 301 10.66 3.82 -24.03
N CYS C 302 10.86 3.81 -25.34
CA CYS C 302 9.81 3.38 -26.25
C CYS C 302 10.18 2.11 -26.95
N SER C 303 9.16 1.36 -27.30
CA SER C 303 9.32 0.06 -27.96
C SER C 303 8.09 -0.32 -28.78
N PHE C 304 8.30 -1.23 -29.73
CA PHE C 304 7.21 -1.73 -30.57
C PHE C 304 7.57 -3.04 -31.25
N LEU C 305 6.58 -3.64 -31.91
CA LEU C 305 6.76 -4.86 -32.68
C LEU C 305 6.06 -4.74 -34.04
N TYR C 306 6.81 -4.35 -35.07
CA TYR C 306 6.27 -4.29 -36.42
C TYR C 306 6.03 -5.71 -36.93
N GLY C 307 4.79 -5.98 -37.33
CA GLY C 307 4.35 -7.32 -37.69
C GLY C 307 3.15 -7.69 -36.85
N THR C 308 3.37 -7.88 -35.55
CA THR C 308 2.30 -8.06 -34.59
C THR C 308 1.58 -6.73 -34.34
N ASN C 309 2.31 -5.64 -34.57
CA ASN C 309 1.77 -4.28 -34.52
C ASN C 309 1.29 -3.86 -33.13
N THR C 310 2.19 -4.00 -32.15
CA THR C 310 1.98 -3.47 -30.80
C THR C 310 2.99 -2.36 -30.55
N PHE C 311 2.58 -1.33 -29.83
CA PHE C 311 3.42 -0.16 -29.58
C PHE C 311 3.35 0.22 -28.10
N LYS C 312 4.49 0.15 -27.41
CA LYS C 312 4.52 0.35 -25.95
C LYS C 312 5.52 1.42 -25.51
N ILE C 313 5.14 2.17 -24.49
CA ILE C 313 6.01 3.17 -23.87
C ILE C 313 6.09 2.90 -22.37
N TRP C 314 7.31 2.76 -21.85
CA TRP C 314 7.52 2.41 -20.45
C TRP C 314 7.77 3.68 -19.64
N HIS C 315 6.74 4.18 -18.97
CA HIS C 315 6.86 5.37 -18.12
C HIS C 315 7.29 4.97 -16.71
N PRO C 316 8.52 5.34 -16.32
CA PRO C 316 9.02 4.93 -15.00
C PRO C 316 8.36 5.69 -13.85
N ARG C 317 8.03 4.98 -12.78
CA ARG C 317 7.48 5.57 -11.56
C ARG C 317 8.38 5.19 -10.39
N GLY C 318 9.65 5.53 -10.52
CA GLY C 318 10.67 5.11 -9.56
C GLY C 318 11.51 3.97 -10.13
N PRO C 319 12.49 3.48 -9.36
CA PRO C 319 13.37 2.41 -9.82
C PRO C 319 12.71 1.03 -9.88
N HIS C 320 11.64 0.83 -9.12
CA HIS C 320 10.99 -0.49 -9.01
C HIS C 320 9.54 -0.50 -9.49
N GLU C 321 9.19 0.41 -10.41
CA GLU C 321 7.82 0.49 -10.91
C GLU C 321 7.74 1.27 -12.22
N ILE C 322 6.85 0.84 -13.12
CA ILE C 322 6.60 1.53 -14.39
C ILE C 322 5.12 1.50 -14.76
N GLU C 323 4.74 2.38 -15.68
CA GLU C 323 3.38 2.42 -16.22
C GLU C 323 3.42 2.20 -17.73
N VAL C 324 2.89 1.07 -18.18
CA VAL C 324 2.99 0.66 -19.58
C VAL C 324 1.79 1.15 -20.39
N TRP C 325 2.04 2.06 -21.33
CA TRP C 325 1.02 2.55 -22.26
C TRP C 325 1.12 1.77 -23.57
N THR C 326 0.07 0.98 -23.89
CA THR C 326 0.09 0.12 -25.06
C THR C 326 -0.80 0.65 -26.19
N TYR C 327 -0.20 1.32 -27.16
CA TYR C 327 -0.88 1.75 -28.37
C TYR C 327 -0.81 0.65 -29.43
N THR C 328 -1.53 0.84 -30.53
CA THR C 328 -1.51 -0.08 -31.67
C THR C 328 -1.03 0.65 -32.92
N ILE C 329 0.15 0.28 -33.40
CA ILE C 329 0.75 0.91 -34.59
C ILE C 329 0.25 0.22 -35.86
N VAL C 330 -0.44 0.97 -36.72
CA VAL C 330 -0.99 0.42 -37.97
C VAL C 330 -0.59 1.29 -39.17
N PRO C 331 -0.64 0.72 -40.39
CA PRO C 331 -0.33 1.51 -41.58
C PRO C 331 -1.42 2.53 -41.92
N ARG C 332 -1.02 3.67 -42.48
CA ARG C 332 -1.97 4.72 -42.88
C ARG C 332 -2.85 4.28 -44.05
N ASP C 333 -2.21 3.81 -45.12
CA ASP C 333 -2.91 3.50 -46.37
C ASP C 333 -3.74 2.21 -46.35
N ALA C 334 -3.65 1.44 -45.26
CA ALA C 334 -4.48 0.26 -45.08
C ALA C 334 -5.95 0.64 -44.92
N ASP C 335 -6.84 -0.29 -45.26
CA ASP C 335 -8.28 -0.06 -45.20
C ASP C 335 -8.76 -0.05 -43.74
N PRO C 336 -9.92 0.60 -43.47
CA PRO C 336 -10.49 0.65 -42.12
C PRO C 336 -10.69 -0.72 -41.48
N ALA C 337 -11.10 -1.71 -42.28
CA ALA C 337 -11.30 -3.07 -41.79
C ALA C 337 -9.97 -3.73 -41.40
N THR C 338 -8.91 -3.41 -42.14
CA THR C 338 -7.57 -3.93 -41.86
C THR C 338 -6.99 -3.32 -40.57
N LYS C 339 -7.21 -2.01 -40.39
CA LYS C 339 -6.74 -1.31 -39.19
C LYS C 339 -7.36 -1.89 -37.91
N SER C 340 -8.65 -2.19 -37.97
CA SER C 340 -9.36 -2.77 -36.83
C SER C 340 -8.97 -4.23 -36.58
N MET C 341 -8.67 -4.95 -37.67
CA MET C 341 -8.23 -6.35 -37.58
C MET C 341 -6.85 -6.43 -36.91
N ILE C 342 -5.95 -5.54 -37.31
CA ILE C 342 -4.62 -5.45 -36.71
C ILE C 342 -4.70 -5.08 -35.22
N GLN C 343 -5.65 -4.21 -34.88
CA GLN C 343 -5.85 -3.76 -33.50
C GLN C 343 -6.26 -4.91 -32.57
N ARG C 344 -7.22 -5.71 -33.02
CA ARG C 344 -7.73 -6.84 -32.22
C ARG C 344 -6.66 -7.92 -32.02
N GLU C 345 -5.90 -8.22 -33.07
CA GLU C 345 -4.85 -9.23 -33.00
C GLU C 345 -3.67 -8.78 -32.14
N ALA C 346 -3.34 -7.49 -32.20
CA ALA C 346 -2.25 -6.92 -31.42
C ALA C 346 -2.56 -6.92 -29.91
N ILE C 347 -3.82 -6.61 -29.58
CA ILE C 347 -4.27 -6.59 -28.18
C ILE C 347 -4.45 -8.01 -27.63
N ARG C 348 -4.93 -8.92 -28.48
CA ARG C 348 -5.10 -10.33 -28.09
C ARG C 348 -3.76 -11.00 -27.78
N THR C 349 -2.69 -10.54 -28.44
CA THR C 349 -1.36 -11.09 -28.25
C THR C 349 -0.56 -10.31 -27.19
N PHE C 350 -0.54 -8.98 -27.32
CA PHE C 350 0.31 -8.14 -26.47
C PHE C 350 -0.47 -7.03 -25.72
N GLY C 351 -1.74 -7.29 -25.40
CA GLY C 351 -2.54 -6.35 -24.63
C GLY C 351 -2.33 -6.50 -23.13
N THR C 352 -3.28 -5.98 -22.35
CA THR C 352 -3.24 -6.14 -20.90
C THR C 352 -3.49 -7.61 -20.54
N ALA C 353 -4.43 -8.24 -21.24
CA ALA C 353 -4.69 -9.67 -21.10
C ALA C 353 -4.22 -10.39 -22.37
N GLY C 354 -3.00 -10.08 -22.81
CA GLY C 354 -2.44 -10.69 -24.02
C GLY C 354 -2.06 -12.14 -23.80
N THR C 355 -2.13 -12.93 -24.86
CA THR C 355 -1.77 -14.35 -24.79
C THR C 355 -0.26 -14.56 -24.63
N LEU C 356 0.53 -13.56 -25.02
CA LEU C 356 1.99 -13.61 -24.85
C LEU C 356 2.42 -12.71 -23.70
N GLU C 357 2.00 -11.44 -23.74
CA GLU C 357 2.41 -10.44 -22.74
C GLU C 357 2.14 -10.87 -21.29
N SER C 358 1.07 -11.65 -21.08
CA SER C 358 0.73 -12.16 -19.75
C SER C 358 1.77 -13.13 -19.19
N ASP C 359 2.55 -13.77 -20.07
CA ASP C 359 3.62 -14.68 -19.65
C ASP C 359 4.83 -13.92 -19.11
N ASP C 360 5.10 -12.74 -19.68
CA ASP C 360 6.28 -11.95 -19.31
C ASP C 360 6.15 -11.22 -17.97
N GLY C 361 4.94 -11.17 -17.42
CA GLY C 361 4.67 -10.45 -16.17
C GLY C 361 5.70 -10.63 -15.07
N GLU C 362 5.97 -11.88 -14.72
CA GLU C 362 6.92 -12.20 -13.64
C GLU C 362 8.37 -12.01 -14.06
N ASN C 363 8.67 -12.26 -15.34
CA ASN C 363 10.04 -12.10 -15.86
C ASN C 363 10.57 -10.67 -15.71
N MET C 364 9.66 -9.69 -15.79
CA MET C 364 10.02 -8.29 -15.61
C MET C 364 10.18 -7.96 -14.12
N SER C 365 9.19 -8.36 -13.32
CA SER C 365 9.15 -8.02 -11.89
C SER C 365 10.19 -8.76 -11.06
N SER C 366 10.37 -10.05 -11.34
CA SER C 366 11.29 -10.89 -10.58
C SER C 366 12.76 -10.46 -10.74
N ALA C 367 13.12 -9.98 -11.92
CA ALA C 367 14.48 -9.50 -12.18
C ALA C 367 14.83 -8.27 -11.35
N THR C 368 13.83 -7.46 -11.03
CA THR C 368 14.03 -6.23 -10.25
C THR C 368 13.97 -6.51 -8.74
N TYR C 369 12.88 -7.14 -8.30
CA TYR C 369 12.61 -7.31 -6.86
C TYR C 369 13.43 -8.43 -6.18
N ILE C 370 14.16 -9.21 -6.96
CA ILE C 370 15.11 -10.18 -6.39
C ILE C 370 16.31 -9.46 -5.77
N ASN C 371 16.58 -8.24 -6.23
CA ASN C 371 17.67 -7.42 -5.70
C ASN C 371 17.34 -6.71 -4.38
N ARG C 372 16.26 -7.13 -3.72
CA ARG C 372 15.92 -6.61 -2.40
C ARG C 372 16.97 -7.01 -1.37
N GLY C 373 17.55 -8.20 -1.56
CA GLY C 373 18.66 -8.67 -0.73
C GLY C 373 19.95 -7.96 -1.05
N VAL C 374 20.81 -7.81 -0.04
CA VAL C 374 22.07 -7.06 -0.19
C VAL C 374 23.14 -7.86 -0.94
N ILE C 375 23.21 -9.17 -0.67
CA ILE C 375 24.18 -10.04 -1.32
C ILE C 375 23.82 -10.29 -2.78
N THR C 376 22.53 -10.31 -3.07
CA THR C 376 22.04 -10.50 -4.44
C THR C 376 22.38 -9.32 -5.34
N ARG C 377 22.06 -8.11 -4.89
CA ARG C 377 22.26 -6.89 -5.69
C ARG C 377 23.74 -6.60 -5.99
N ASN C 378 24.65 -7.15 -5.19
CA ASN C 378 26.09 -7.02 -5.43
C ASN C 378 26.61 -7.91 -6.58
N GLY C 379 25.77 -8.83 -7.05
CA GLY C 379 26.11 -9.68 -8.20
C GLY C 379 26.09 -8.93 -9.51
N ARG C 380 26.11 -9.67 -10.62
CA ARG C 380 26.13 -9.08 -11.95
C ARG C 380 25.24 -9.84 -12.94
N MET C 381 24.89 -9.16 -14.03
CA MET C 381 24.09 -9.74 -15.11
C MET C 381 24.96 -9.99 -16.33
N ASN C 382 24.58 -10.97 -17.14
CA ASN C 382 25.36 -11.38 -18.31
C ASN C 382 24.62 -11.09 -19.62
N SER C 383 25.24 -10.27 -20.46
CA SER C 383 24.74 -10.01 -21.81
C SER C 383 25.87 -10.27 -22.82
N THR C 384 26.26 -11.53 -22.95
CA THR C 384 27.42 -11.92 -23.77
C THR C 384 27.08 -12.98 -24.84
N MET C 385 25.81 -13.08 -25.21
CA MET C 385 25.38 -14.06 -26.21
C MET C 385 25.76 -13.59 -27.62
N GLY C 386 26.80 -14.20 -28.18
CA GLY C 386 27.27 -13.87 -29.53
C GLY C 386 28.19 -12.67 -29.58
N VAL C 387 29.06 -12.54 -28.57
CA VAL C 387 30.08 -11.49 -28.56
C VAL C 387 31.18 -11.82 -29.55
N GLY C 388 31.58 -10.84 -30.36
CA GLY C 388 32.57 -11.04 -31.42
C GLY C 388 31.92 -11.32 -32.76
N TYR C 389 30.84 -12.11 -32.75
CA TYR C 389 30.09 -12.43 -33.96
C TYR C 389 29.18 -11.27 -34.35
N GLU C 390 29.80 -10.16 -34.75
CA GLU C 390 29.09 -8.91 -35.04
C GLU C 390 30.08 -7.87 -35.58
N GLY C 391 29.55 -6.77 -36.11
CA GLY C 391 30.39 -5.68 -36.61
C GLY C 391 29.70 -4.81 -37.65
N PRO C 392 30.43 -3.85 -38.23
CA PRO C 392 29.90 -2.99 -39.28
C PRO C 392 29.56 -3.75 -40.56
N HIS C 393 28.33 -3.61 -41.02
CA HIS C 393 27.86 -4.26 -42.25
C HIS C 393 28.13 -3.33 -43.44
N PRO C 394 28.54 -3.88 -44.59
CA PRO C 394 28.78 -3.03 -45.76
C PRO C 394 27.55 -2.21 -46.20
N VAL C 395 26.40 -2.88 -46.31
CA VAL C 395 25.16 -2.22 -46.73
C VAL C 395 24.48 -1.50 -45.57
N TYR C 396 24.15 -2.26 -44.52
CA TYR C 396 23.41 -1.73 -43.38
C TYR C 396 24.30 -0.85 -42.49
N PRO C 397 23.78 0.32 -42.06
CA PRO C 397 24.56 1.20 -41.18
C PRO C 397 24.57 0.70 -39.73
N GLY C 398 25.49 1.22 -38.93
CA GLY C 398 25.63 0.82 -37.53
C GLY C 398 26.29 -0.53 -37.38
N ILE C 399 25.98 -1.21 -36.28
CA ILE C 399 26.52 -2.54 -36.00
C ILE C 399 25.42 -3.60 -36.14
N VAL C 400 25.76 -4.73 -36.75
CA VAL C 400 24.80 -5.80 -37.01
C VAL C 400 25.28 -7.13 -36.39
N GLY C 401 24.32 -7.95 -35.97
CA GLY C 401 24.60 -9.29 -35.44
C GLY C 401 24.20 -10.38 -36.40
N ILE C 402 24.59 -11.61 -36.11
CA ILE C 402 24.30 -12.75 -37.00
C ILE C 402 22.85 -13.20 -36.89
N SER C 403 22.37 -13.42 -35.67
CA SER C 403 21.04 -13.95 -35.42
C SER C 403 20.20 -13.01 -34.57
N PHE C 404 18.88 -13.12 -34.72
CA PHE C 404 17.95 -12.34 -33.89
C PHE C 404 17.96 -12.85 -32.44
N ILE C 405 18.20 -14.14 -32.26
CA ILE C 405 18.45 -14.70 -30.93
C ILE C 405 19.89 -14.39 -30.54
N GLY C 406 20.09 -13.17 -30.05
CA GLY C 406 21.41 -12.69 -29.66
C GLY C 406 21.29 -11.48 -28.74
N GLU C 407 22.43 -11.03 -28.22
CA GLU C 407 22.47 -9.90 -27.29
C GLU C 407 23.36 -8.78 -27.81
N THR C 408 23.31 -8.55 -29.13
CA THR C 408 24.02 -7.44 -29.76
C THR C 408 23.34 -6.11 -29.40
N SER C 409 22.01 -6.09 -29.43
CA SER C 409 21.24 -4.92 -29.05
C SER C 409 21.34 -4.66 -27.54
N TYR C 410 21.43 -5.72 -26.75
CA TYR C 410 21.67 -5.62 -25.31
C TYR C 410 22.96 -4.84 -25.03
N ARG C 411 24.05 -5.28 -25.65
CA ARG C 411 25.34 -4.61 -25.51
C ARG C 411 25.29 -3.16 -25.98
N GLY C 412 24.65 -2.93 -27.13
CA GLY C 412 24.51 -1.59 -27.68
C GLY C 412 23.62 -0.67 -26.86
N PHE C 413 22.62 -1.25 -26.19
CA PHE C 413 21.71 -0.48 -25.33
C PHE C 413 22.43 0.07 -24.11
N TYR C 414 23.10 -0.83 -23.38
CA TYR C 414 23.82 -0.44 -22.15
C TYR C 414 25.11 0.34 -22.42
N ARG C 415 25.63 0.26 -23.64
CA ARG C 415 26.81 1.02 -24.03
C ARG C 415 26.50 2.52 -24.11
N PHE C 416 25.42 2.85 -24.83
CA PHE C 416 24.97 4.24 -24.94
C PHE C 416 24.38 4.73 -23.60
N TRP C 417 23.76 3.81 -22.87
CA TRP C 417 23.25 4.10 -21.52
C TRP C 417 24.39 4.54 -20.60
N LYS C 418 25.50 3.81 -20.64
CA LYS C 418 26.69 4.13 -19.86
C LYS C 418 27.26 5.49 -20.26
N GLU C 419 27.24 5.79 -21.56
CA GLU C 419 27.76 7.04 -22.08
C GLU C 419 26.93 8.25 -21.62
N MET C 420 25.61 8.11 -21.67
CA MET C 420 24.70 9.17 -21.21
C MET C 420 24.83 9.42 -19.71
N ILE C 421 25.01 8.36 -18.94
CA ILE C 421 25.17 8.44 -17.49
C ILE C 421 26.50 9.11 -17.09
N ASP C 422 27.54 8.90 -17.89
CA ASP C 422 28.86 9.46 -17.61
C ASP C 422 29.01 10.91 -18.09
N ALA C 423 28.38 11.24 -19.21
CA ALA C 423 28.52 12.57 -19.81
C ALA C 423 27.75 13.63 -19.01
N PRO C 424 28.41 14.74 -18.65
CA PRO C 424 27.72 15.84 -17.95
C PRO C 424 26.83 16.66 -18.88
N ASP C 425 27.24 16.81 -20.14
CA ASP C 425 26.46 17.53 -21.15
C ASP C 425 26.52 16.80 -22.50
N TRP C 426 25.76 17.32 -23.47
CA TRP C 426 25.74 16.73 -24.82
C TRP C 426 27.06 16.87 -25.56
N ALA C 427 27.84 17.91 -25.23
CA ALA C 427 29.16 18.13 -25.85
C ALA C 427 30.11 16.96 -25.63
N SER C 428 30.03 16.34 -24.45
CA SER C 428 30.83 15.16 -24.13
C SER C 428 30.36 13.94 -24.92
N VAL C 429 29.05 13.83 -25.13
CA VAL C 429 28.47 12.75 -25.94
C VAL C 429 28.78 12.98 -27.42
N LYS C 430 28.61 14.23 -27.87
CA LYS C 430 28.89 14.60 -29.27
C LYS C 430 30.38 14.46 -29.64
N ALA C 431 31.26 14.48 -28.65
CA ALA C 431 32.70 14.30 -28.88
C ALA C 431 33.04 12.89 -29.37
N ASN C 432 32.30 11.90 -28.91
CA ASN C 432 32.55 10.49 -29.27
C ASN C 432 31.60 9.97 -30.35
N ASP C 433 31.41 10.76 -31.40
CA ASP C 433 30.61 10.34 -32.55
C ASP C 433 31.41 9.45 -33.50
N ASP C 434 32.72 9.67 -33.55
CA ASP C 434 33.62 8.91 -34.43
C ASP C 434 34.33 7.75 -33.73
N THR C 435 33.96 7.49 -32.46
CA THR C 435 34.60 6.43 -31.68
C THR C 435 33.62 5.74 -30.72
N TRP C 436 32.39 5.52 -31.19
CA TRP C 436 31.35 4.89 -30.37
C TRP C 436 31.39 3.36 -30.47
N ASP C 437 31.75 2.84 -31.65
CA ASP C 437 31.74 1.40 -31.90
C ASP C 437 33.12 0.75 -31.75
N SER C 438 33.96 1.32 -30.88
CA SER C 438 35.28 0.77 -30.59
C SER C 438 35.18 -0.47 -29.69
N VAL C 439 34.09 -0.58 -28.94
CA VAL C 439 33.85 -1.74 -28.08
C VAL C 439 33.64 -3.04 -28.86
N PHE C 440 33.16 -2.91 -30.09
CA PHE C 440 33.05 -4.04 -31.01
C PHE C 440 34.37 -4.20 -31.78
N PRO C 441 35.15 -5.24 -31.46
CA PRO C 441 36.50 -5.35 -31.99
C PRO C 441 36.57 -5.82 -33.45
N ASN C 442 35.75 -6.80 -33.81
CA ASN C 442 35.82 -7.41 -35.14
C ASN C 442 35.20 -6.52 -36.21
N ARG C 443 36.03 -5.70 -36.86
CA ARG C 443 35.59 -4.81 -37.94
C ARG C 443 35.40 -5.57 -39.25
N ASN C 444 36.37 -6.44 -39.57
CA ASN C 444 36.33 -7.23 -40.81
C ASN C 444 35.62 -8.57 -40.60
N PHE C 445 34.40 -8.51 -40.05
CA PHE C 445 33.58 -9.69 -39.81
C PHE C 445 32.69 -9.96 -41.01
N TRP C 446 31.90 -8.95 -41.40
CA TRP C 446 30.98 -9.06 -42.53
C TRP C 446 31.69 -9.07 -43.88
N ASN C 447 32.89 -8.48 -43.93
CA ASN C 447 33.70 -8.50 -45.15
C ASN C 447 34.21 -9.91 -45.47
N GLU C 448 34.56 -10.66 -44.43
CA GLU C 448 35.03 -12.04 -44.58
C GLU C 448 33.87 -13.04 -44.68
N LYS C 449 32.78 -12.76 -43.96
CA LYS C 449 31.61 -13.65 -43.96
C LYS C 449 30.93 -13.71 -45.33
N LEU C 450 30.78 -12.55 -45.96
CA LEU C 450 30.16 -12.47 -47.29
C LEU C 450 31.06 -13.04 -48.39
N ASN C 451 32.37 -12.98 -48.18
CA ASN C 451 33.34 -13.55 -49.12
C ASN C 451 33.48 -15.05 -48.92
N GLN D 5 -37.48 -2.88 -20.06
CA GLN D 5 -37.60 -4.35 -19.83
C GLN D 5 -38.16 -4.62 -18.43
N ILE D 6 -38.99 -5.65 -18.32
CA ILE D 6 -39.57 -6.04 -17.03
C ILE D 6 -38.58 -6.94 -16.27
N PRO D 7 -38.46 -6.72 -14.94
CA PRO D 7 -37.64 -7.63 -14.11
C PRO D 7 -38.14 -9.07 -14.12
N VAL D 8 -37.21 -10.02 -13.99
CA VAL D 8 -37.55 -11.45 -13.99
C VAL D 8 -38.21 -11.87 -12.68
N THR D 9 -38.86 -13.02 -12.69
CA THR D 9 -39.53 -13.57 -11.51
C THR D 9 -38.51 -14.13 -10.52
N PRO D 10 -38.89 -14.26 -9.23
CA PRO D 10 -38.00 -14.82 -8.20
C PRO D 10 -37.41 -16.19 -8.54
N ASP D 11 -38.21 -17.05 -9.17
CA ASP D 11 -37.75 -18.39 -9.55
C ASP D 11 -36.69 -18.34 -10.65
N VAL D 12 -36.89 -17.45 -11.63
CA VAL D 12 -35.93 -17.27 -12.72
C VAL D 12 -34.64 -16.60 -12.24
N HIS D 13 -34.78 -15.63 -11.33
CA HIS D 13 -33.64 -14.93 -10.75
C HIS D 13 -32.70 -15.88 -9.99
N TYR D 14 -33.29 -16.87 -9.33
CA TYR D 14 -32.51 -17.88 -8.60
C TYR D 14 -31.67 -18.75 -9.54
N ASP D 15 -32.27 -19.16 -10.66
CA ASP D 15 -31.58 -20.00 -11.65
C ASP D 15 -30.40 -19.27 -12.30
N ILE D 16 -30.54 -17.96 -12.48
CA ILE D 16 -29.46 -17.13 -13.02
C ILE D 16 -28.35 -16.94 -11.98
N GLU D 17 -28.74 -16.77 -10.72
CA GLU D 17 -27.79 -16.70 -9.61
C GLU D 17 -27.03 -18.01 -9.48
N ALA D 18 -27.76 -19.13 -9.50
CA ALA D 18 -27.16 -20.46 -9.43
C ALA D 18 -26.27 -20.76 -10.64
N HIS D 19 -26.64 -20.21 -11.80
CA HIS D 19 -25.84 -20.35 -13.01
C HIS D 19 -24.50 -19.62 -12.88
N TYR D 20 -24.53 -18.39 -12.33
CA TYR D 20 -23.31 -17.62 -12.11
C TYR D 20 -22.45 -18.20 -10.99
N ARG D 21 -23.08 -18.75 -9.95
CA ARG D 21 -22.36 -19.41 -8.86
C ARG D 21 -21.57 -20.61 -9.37
N ALA D 22 -22.21 -21.41 -10.23
CA ALA D 22 -21.54 -22.54 -10.87
C ALA D 22 -20.44 -22.05 -11.81
N GLU D 23 -20.73 -21.00 -12.57
CA GLU D 23 -19.77 -20.41 -13.51
C GLU D 23 -18.51 -19.92 -12.80
N VAL D 24 -18.68 -19.30 -11.64
CA VAL D 24 -17.56 -18.83 -10.83
C VAL D 24 -16.71 -20.00 -10.32
N ARG D 25 -17.37 -21.08 -9.90
CA ARG D 25 -16.67 -22.28 -9.42
C ARG D 25 -15.78 -22.90 -10.50
N MET D 26 -16.23 -22.84 -11.76
CA MET D 26 -15.49 -23.39 -12.89
CA MET D 26 -15.48 -23.40 -12.87
C MET D 26 -14.23 -22.57 -13.18
N PHE D 27 -14.31 -21.26 -12.94
CA PHE D 27 -13.14 -20.38 -13.11
C PHE D 27 -12.12 -20.63 -12.01
N GLN D 28 -12.60 -20.78 -10.78
CA GLN D 28 -11.72 -20.98 -9.62
C GLN D 28 -11.07 -22.36 -9.63
N THR D 29 -11.83 -23.40 -9.99
CA THR D 29 -11.30 -24.75 -10.07
C THR D 29 -10.42 -24.97 -11.31
N GLY D 30 -10.59 -24.11 -12.32
CA GLY D 30 -9.80 -24.20 -13.55
C GLY D 30 -10.38 -25.16 -14.56
N GLN D 31 -11.71 -25.14 -14.68
CA GLN D 31 -12.42 -25.97 -15.66
C GLN D 31 -12.93 -25.08 -16.80
N TYR D 32 -11.99 -24.52 -17.55
CA TYR D 32 -12.29 -23.56 -18.61
C TYR D 32 -12.91 -24.19 -19.86
N ARG D 33 -12.52 -25.44 -20.15
CA ARG D 33 -13.06 -26.16 -21.30
C ARG D 33 -14.53 -26.52 -21.11
N GLU D 34 -14.87 -27.00 -19.91
CA GLU D 34 -16.24 -27.35 -19.56
C GLU D 34 -17.12 -26.11 -19.52
N TRP D 35 -16.56 -24.99 -19.09
CA TRP D 35 -17.22 -23.70 -19.16
C TRP D 35 -17.57 -23.34 -20.59
N LEU D 36 -16.56 -23.32 -21.45
CA LEU D 36 -16.75 -22.89 -22.82
C LEU D 36 -17.82 -23.70 -23.51
N GLN D 37 -17.94 -24.97 -23.15
CA GLN D 37 -18.91 -25.83 -23.77
C GLN D 37 -20.30 -25.63 -23.25
N GLY D 38 -20.43 -25.63 -21.92
CA GLY D 38 -21.73 -25.60 -21.29
C GLY D 38 -22.29 -24.21 -21.16
N MET D 39 -21.41 -23.21 -21.13
CA MET D 39 -22.01 -22.10 -20.31
CA MET D 39 -22.04 -22.10 -20.33
C MET D 39 -21.86 -20.97 -21.33
N VAL D 40 -21.13 -21.21 -22.41
CA VAL D 40 -20.90 -20.18 -23.43
C VAL D 40 -21.51 -20.57 -24.77
N ALA D 41 -22.24 -19.63 -25.38
CA ALA D 41 -22.84 -19.83 -26.70
C ALA D 41 -21.76 -19.70 -27.78
N GLU D 42 -22.01 -20.29 -28.95
CA GLU D 42 -21.04 -20.30 -30.03
C GLU D 42 -20.98 -19.00 -30.84
N ASP D 43 -21.95 -18.11 -30.62
CA ASP D 43 -21.94 -16.77 -31.23
C ASP D 43 -21.61 -15.70 -30.17
N ILE D 44 -20.81 -16.08 -29.18
CA ILE D 44 -20.44 -15.19 -28.08
C ILE D 44 -19.58 -14.02 -28.56
N HIS D 45 -19.81 -12.85 -27.97
CA HIS D 45 -18.94 -11.68 -28.19
C HIS D 45 -18.39 -11.21 -26.85
N TYR D 46 -17.22 -11.74 -26.49
CA TYR D 46 -16.56 -11.39 -25.24
C TYR D 46 -15.88 -10.04 -25.41
N TRP D 47 -16.39 -9.02 -24.72
CA TRP D 47 -15.98 -7.64 -24.95
C TRP D 47 -15.64 -6.92 -23.65
N MET D 48 -14.47 -6.29 -23.61
CA MET D 48 -14.06 -5.44 -22.50
C MET D 48 -13.46 -4.15 -23.05
N PRO D 49 -14.26 -3.09 -23.15
CA PRO D 49 -13.79 -1.86 -23.80
C PRO D 49 -12.83 -1.05 -22.95
N ILE D 50 -11.93 -0.32 -23.63
CA ILE D 50 -10.99 0.58 -22.96
C ILE D 50 -11.65 1.96 -22.83
N TYR D 51 -12.29 2.20 -21.68
CA TYR D 51 -12.95 3.48 -21.43
C TYR D 51 -11.91 4.56 -21.13
N GLU D 52 -12.22 5.79 -21.56
CA GLU D 52 -11.28 6.90 -21.50
C GLU D 52 -11.78 8.02 -20.60
N GLN D 53 -10.84 8.66 -19.90
CA GLN D 53 -11.17 9.79 -19.04
C GLN D 53 -11.37 11.05 -19.88
N ARG D 54 -12.63 11.43 -20.07
CA ARG D 54 -13.00 12.58 -20.88
C ARG D 54 -13.80 13.59 -20.07
N LEU D 55 -13.76 14.86 -20.49
CA LEU D 55 -14.53 15.91 -19.84
C LEU D 55 -16.02 15.73 -20.12
N THR D 56 -16.85 16.29 -19.24
CA THR D 56 -18.31 16.19 -19.37
C THR D 56 -18.83 16.94 -20.59
N ARG D 57 -18.18 18.06 -20.95
CA ARG D 57 -18.57 18.85 -22.11
C ARG D 57 -18.26 18.15 -23.44
N ASP D 58 -17.32 17.21 -23.40
CA ASP D 58 -16.99 16.40 -24.58
C ASP D 58 -18.15 15.47 -24.91
N ARG D 59 -18.65 15.54 -26.14
CA ARG D 59 -19.80 14.75 -26.58
C ARG D 59 -19.43 13.77 -27.70
N ARG D 60 -18.39 12.98 -27.47
CA ARG D 60 -18.05 11.87 -28.34
C ARG D 60 -18.85 10.64 -27.92
N PRO D 61 -19.13 9.71 -28.85
CA PRO D 61 -19.90 8.52 -28.52
C PRO D 61 -19.10 7.52 -27.68
N ASP D 62 -19.80 6.60 -27.02
CA ASP D 62 -19.15 5.59 -26.18
C ASP D 62 -18.35 4.60 -27.03
N PRO D 63 -17.35 3.97 -26.44
CA PRO D 63 -16.52 3.02 -27.18
C PRO D 63 -17.34 1.95 -27.86
N THR D 64 -16.88 1.47 -29.01
CA THR D 64 -17.58 0.42 -29.73
C THR D 64 -16.67 -0.71 -30.17
N PRO D 65 -17.28 -1.84 -30.47
CA PRO D 65 -16.55 -3.11 -30.54
C PRO D 65 -15.59 -3.09 -31.71
N ASP D 66 -15.27 -1.89 -32.17
CA ASP D 66 -14.29 -1.76 -33.23
C ASP D 66 -13.40 -0.57 -32.92
N ASP D 67 -13.55 -0.07 -31.71
CA ASP D 67 -12.50 0.70 -31.07
C ASP D 67 -11.59 -0.20 -30.24
N ALA D 68 -10.56 0.41 -29.66
CA ALA D 68 -9.69 -0.32 -28.76
C ALA D 68 -10.43 -1.04 -27.64
N ALA D 69 -10.00 -2.25 -27.36
CA ALA D 69 -10.60 -3.03 -26.27
C ALA D 69 -9.66 -4.15 -25.83
N ILE D 70 -9.64 -4.43 -24.53
CA ILE D 70 -8.79 -5.48 -23.96
C ILE D 70 -9.25 -6.86 -24.44
N TYR D 71 -10.55 -7.10 -24.32
CA TYR D 71 -11.18 -8.30 -24.87
C TYR D 71 -12.09 -7.88 -26.02
N ASN D 72 -12.07 -8.65 -27.09
CA ASN D 72 -12.92 -8.39 -28.26
C ASN D 72 -12.99 -9.66 -29.12
N ASP D 73 -13.42 -10.76 -28.49
CA ASP D 73 -13.26 -12.09 -29.05
C ASP D 73 -14.58 -12.73 -29.46
N ASP D 74 -14.49 -13.68 -30.40
CA ASP D 74 -15.60 -14.56 -30.73
C ASP D 74 -15.36 -15.91 -30.04
N PHE D 75 -16.19 -16.91 -30.33
CA PHE D 75 -16.06 -18.23 -29.70
C PHE D 75 -14.72 -18.91 -30.04
N GLY D 76 -14.30 -18.80 -31.30
CA GLY D 76 -13.04 -19.38 -31.75
C GLY D 76 -11.82 -18.76 -31.09
N GLU D 77 -11.88 -17.45 -30.85
CA GLU D 77 -10.79 -16.73 -30.19
C GLU D 77 -10.83 -16.89 -28.67
N LEU D 78 -11.98 -17.26 -28.12
CA LEU D 78 -12.08 -17.62 -26.71
C LEU D 78 -11.47 -19.00 -26.44
N LYS D 79 -11.62 -19.91 -27.41
CA LYS D 79 -10.95 -21.23 -27.35
C LYS D 79 -9.43 -21.07 -27.29
N GLN D 80 -8.90 -20.14 -28.09
CA GLN D 80 -7.47 -19.85 -28.10
C GLN D 80 -6.98 -19.42 -26.71
N ARG D 81 -7.78 -18.60 -26.02
CA ARG D 81 -7.44 -18.13 -24.69
C ARG D 81 -7.55 -19.24 -23.63
N VAL D 82 -8.52 -20.14 -23.82
CA VAL D 82 -8.73 -21.26 -22.90
C VAL D 82 -7.66 -22.34 -23.07
N GLU D 83 -7.28 -22.63 -24.31
CA GLU D 83 -6.29 -23.66 -24.62
C GLU D 83 -4.88 -23.31 -24.16
N ARG D 84 -4.60 -22.01 -23.98
CA ARG D 84 -3.32 -21.56 -23.42
C ARG D 84 -3.15 -22.04 -21.98
N LEU D 85 -4.23 -21.98 -21.21
CA LEU D 85 -4.21 -22.40 -19.80
C LEU D 85 -4.13 -23.91 -19.63
N TYR D 86 -4.72 -24.66 -20.57
CA TYR D 86 -4.75 -26.13 -20.49
C TYR D 86 -3.47 -26.78 -21.01
N SER D 87 -3.32 -26.85 -22.33
CA SER D 87 -2.22 -27.56 -22.96
C SER D 87 -0.89 -26.84 -22.86
N GLY D 88 -0.95 -25.51 -22.68
CA GLY D 88 0.26 -24.69 -22.63
C GLY D 88 1.04 -24.84 -21.34
N GLN D 89 2.37 -24.69 -21.44
CA GLN D 89 3.26 -24.76 -20.29
C GLN D 89 3.66 -23.36 -19.86
N VAL D 90 2.70 -22.63 -19.29
CA VAL D 90 2.94 -21.29 -18.77
C VAL D 90 3.66 -21.38 -17.43
N TRP D 91 4.77 -20.67 -17.29
CA TRP D 91 5.63 -20.78 -16.11
C TRP D 91 5.15 -19.92 -14.95
N MET D 92 4.41 -18.87 -15.26
CA MET D 92 3.80 -18.00 -14.27
C MET D 92 2.71 -18.74 -13.54
N GLU D 93 2.29 -19.87 -14.11
CA GLU D 93 1.25 -20.66 -13.51
C GLU D 93 1.74 -21.94 -12.89
N ASP D 94 3.06 -22.07 -12.75
CA ASP D 94 3.63 -23.07 -11.87
C ASP D 94 4.16 -22.47 -10.59
N PRO D 95 3.33 -22.48 -9.56
CA PRO D 95 2.03 -23.12 -9.66
C PRO D 95 0.94 -22.13 -10.05
N PRO D 96 -0.18 -22.66 -10.52
CA PRO D 96 -1.33 -21.87 -10.91
C PRO D 96 -1.75 -20.90 -9.83
N SER D 97 -2.15 -19.70 -10.24
CA SER D 97 -2.40 -18.62 -9.31
C SER D 97 -3.84 -18.64 -8.87
N LYS D 98 -4.07 -18.23 -7.63
CA LYS D 98 -5.37 -18.36 -7.02
C LYS D 98 -6.27 -17.20 -7.42
N ILE D 99 -7.52 -17.48 -7.74
CA ILE D 99 -8.47 -16.40 -8.01
C ILE D 99 -9.76 -16.67 -7.25
N ARG D 100 -10.47 -15.61 -6.88
CA ARG D 100 -11.71 -15.74 -6.12
C ARG D 100 -12.67 -14.60 -6.45
N TYR D 101 -13.83 -14.95 -7.01
CA TYR D 101 -14.83 -13.98 -7.44
C TYR D 101 -15.87 -13.77 -6.35
N PHE D 102 -16.43 -12.57 -6.30
CA PHE D 102 -17.52 -12.25 -5.38
C PHE D 102 -18.62 -11.52 -6.14
N VAL D 103 -19.47 -12.29 -6.82
CA VAL D 103 -20.55 -11.74 -7.64
C VAL D 103 -21.66 -11.21 -6.74
N SER D 104 -22.10 -9.98 -7.02
CA SER D 104 -23.16 -9.33 -6.25
CA SER D 104 -23.16 -9.33 -6.25
C SER D 104 -23.99 -8.41 -7.14
N ASN D 105 -25.16 -8.02 -6.63
CA ASN D 105 -26.06 -7.10 -7.33
C ASN D 105 -26.59 -7.65 -8.65
N VAL D 106 -26.88 -8.95 -8.69
CA VAL D 106 -27.36 -9.62 -9.90
C VAL D 106 -28.82 -9.25 -10.15
N GLU D 107 -29.07 -8.59 -11.28
CA GLU D 107 -30.42 -8.16 -11.66
C GLU D 107 -30.72 -8.57 -13.11
N ALA D 108 -31.70 -9.45 -13.29
CA ALA D 108 -32.08 -9.96 -14.60
C ALA D 108 -33.34 -9.29 -15.12
N PHE D 109 -33.44 -9.17 -16.44
CA PHE D 109 -34.61 -8.58 -17.10
C PHE D 109 -34.94 -9.35 -18.38
N GLU D 110 -36.23 -9.52 -18.65
CA GLU D 110 -36.69 -10.21 -19.85
C GLU D 110 -36.49 -9.33 -21.09
N ALA D 111 -35.52 -9.70 -21.93
CA ALA D 111 -35.23 -8.95 -23.15
C ALA D 111 -36.27 -9.24 -24.23
N GLY D 112 -36.43 -10.53 -24.54
CA GLY D 112 -37.38 -10.98 -25.57
C GLY D 112 -36.87 -12.18 -26.34
N ASN D 113 -37.80 -13.02 -26.79
CA ASN D 113 -37.46 -14.24 -27.55
C ASN D 113 -36.61 -15.22 -26.72
N GLY D 114 -36.95 -15.36 -25.44
CA GLY D 114 -36.23 -16.26 -24.54
C GLY D 114 -34.81 -15.80 -24.23
N GLU D 115 -34.63 -14.49 -24.06
CA GLU D 115 -33.33 -13.90 -23.75
C GLU D 115 -33.43 -13.04 -22.50
N LEU D 116 -32.32 -12.89 -21.79
CA LEU D 116 -32.31 -12.21 -20.49
C LEU D 116 -31.17 -11.19 -20.38
N ASP D 117 -31.52 -9.92 -20.27
CA ASP D 117 -30.54 -8.86 -19.99
C ASP D 117 -30.19 -8.90 -18.50
N VAL D 118 -28.93 -9.18 -18.20
CA VAL D 118 -28.49 -9.36 -16.81
C VAL D 118 -27.34 -8.40 -16.46
N LEU D 119 -27.55 -7.61 -15.40
CA LEU D 119 -26.51 -6.71 -14.88
C LEU D 119 -26.03 -7.24 -13.54
N SER D 120 -24.73 -7.11 -13.28
CA SER D 120 -24.14 -7.60 -12.03
C SER D 120 -22.78 -6.99 -11.73
N ASN D 121 -22.45 -6.88 -10.44
CA ASN D 121 -21.14 -6.41 -9.99
C ASN D 121 -20.24 -7.59 -9.66
N ILE D 122 -18.96 -7.49 -10.03
CA ILE D 122 -18.00 -8.57 -9.83
C ILE D 122 -16.73 -8.03 -9.16
N LEU D 123 -16.32 -8.68 -8.06
CA LEU D 123 -15.10 -8.34 -7.35
C LEU D 123 -14.12 -9.52 -7.40
N VAL D 124 -13.07 -9.39 -8.19
CA VAL D 124 -12.08 -10.45 -8.36
C VAL D 124 -10.88 -10.23 -7.45
N TYR D 125 -10.58 -11.23 -6.63
CA TYR D 125 -9.40 -11.21 -5.76
C TYR D 125 -8.41 -12.28 -6.20
N ARG D 126 -7.20 -11.85 -6.58
CA ARG D 126 -6.18 -12.75 -7.10
C ARG D 126 -4.99 -12.82 -6.15
N ASN D 127 -4.48 -14.02 -5.92
CA ASN D 127 -3.30 -14.24 -5.10
C ASN D 127 -2.32 -15.20 -5.79
N ARG D 128 -1.03 -14.91 -5.67
CA ARG D 128 0.01 -15.75 -6.25
C ARG D 128 1.33 -15.59 -5.50
N ARG D 129 2.18 -16.62 -5.60
CA ARG D 129 3.49 -16.64 -4.93
C ARG D 129 3.36 -16.43 -3.41
N GLN D 130 4.23 -15.61 -2.82
CA GLN D 130 4.28 -15.45 -1.37
C GLN D 130 3.36 -14.35 -0.86
N THR D 131 3.60 -13.12 -1.32
CA THR D 131 2.90 -11.94 -0.81
C THR D 131 2.23 -11.08 -1.90
N GLU D 132 2.12 -11.61 -3.12
CA GLU D 132 1.54 -10.85 -4.23
C GLU D 132 0.02 -10.95 -4.22
N VAL D 133 -0.64 -9.80 -4.12
CA VAL D 133 -2.10 -9.72 -4.10
C VAL D 133 -2.60 -8.55 -4.95
N THR D 134 -3.62 -8.80 -5.77
CA THR D 134 -4.23 -7.76 -6.61
C THR D 134 -5.75 -7.89 -6.60
N VAL D 135 -6.43 -6.74 -6.64
CA VAL D 135 -7.89 -6.69 -6.59
C VAL D 135 -8.44 -5.98 -7.83
N HIS D 136 -9.58 -6.47 -8.33
CA HIS D 136 -10.25 -5.85 -9.48
C HIS D 136 -11.76 -5.82 -9.27
N THR D 137 -12.35 -4.65 -9.51
CA THR D 137 -13.81 -4.48 -9.47
C THR D 137 -14.30 -4.06 -10.85
N LEU D 138 -15.39 -4.69 -11.30
CA LEU D 138 -15.91 -4.44 -12.65
C LEU D 138 -17.41 -4.77 -12.77
N GLY D 139 -18.09 -4.04 -13.64
CA GLY D 139 -19.51 -4.27 -13.93
C GLY D 139 -19.69 -5.13 -15.15
N ARG D 140 -20.61 -6.10 -15.07
CA ARG D 140 -20.84 -7.05 -16.15
C ARG D 140 -22.26 -6.91 -16.72
N GLU D 141 -22.35 -6.72 -18.03
CA GLU D 141 -23.64 -6.66 -18.74
C GLU D 141 -23.75 -7.87 -19.66
N ASP D 142 -24.72 -8.74 -19.38
CA ASP D 142 -24.85 -10.00 -20.12
C ASP D 142 -26.20 -10.15 -20.80
N LYS D 143 -26.21 -10.85 -21.93
CA LYS D 143 -27.43 -11.33 -22.57
C LYS D 143 -27.42 -12.86 -22.53
N LEU D 144 -28.09 -13.43 -21.53
CA LEU D 144 -28.19 -14.88 -21.40
C LEU D 144 -29.29 -15.41 -22.32
N ARG D 145 -29.21 -16.71 -22.62
CA ARG D 145 -30.19 -17.36 -23.49
C ARG D 145 -30.47 -18.78 -23.01
N ARG D 146 -31.76 -19.13 -22.94
CA ARG D 146 -32.19 -20.43 -22.41
C ARG D 146 -31.94 -21.56 -23.39
N ASP D 147 -31.67 -22.75 -22.84
CA ASP D 147 -31.52 -23.97 -23.64
C ASP D 147 -31.71 -25.20 -22.74
N GLY D 148 -31.62 -26.40 -23.34
CA GLY D 148 -31.83 -27.67 -22.64
C GLY D 148 -31.30 -27.74 -21.22
N ASN D 149 -30.04 -27.39 -21.02
CA ASN D 149 -29.40 -27.46 -19.71
C ASN D 149 -29.87 -26.36 -18.77
N GLY D 150 -29.60 -25.11 -19.13
CA GLY D 150 -29.96 -23.96 -18.30
C GLY D 150 -29.86 -22.65 -19.04
N PHE D 151 -28.64 -22.13 -19.12
CA PHE D 151 -28.38 -20.85 -19.79
C PHE D 151 -27.08 -20.87 -20.59
N LYS D 152 -26.96 -19.94 -21.53
CA LYS D 152 -25.74 -19.72 -22.30
C LYS D 152 -25.61 -18.25 -22.69
N VAL D 153 -24.54 -17.60 -22.22
CA VAL D 153 -24.29 -16.19 -22.53
C VAL D 153 -23.78 -16.04 -23.96
N PHE D 154 -24.43 -15.17 -24.74
CA PHE D 154 -24.00 -14.88 -26.12
C PHE D 154 -23.50 -13.44 -26.30
N ARG D 155 -23.71 -12.58 -25.31
CA ARG D 155 -23.10 -11.25 -25.27
C ARG D 155 -22.61 -10.97 -23.85
N ARG D 156 -21.36 -10.55 -23.72
CA ARG D 156 -20.76 -10.29 -22.41
C ARG D 156 -19.86 -9.05 -22.44
N LYS D 157 -20.38 -7.95 -21.90
CA LYS D 157 -19.63 -6.69 -21.84
C LYS D 157 -19.13 -6.44 -20.40
N LEU D 158 -17.82 -6.48 -20.23
CA LEU D 158 -17.19 -6.24 -18.92
C LEU D 158 -16.64 -4.82 -18.86
N ILE D 159 -16.93 -4.11 -17.77
CA ILE D 159 -16.55 -2.70 -17.63
C ILE D 159 -15.61 -2.51 -16.44
N LEU D 160 -14.34 -2.22 -16.72
CA LEU D 160 -13.34 -2.01 -15.68
C LEU D 160 -13.52 -0.64 -15.02
N ASP D 161 -13.28 -0.60 -13.70
CA ASP D 161 -13.38 0.65 -12.94
C ASP D 161 -12.12 1.49 -13.09
N ALA D 162 -10.98 0.88 -12.77
CA ALA D 162 -9.69 1.58 -12.82
C ALA D 162 -9.25 1.80 -14.27
N ARG D 163 -8.74 2.99 -14.55
CA ARG D 163 -8.22 3.33 -15.87
C ARG D 163 -6.90 2.59 -16.10
N VAL D 164 -5.97 2.78 -15.16
CA VAL D 164 -4.69 2.09 -15.19
C VAL D 164 -4.79 0.80 -14.37
N THR D 165 -4.54 -0.34 -15.01
CA THR D 165 -4.65 -1.64 -14.35
C THR D 165 -3.47 -1.88 -13.40
N GLN D 166 -3.76 -1.92 -12.10
CA GLN D 166 -2.74 -2.17 -11.09
C GLN D 166 -2.51 -3.67 -10.92
N ASP D 167 -1.97 -4.30 -11.95
CA ASP D 167 -1.74 -5.75 -11.97
C ASP D 167 -0.81 -6.08 -13.14
N LYS D 168 -0.16 -7.26 -13.06
CA LYS D 168 0.70 -7.73 -14.14
C LYS D 168 -0.09 -7.94 -15.43
N ASN D 169 -1.31 -8.46 -15.30
CA ASN D 169 -2.20 -8.66 -16.45
C ASN D 169 -3.66 -8.73 -16.02
N LEU D 170 -4.55 -8.75 -17.01
CA LEU D 170 -5.98 -8.96 -16.77
C LEU D 170 -6.45 -10.27 -17.41
N TYR D 171 -5.59 -11.28 -17.36
CA TYR D 171 -5.87 -12.56 -17.98
C TYR D 171 -6.72 -13.44 -17.04
N PHE D 172 -8.01 -13.13 -17.01
CA PHE D 172 -8.98 -13.93 -16.26
C PHE D 172 -10.39 -13.64 -16.77
N PHE D 173 -11.24 -14.66 -16.74
CA PHE D 173 -12.59 -14.55 -17.29
C PHE D 173 -13.55 -13.93 -16.29
N CYS D 174 -14.29 -12.90 -16.75
CA CYS D 174 -15.29 -12.20 -15.94
C CYS D 174 -14.68 -11.49 -14.74
N THR E 6 25.09 7.10 22.09
CA THR E 6 25.25 5.62 22.04
C THR E 6 23.96 4.95 21.59
N LEU E 7 24.07 3.92 20.77
CA LEU E 7 22.92 3.11 20.36
C LEU E 7 22.53 2.16 21.49
N VAL E 8 23.54 1.59 22.16
CA VAL E 8 23.32 0.72 23.31
C VAL E 8 24.31 1.07 24.43
N ASP E 9 23.79 1.15 25.66
CA ASP E 9 24.62 1.42 26.84
C ASP E 9 24.65 0.17 27.72
N THR E 10 25.78 -0.54 27.67
CA THR E 10 25.95 -1.79 28.40
C THR E 10 26.15 -1.58 29.91
N VAL E 11 26.69 -0.42 30.29
CA VAL E 11 26.93 -0.11 31.70
C VAL E 11 25.63 0.13 32.45
N ASN E 12 24.82 1.06 31.94
CA ASN E 12 23.53 1.39 32.55
C ASN E 12 22.40 0.46 32.11
N ALA E 13 22.66 -0.37 31.10
CA ALA E 13 21.68 -1.34 30.60
C ALA E 13 20.47 -0.64 29.97
N SER E 14 20.74 0.19 28.96
CA SER E 14 19.70 0.91 28.24
C SER E 14 20.07 1.06 26.77
N GLN E 15 19.04 1.12 25.92
CA GLN E 15 19.23 1.23 24.46
C GLN E 15 18.44 2.41 23.90
N SER E 16 18.94 2.98 22.82
CA SER E 16 18.24 4.06 22.13
C SER E 16 17.09 3.47 21.29
N ARG E 17 16.02 4.24 21.13
CA ARG E 17 14.87 3.81 20.33
C ARG E 17 15.15 3.89 18.82
N GLN E 18 16.29 4.49 18.44
CA GLN E 18 16.72 4.56 17.05
C GLN E 18 17.03 3.18 16.45
N VAL E 19 17.36 2.21 17.31
CA VAL E 19 17.72 0.87 16.86
C VAL E 19 16.56 0.14 16.16
N PHE E 20 15.34 0.35 16.65
CA PHE E 20 14.15 -0.24 16.03
C PHE E 20 13.73 0.48 14.75
N TRP E 21 14.04 1.78 14.66
CA TRP E 21 13.49 2.63 13.59
C TRP E 21 14.49 2.99 12.49
N ASP E 22 15.64 3.54 12.87
CA ASP E 22 16.57 4.17 11.93
C ASP E 22 16.96 3.28 10.76
N GLU E 23 17.02 3.87 9.56
CA GLU E 23 17.39 3.15 8.34
C GLU E 23 18.89 2.91 8.24
N ASP E 24 19.68 3.89 8.68
CA ASP E 24 21.14 3.78 8.65
C ASP E 24 21.64 2.70 9.62
N VAL E 25 20.96 2.56 10.76
CA VAL E 25 21.26 1.50 11.72
C VAL E 25 20.94 0.14 11.11
N TYR E 26 19.82 0.06 10.39
CA TYR E 26 19.44 -1.15 9.66
C TYR E 26 20.45 -1.48 8.56
N ALA E 27 20.98 -0.44 7.91
CA ALA E 27 22.03 -0.60 6.91
C ALA E 27 23.29 -1.22 7.52
N LEU E 28 23.60 -0.81 8.75
CA LEU E 28 24.72 -1.40 9.50
C LEU E 28 24.40 -2.82 9.95
N GLU E 29 23.18 -3.05 10.41
CA GLU E 29 22.73 -4.38 10.84
C GLU E 29 22.88 -5.43 9.72
N ILE E 30 22.49 -5.02 8.52
CA ILE E 30 22.60 -5.86 7.36
C ILE E 30 24.01 -6.08 6.91
N GLU E 31 24.91 -5.23 7.34
CA GLU E 31 26.29 -5.30 6.92
C GLU E 31 27.13 -6.07 7.91
N ARG E 32 26.70 -6.08 9.16
CA ARG E 32 27.57 -6.31 10.28
C ARG E 32 27.02 -7.40 11.16
N ILE E 33 25.84 -7.90 10.81
CA ILE E 33 25.17 -8.90 11.59
C ILE E 33 24.60 -9.99 10.72
N PHE E 34 23.75 -9.61 9.78
CA PHE E 34 23.13 -10.59 8.87
C PHE E 34 24.09 -11.08 7.78
N SER E 35 25.05 -10.25 7.41
CA SER E 35 26.09 -10.64 6.45
C SER E 35 27.30 -11.30 7.13
N ARG E 36 27.26 -11.41 8.46
CA ARG E 36 28.34 -11.99 9.24
C ARG E 36 27.92 -13.25 9.99
N ALA E 37 26.92 -13.10 10.86
CA ALA E 37 26.50 -14.18 11.76
C ALA E 37 25.81 -15.32 11.02
N TRP E 38 25.82 -16.49 11.64
CA TRP E 38 25.18 -17.68 11.09
C TRP E 38 23.66 -17.58 11.23
N LEU E 39 22.95 -17.58 10.10
CA LEU E 39 21.49 -17.46 10.09
C LEU E 39 20.85 -18.83 9.93
N MET E 40 19.73 -19.04 10.62
CA MET E 40 19.01 -20.31 10.58
C MET E 40 18.31 -20.50 9.23
N LEU E 41 18.77 -21.49 8.46
CA LEU E 41 18.17 -21.83 7.18
C LEU E 41 17.05 -22.85 7.36
N GLY E 42 17.36 -23.95 8.04
CA GLY E 42 16.37 -25.00 8.30
C GLY E 42 16.92 -26.17 9.08
N HIS E 43 16.47 -27.37 8.74
CA HIS E 43 16.88 -28.60 9.43
C HIS E 43 16.93 -29.77 8.43
N GLU E 44 17.66 -30.82 8.78
CA GLU E 44 17.72 -32.05 7.99
C GLU E 44 16.33 -32.60 7.62
N SER E 45 15.39 -32.53 8.56
CA SER E 45 14.05 -33.07 8.37
C SER E 45 13.23 -32.34 7.30
N LEU E 46 13.56 -31.08 7.04
CA LEU E 46 12.91 -30.31 5.98
C LEU E 46 13.35 -30.77 4.59
N VAL E 47 14.58 -31.26 4.50
CA VAL E 47 15.13 -31.81 3.26
C VAL E 47 15.86 -33.13 3.57
N PRO E 48 15.09 -34.18 3.90
CA PRO E 48 15.65 -35.42 4.47
C PRO E 48 16.44 -36.30 3.49
N LYS E 49 15.97 -36.39 2.23
CA LYS E 49 16.59 -37.28 1.25
C LYS E 49 17.31 -36.52 0.14
N PRO E 50 18.27 -37.19 -0.54
CA PRO E 50 18.97 -36.60 -1.69
C PRO E 50 18.04 -36.03 -2.75
N GLY E 51 18.29 -34.79 -3.15
CA GLY E 51 17.45 -34.12 -4.15
C GLY E 51 16.46 -33.13 -3.55
N ASP E 52 16.18 -33.29 -2.27
CA ASP E 52 15.24 -32.43 -1.57
C ASP E 52 15.76 -31.01 -1.36
N PHE E 53 14.88 -30.03 -1.50
CA PHE E 53 15.24 -28.64 -1.27
C PHE E 53 14.15 -27.86 -0.55
N ILE E 54 14.52 -26.74 0.05
CA ILE E 54 13.57 -25.67 0.32
C ILE E 54 14.06 -24.32 -0.15
N THR E 55 13.12 -23.43 -0.41
CA THR E 55 13.39 -22.03 -0.52
C THR E 55 13.21 -21.34 0.82
N THR E 56 14.20 -20.57 1.22
CA THR E 56 14.06 -19.75 2.40
C THR E 56 14.83 -18.45 2.23
N TYR E 57 14.76 -17.59 3.24
CA TYR E 57 15.47 -16.32 3.21
C TYR E 57 16.68 -16.37 4.11
N MET E 58 17.70 -15.59 3.75
CA MET E 58 18.70 -15.16 4.71
C MET E 58 18.67 -13.65 4.82
N ALA E 59 17.79 -13.14 5.67
CA ALA E 59 17.45 -11.73 5.65
C ALA E 59 16.54 -11.42 4.46
N GLU E 60 16.95 -10.48 3.64
CA GLU E 60 16.17 -10.15 2.45
C GLU E 60 16.67 -10.88 1.24
N ASP E 61 17.56 -11.84 1.46
CA ASP E 61 18.09 -12.59 0.35
C ASP E 61 17.41 -13.93 0.22
N LYS E 62 16.92 -14.20 -0.98
CA LYS E 62 16.27 -15.46 -1.26
C LYS E 62 17.32 -16.52 -1.57
N VAL E 63 17.27 -17.61 -0.84
CA VAL E 63 18.26 -18.69 -0.98
C VAL E 63 17.60 -20.06 -1.18
N ILE E 64 18.35 -20.99 -1.76
CA ILE E 64 17.88 -22.34 -2.01
C ILE E 64 18.77 -23.38 -1.33
N LEU E 65 18.30 -23.89 -0.19
CA LEU E 65 19.01 -24.97 0.52
C LEU E 65 18.65 -26.31 -0.13
N SER E 66 19.66 -27.15 -0.36
CA SER E 66 19.47 -28.42 -1.07
C SER E 66 20.26 -29.57 -0.43
N HIS E 67 19.65 -30.74 -0.37
CA HIS E 67 20.31 -31.96 0.10
C HIS E 67 21.05 -32.58 -1.08
N GLN E 68 22.37 -32.70 -0.97
CA GLN E 68 23.21 -33.20 -2.06
C GLN E 68 23.19 -34.72 -2.14
N SER E 69 23.78 -35.25 -3.21
CA SER E 69 23.83 -36.70 -3.44
C SER E 69 24.74 -37.42 -2.42
N ASP E 70 25.85 -36.78 -2.06
CA ASP E 70 26.81 -37.37 -1.12
C ASP E 70 26.36 -37.28 0.35
N GLY E 71 25.30 -36.52 0.62
CA GLY E 71 24.76 -36.38 1.98
C GLY E 71 24.96 -35.00 2.57
N THR E 72 25.88 -34.23 1.99
CA THR E 72 26.15 -32.87 2.46
C THR E 72 25.05 -31.90 2.05
N PHE E 73 25.11 -30.68 2.59
CA PHE E 73 24.12 -29.64 2.30
C PHE E 73 24.79 -28.40 1.71
N ARG E 74 24.26 -27.93 0.59
CA ARG E 74 24.76 -26.73 -0.07
C ARG E 74 23.63 -25.73 -0.29
N ALA E 75 23.95 -24.44 -0.15
CA ALA E 75 22.98 -23.37 -0.37
C ALA E 75 23.54 -22.33 -1.33
N PHE E 76 22.64 -21.61 -2.00
CA PHE E 76 23.03 -20.56 -2.93
C PHE E 76 21.91 -19.55 -3.12
N ILE E 77 22.25 -18.36 -3.62
CA ILE E 77 21.29 -17.29 -3.80
C ILE E 77 20.27 -17.64 -4.89
N ASN E 78 18.99 -17.49 -4.55
CA ASN E 78 17.90 -17.79 -5.48
C ASN E 78 17.74 -16.68 -6.52
N SER E 79 18.70 -16.62 -7.43
CA SER E 79 18.73 -15.58 -8.46
C SER E 79 19.62 -16.02 -9.61
N CYS E 80 19.09 -15.94 -10.83
CA CYS E 80 19.82 -16.37 -12.02
C CYS E 80 20.92 -15.37 -12.37
N SER E 81 22.04 -15.90 -12.85
CA SER E 81 23.20 -15.08 -13.22
C SER E 81 23.04 -14.37 -14.56
N HIS E 82 22.01 -14.75 -15.33
CA HIS E 82 21.75 -14.12 -16.63
C HIS E 82 21.21 -12.70 -16.47
N ARG E 83 19.95 -12.56 -16.08
CA ARG E 83 19.33 -11.23 -15.90
C ARG E 83 18.90 -10.93 -14.46
N GLY E 84 19.12 -11.87 -13.54
CA GLY E 84 18.75 -11.69 -12.13
C GLY E 84 17.47 -12.39 -11.70
N ASN E 85 16.69 -12.86 -12.68
CA ASN E 85 15.41 -13.52 -12.41
C ASN E 85 15.52 -14.65 -11.39
N GLN E 86 14.50 -14.78 -10.54
CA GLN E 86 14.46 -15.82 -9.51
C GLN E 86 14.38 -17.20 -10.15
N ILE E 87 15.18 -18.14 -9.63
CA ILE E 87 15.31 -19.47 -10.23
C ILE E 87 14.13 -20.36 -9.85
N CYS E 88 13.98 -20.61 -8.54
CA CYS E 88 12.93 -21.51 -8.04
C CYS E 88 11.94 -20.75 -7.16
N HIS E 89 10.65 -20.91 -7.46
CA HIS E 89 9.58 -20.28 -6.68
C HIS E 89 8.90 -21.26 -5.71
N ALA E 90 9.16 -22.55 -5.87
CA ALA E 90 8.53 -23.57 -5.02
C ALA E 90 9.07 -23.50 -3.60
N ASP E 91 8.17 -23.62 -2.62
CA ASP E 91 8.54 -23.57 -1.21
C ASP E 91 9.37 -24.79 -0.81
N SER E 92 9.03 -25.95 -1.36
CA SER E 92 9.80 -27.17 -1.16
C SER E 92 9.52 -28.20 -2.25
N GLY E 93 10.39 -29.20 -2.36
CA GLY E 93 10.25 -30.24 -3.37
C GLY E 93 11.51 -31.06 -3.54
N ASN E 94 11.52 -31.89 -4.59
CA ASN E 94 12.68 -32.71 -4.93
C ASN E 94 13.09 -32.43 -6.38
N ALA E 95 14.37 -32.15 -6.59
CA ALA E 95 14.88 -31.81 -7.92
C ALA E 95 16.39 -31.97 -8.01
N LYS E 96 16.85 -32.48 -9.16
CA LYS E 96 18.28 -32.61 -9.43
C LYS E 96 18.84 -31.37 -10.12
N ALA E 97 17.94 -30.46 -10.54
CA ALA E 97 18.35 -29.20 -11.16
C ALA E 97 17.22 -28.16 -11.08
N PHE E 98 17.61 -26.89 -11.10
CA PHE E 98 16.66 -25.77 -11.04
C PHE E 98 16.74 -24.94 -12.30
N VAL E 99 15.63 -24.84 -13.02
CA VAL E 99 15.57 -24.12 -14.29
C VAL E 99 14.93 -22.74 -14.10
N CYS E 100 15.60 -21.70 -14.60
CA CYS E 100 15.07 -20.34 -14.56
C CYS E 100 13.98 -20.19 -15.62
N ASN E 101 12.85 -19.60 -15.23
CA ASN E 101 11.66 -19.56 -16.09
C ASN E 101 11.69 -18.48 -17.18
N TYR E 102 12.70 -17.60 -17.15
CA TYR E 102 12.83 -16.55 -18.16
C TYR E 102 13.31 -17.16 -19.49
N HIS E 103 14.55 -17.64 -19.52
CA HIS E 103 15.17 -18.16 -20.74
C HIS E 103 15.44 -19.67 -20.70
N GLY E 104 15.64 -20.22 -19.50
CA GLY E 104 15.83 -21.66 -19.31
C GLY E 104 17.24 -22.09 -18.90
N TRP E 105 17.94 -21.22 -18.17
CA TRP E 105 19.27 -21.56 -17.66
C TRP E 105 19.17 -22.59 -16.53
N VAL E 106 19.71 -23.78 -16.76
CA VAL E 106 19.63 -24.87 -15.79
C VAL E 106 20.76 -24.77 -14.77
N PHE E 107 20.39 -24.77 -13.49
CA PHE E 107 21.35 -24.74 -12.38
C PHE E 107 21.31 -26.05 -11.61
N GLY E 108 22.48 -26.50 -11.16
CA GLY E 108 22.59 -27.75 -10.40
C GLY E 108 22.17 -27.61 -8.95
N GLN E 109 22.39 -28.66 -8.17
CA GLN E 109 22.06 -28.65 -6.75
C GLN E 109 22.98 -27.74 -5.94
N ASP E 110 24.21 -27.56 -6.42
CA ASP E 110 25.19 -26.67 -5.77
C ASP E 110 25.15 -25.24 -6.31
N GLY E 111 24.23 -24.96 -7.24
CA GLY E 111 24.07 -23.62 -7.80
C GLY E 111 24.97 -23.32 -8.98
N SER E 112 25.55 -24.36 -9.57
CA SER E 112 26.44 -24.20 -10.73
C SER E 112 25.64 -24.22 -12.03
N LEU E 113 25.95 -23.29 -12.93
CA LEU E 113 25.28 -23.22 -14.23
C LEU E 113 25.71 -24.41 -15.10
N VAL E 114 24.93 -25.49 -15.05
CA VAL E 114 25.30 -26.75 -15.70
C VAL E 114 25.00 -26.79 -17.19
N ASP E 115 23.89 -26.18 -17.61
CA ASP E 115 23.45 -26.24 -19.01
C ASP E 115 22.71 -24.97 -19.43
N VAL E 116 22.85 -24.62 -20.71
CA VAL E 116 22.19 -23.46 -21.29
C VAL E 116 21.60 -23.81 -22.66
N PRO E 117 20.31 -23.49 -22.91
CA PRO E 117 19.71 -23.69 -24.22
C PRO E 117 20.45 -22.96 -25.36
N LEU E 118 20.58 -23.63 -26.50
CA LEU E 118 21.23 -23.05 -27.68
C LEU E 118 22.66 -22.57 -27.38
N GLU E 119 23.43 -23.41 -26.68
CA GLU E 119 24.80 -23.07 -26.29
C GLU E 119 25.75 -23.13 -27.48
N SER E 120 25.70 -24.24 -28.21
CA SER E 120 26.55 -24.45 -29.37
CA SER E 120 26.55 -24.45 -29.37
C SER E 120 26.09 -23.60 -30.57
N ARG E 121 24.79 -23.35 -30.65
CA ARG E 121 24.21 -22.61 -31.77
C ARG E 121 24.30 -21.10 -31.60
N CYS E 122 23.69 -20.57 -30.54
CA CYS E 122 23.59 -19.12 -30.34
C CYS E 122 24.78 -18.53 -29.58
N TYR E 123 25.18 -19.18 -28.49
CA TYR E 123 26.32 -18.72 -27.68
C TYR E 123 27.66 -19.10 -28.31
N HIS E 124 27.66 -20.07 -29.21
CA HIS E 124 28.87 -20.58 -29.88
C HIS E 124 29.87 -21.19 -28.87
N ASN E 125 29.33 -21.76 -27.79
CA ASN E 125 30.14 -22.34 -26.70
C ASN E 125 31.17 -21.36 -26.09
N SER E 126 30.89 -20.07 -26.19
CA SER E 126 31.79 -19.03 -25.66
C SER E 126 31.36 -18.57 -24.26
N LEU E 127 30.16 -18.97 -23.84
CA LEU E 127 29.65 -18.59 -22.52
C LEU E 127 30.41 -19.33 -21.42
N ASP E 128 31.14 -18.56 -20.61
CA ASP E 128 31.90 -19.11 -19.49
C ASP E 128 30.94 -19.44 -18.34
N LYS E 129 30.45 -20.68 -18.31
CA LYS E 129 29.47 -21.12 -17.32
C LYS E 129 30.06 -21.27 -15.92
N GLN E 130 31.39 -21.45 -15.85
CA GLN E 130 32.09 -21.60 -14.57
C GLN E 130 31.97 -20.35 -13.70
N LYS E 131 32.08 -19.19 -14.32
CA LYS E 131 32.01 -17.90 -13.60
C LYS E 131 30.58 -17.41 -13.37
N LEU E 132 29.60 -18.04 -14.02
CA LEU E 132 28.21 -17.62 -13.94
C LEU E 132 27.36 -18.56 -13.07
N ALA E 133 27.94 -19.03 -11.98
CA ALA E 133 27.21 -19.85 -11.01
C ALA E 133 26.46 -18.95 -10.03
N ALA E 134 25.32 -19.43 -9.53
CA ALA E 134 24.58 -18.70 -8.51
C ALA E 134 25.42 -18.62 -7.24
N LYS E 135 25.54 -17.42 -6.68
CA LYS E 135 26.45 -17.19 -5.54
C LYS E 135 26.15 -18.13 -4.38
N SER E 136 27.12 -18.99 -4.07
CA SER E 136 26.96 -20.02 -3.04
C SER E 136 27.03 -19.43 -1.65
N VAL E 137 26.19 -19.95 -0.75
CA VAL E 137 26.19 -19.57 0.65
C VAL E 137 26.93 -20.64 1.46
N ARG E 138 27.75 -20.19 2.41
CA ARG E 138 28.53 -21.08 3.26
C ARG E 138 27.61 -21.78 4.26
N VAL E 139 27.50 -23.11 4.14
CA VAL E 139 26.57 -23.89 4.94
C VAL E 139 27.29 -24.79 5.94
N GLU E 140 26.82 -24.77 7.19
CA GLU E 140 27.30 -25.69 8.24
C GLU E 140 26.12 -26.11 9.12
N THR E 141 26.20 -27.32 9.68
CA THR E 141 25.11 -27.89 10.46
C THR E 141 25.56 -28.29 11.86
N TYR E 142 24.62 -28.21 12.81
CA TYR E 142 24.87 -28.64 14.19
C TYR E 142 23.67 -29.42 14.73
N LYS E 143 23.87 -30.73 14.92
CA LYS E 143 22.83 -31.63 15.43
C LYS E 143 21.57 -31.62 14.54
N GLY E 144 21.78 -31.52 13.23
CA GLY E 144 20.68 -31.50 12.26
C GLY E 144 20.27 -30.10 11.81
N PHE E 145 20.38 -29.12 12.71
CA PHE E 145 19.98 -27.75 12.41
C PHE E 145 20.95 -27.08 11.45
N ILE E 146 20.45 -26.69 10.28
CA ILE E 146 21.27 -26.15 9.20
C ILE E 146 21.35 -24.62 9.29
N PHE E 147 22.57 -24.09 9.27
CA PHE E 147 22.80 -22.65 9.29
C PHE E 147 23.41 -22.17 7.98
N GLY E 148 23.43 -20.84 7.80
CA GLY E 148 23.99 -20.23 6.59
C GLY E 148 24.74 -18.95 6.91
N CYS E 149 25.83 -18.71 6.18
CA CYS E 149 26.68 -17.53 6.42
C CYS E 149 27.24 -16.97 5.12
N HIS E 150 27.48 -15.67 5.10
CA HIS E 150 28.03 -14.98 3.92
C HIS E 150 29.51 -14.60 4.09
N ASP E 151 29.92 -14.29 5.32
CA ASP E 151 31.28 -13.82 5.59
C ASP E 151 32.29 -14.96 5.52
N PRO E 152 33.38 -14.78 4.74
CA PRO E 152 34.44 -15.79 4.67
C PRO E 152 35.33 -15.83 5.91
N GLU E 153 35.54 -14.68 6.56
CA GLU E 153 36.40 -14.60 7.75
C GLU E 153 35.70 -15.01 9.05
N ALA E 154 34.42 -15.36 8.98
CA ALA E 154 33.67 -15.79 10.17
C ALA E 154 34.17 -17.13 10.69
N PRO E 155 33.93 -17.41 11.98
CA PRO E 155 34.36 -18.67 12.59
C PRO E 155 33.45 -19.84 12.20
N SER E 156 33.68 -21.00 12.78
CA SER E 156 32.82 -22.17 12.54
C SER E 156 31.51 -22.04 13.30
N LEU E 157 30.55 -22.90 12.98
CA LEU E 157 29.23 -22.88 13.61
C LEU E 157 29.31 -23.26 15.10
N GLU E 158 30.21 -24.19 15.43
CA GLU E 158 30.41 -24.60 16.82
C GLU E 158 31.03 -23.49 17.67
N ASP E 159 31.99 -22.76 17.08
CA ASP E 159 32.63 -21.64 17.76
C ASP E 159 31.67 -20.45 17.92
N TYR E 160 30.79 -20.26 16.93
CA TYR E 160 29.79 -19.19 16.98
C TYR E 160 28.78 -19.42 18.10
N LEU E 161 28.35 -20.66 18.28
CA LEU E 161 27.50 -21.04 19.40
C LEU E 161 28.32 -21.00 20.70
N GLY E 162 29.44 -21.72 20.70
CA GLY E 162 30.42 -21.65 21.79
C GLY E 162 29.91 -22.18 23.12
N GLU E 163 29.82 -21.29 24.10
CA GLU E 163 29.34 -21.64 25.45
C GLU E 163 27.89 -22.10 25.44
N PHE E 164 27.12 -21.62 24.48
CA PHE E 164 25.70 -21.94 24.37
C PHE E 164 25.41 -23.41 24.01
N ARG E 165 26.40 -24.07 23.40
CA ARG E 165 26.25 -25.49 23.05
C ARG E 165 26.05 -26.40 24.26
N TYR E 166 26.68 -26.03 25.38
CA TYR E 166 26.47 -26.72 26.66
C TYR E 166 24.98 -26.90 26.93
N TYR E 167 24.21 -25.85 26.70
CA TYR E 167 22.76 -25.88 26.90
C TYR E 167 22.07 -26.63 25.76
N LEU E 168 22.41 -26.29 24.53
CA LEU E 168 21.79 -26.91 23.35
C LEU E 168 21.89 -28.43 23.36
N ASP E 169 23.03 -28.95 23.80
CA ASP E 169 23.25 -30.41 23.87
C ASP E 169 22.25 -31.12 24.80
N THR E 170 21.70 -30.39 25.76
CA THR E 170 20.67 -30.93 26.66
C THR E 170 19.42 -31.36 25.91
N ILE E 171 19.02 -30.59 24.90
CA ILE E 171 17.79 -30.86 24.15
C ILE E 171 18.05 -31.32 22.71
N TRP E 172 19.02 -30.71 22.03
CA TRP E 172 19.32 -31.04 20.63
C TRP E 172 20.03 -32.39 20.46
N GLU E 173 20.52 -32.95 21.57
CA GLU E 173 20.97 -34.34 21.60
C GLU E 173 20.17 -35.12 22.64
N GLY E 174 20.26 -34.69 23.90
CA GLY E 174 19.48 -35.26 24.99
C GLY E 174 19.76 -36.73 25.25
N ALA E 175 18.71 -37.55 25.15
CA ALA E 175 18.82 -38.99 25.38
C ALA E 175 19.59 -39.70 24.27
N GLY E 176 19.67 -39.08 23.09
CA GLY E 176 20.34 -39.66 21.93
C GLY E 176 19.63 -39.34 20.63
N GLY E 177 18.32 -39.20 20.68
CA GLY E 177 17.51 -38.91 19.50
C GLY E 177 17.76 -37.52 18.94
N GLY E 178 17.73 -36.51 19.81
CA GLY E 178 17.85 -35.11 19.39
C GLY E 178 16.49 -34.53 19.04
N MET E 179 16.47 -33.53 18.15
CA MET E 179 15.22 -32.90 17.72
C MET E 179 15.23 -32.58 16.23
N GLU E 180 14.04 -32.25 15.71
CA GLU E 180 13.85 -31.95 14.29
C GLU E 180 12.67 -31.02 14.06
N LEU E 181 12.70 -30.29 12.93
CA LEU E 181 11.64 -29.37 12.57
C LEU E 181 10.56 -30.08 11.74
N LEU E 182 9.32 -29.61 11.87
CA LEU E 182 8.19 -30.17 11.11
C LEU E 182 7.55 -29.10 10.24
N GLY E 183 7.64 -29.28 8.93
CA GLY E 183 7.04 -28.36 7.96
C GLY E 183 5.68 -28.82 7.48
N PRO E 184 5.01 -28.00 6.64
CA PRO E 184 5.46 -26.70 6.16
C PRO E 184 5.28 -25.60 7.20
N PRO E 185 6.09 -24.52 7.12
CA PRO E 185 6.01 -23.44 8.10
C PRO E 185 4.80 -22.53 7.90
N MET E 186 4.53 -21.70 8.91
CA MET E 186 3.47 -20.69 8.83
C MET E 186 4.10 -19.33 8.55
N LYS E 187 3.90 -18.83 7.34
CA LYS E 187 4.48 -17.55 6.93
C LYS E 187 3.48 -16.41 7.13
N SER E 188 3.97 -15.30 7.67
CA SER E 188 3.12 -14.14 7.93
C SER E 188 3.95 -12.86 8.13
N LEU E 189 3.46 -11.75 7.59
CA LEU E 189 4.12 -10.46 7.73
C LEU E 189 3.70 -9.78 9.03
N LEU E 190 4.67 -9.18 9.72
CA LEU E 190 4.41 -8.44 10.95
C LEU E 190 5.10 -7.07 10.88
N GLN E 191 4.32 -6.01 11.02
CA GLN E 191 4.82 -4.65 10.89
C GLN E 191 5.64 -4.22 12.11
N CYS E 192 6.84 -4.76 12.23
CA CYS E 192 7.73 -4.46 13.36
C CYS E 192 9.19 -4.72 13.03
N ASN E 193 10.08 -4.21 13.87
CA ASN E 193 11.50 -4.49 13.75
C ASN E 193 11.79 -5.92 14.23
N TRP E 194 12.81 -6.55 13.64
CA TRP E 194 13.14 -7.95 13.94
C TRP E 194 13.67 -8.17 15.36
N LYS E 195 14.18 -7.12 15.99
CA LYS E 195 14.76 -7.23 17.33
C LYS E 195 13.72 -7.30 18.45
N VAL E 196 12.50 -6.83 18.19
CA VAL E 196 11.45 -6.81 19.22
C VAL E 196 10.91 -8.21 19.54
N PRO E 197 10.61 -9.02 18.50
CA PRO E 197 10.38 -10.45 18.74
C PRO E 197 11.61 -11.19 19.27
N ALA E 198 12.80 -10.77 18.83
CA ALA E 198 14.05 -11.39 19.26
C ALA E 198 14.27 -11.24 20.76
N GLU E 199 14.15 -10.01 21.25
CA GLU E 199 14.31 -9.72 22.68
C GLU E 199 13.18 -10.32 23.52
N ASN E 200 11.99 -10.41 22.94
CA ASN E 200 10.82 -10.97 23.63
C ASN E 200 11.05 -12.45 23.97
N PHE E 201 11.40 -13.24 22.96
CA PHE E 201 11.60 -14.67 23.13
C PHE E 201 12.92 -15.04 23.81
N ILE E 202 13.84 -14.08 23.96
CA ILE E 202 15.13 -14.37 24.60
C ILE E 202 15.04 -14.38 26.13
N GLY E 203 14.13 -13.58 26.69
CA GLY E 203 13.95 -13.55 28.15
C GLY E 203 12.91 -12.58 28.65
N ASP E 204 11.72 -12.61 28.04
CA ASP E 204 10.61 -11.77 28.47
C ASP E 204 9.54 -12.62 29.15
N GLY E 205 9.91 -13.23 30.28
CA GLY E 205 8.96 -13.91 31.14
C GLY E 205 8.10 -12.92 31.91
N TYR E 206 8.55 -11.66 31.94
CA TYR E 206 7.86 -10.58 32.62
C TYR E 206 6.51 -10.22 31.96
N HIS E 207 6.43 -10.36 30.65
CA HIS E 207 5.19 -10.06 29.91
C HIS E 207 4.21 -11.24 29.91
N VAL E 208 4.70 -12.44 30.23
CA VAL E 208 3.89 -13.66 30.15
C VAL E 208 2.67 -13.61 31.08
N GLY E 209 2.88 -13.16 32.31
CA GLY E 209 1.80 -13.03 33.27
C GLY E 209 0.81 -11.92 32.94
N TRP E 210 1.33 -10.80 32.44
CA TRP E 210 0.49 -9.65 32.12
C TRP E 210 -0.26 -9.82 30.80
N THR E 211 0.49 -10.14 29.74
CA THR E 211 -0.08 -10.23 28.39
C THR E 211 -0.96 -11.46 28.20
N HIS E 212 -0.44 -12.62 28.61
CA HIS E 212 -1.14 -13.90 28.43
C HIS E 212 -1.83 -14.35 29.72
N ALA E 213 -2.49 -13.42 30.40
CA ALA E 213 -3.21 -13.73 31.63
C ALA E 213 -4.50 -14.50 31.35
N ALA E 214 -5.16 -14.19 30.23
CA ALA E 214 -6.39 -14.85 29.84
C ALA E 214 -6.16 -16.28 29.35
N ALA E 215 -5.09 -16.48 28.58
CA ALA E 215 -4.76 -17.79 28.02
C ALA E 215 -4.25 -18.76 29.08
N LEU E 216 -3.36 -18.29 29.95
CA LEU E 216 -2.76 -19.13 30.98
C LEU E 216 -3.75 -19.54 32.08
N SER E 217 -4.61 -18.61 32.48
CA SER E 217 -5.63 -18.88 33.50
C SER E 217 -6.66 -19.90 33.03
N GLN E 218 -6.94 -19.91 31.73
CA GLN E 218 -7.87 -20.86 31.13
C GLN E 218 -7.28 -22.27 31.10
N ILE E 219 -6.05 -22.38 30.63
CA ILE E 219 -5.36 -23.67 30.55
C ILE E 219 -5.15 -24.29 31.94
N GLY E 220 -4.77 -23.45 32.90
CA GLY E 220 -4.53 -23.91 34.27
C GLY E 220 -3.18 -24.59 34.41
N GLY E 221 -3.12 -25.63 35.22
CA GLY E 221 -1.89 -26.41 35.40
C GLY E 221 -0.87 -25.70 36.27
N GLU E 222 0.39 -25.74 35.84
CA GLU E 222 1.50 -25.17 36.61
C GLU E 222 1.72 -23.70 36.29
N LEU E 223 1.58 -23.33 35.01
CA LEU E 223 1.86 -21.98 34.54
C LEU E 223 0.69 -21.00 34.76
N ALA E 224 -0.39 -21.47 35.37
CA ALA E 224 -1.56 -20.62 35.67
C ALA E 224 -1.27 -19.60 36.78
N GLY E 225 -0.28 -19.87 37.62
CA GLY E 225 0.08 -18.98 38.72
C GLY E 225 0.68 -17.64 38.29
N LEU E 226 1.21 -17.59 37.07
CA LEU E 226 1.81 -16.37 36.53
C LEU E 226 0.76 -15.29 36.20
N ALA E 227 -0.48 -15.70 35.96
CA ALA E 227 -1.56 -14.79 35.57
C ALA E 227 -1.65 -13.55 36.48
N GLY E 228 -1.30 -12.39 35.91
CA GLY E 228 -1.37 -11.12 36.63
C GLY E 228 -0.05 -10.65 37.23
N ASN E 229 0.96 -11.54 37.23
CA ASN E 229 2.25 -11.26 37.86
C ASN E 229 2.10 -10.80 39.31
N ARG E 230 1.61 -11.71 40.16
CA ARG E 230 1.36 -11.40 41.56
C ARG E 230 2.65 -11.54 42.38
N ALA E 231 2.80 -10.68 43.39
CA ALA E 231 4.03 -10.62 44.18
C ALA E 231 4.22 -11.79 45.14
N ASP E 232 3.13 -12.47 45.47
CA ASP E 232 3.15 -13.56 46.47
C ASP E 232 4.14 -14.70 46.16
N ILE E 233 4.23 -15.10 44.89
CA ILE E 233 5.02 -16.28 44.51
C ILE E 233 6.53 -15.97 44.41
N PRO E 234 7.38 -16.98 44.70
CA PRO E 234 8.82 -16.82 44.61
C PRO E 234 9.35 -17.11 43.20
N PHE E 235 9.58 -16.05 42.42
CA PHE E 235 10.01 -16.20 41.02
C PHE E 235 11.47 -16.67 40.90
N ASP E 236 12.28 -16.40 41.91
CA ASP E 236 13.70 -16.76 41.90
C ASP E 236 13.91 -18.27 41.94
N ASP E 237 13.13 -18.95 42.77
CA ASP E 237 13.21 -20.41 42.91
C ASP E 237 12.57 -21.13 41.71
N LEU E 238 11.63 -20.47 41.05
CA LEU E 238 10.88 -21.09 39.94
C LEU E 238 11.67 -21.22 38.65
N GLY E 239 12.77 -20.48 38.51
CA GLY E 239 13.55 -20.54 37.28
C GLY E 239 14.84 -19.74 37.27
N LEU E 240 15.54 -19.79 36.13
CA LEU E 240 16.78 -19.04 35.91
C LEU E 240 16.78 -18.42 34.52
N GLN E 241 17.82 -17.62 34.24
CA GLN E 241 18.01 -17.01 32.95
C GLN E 241 19.48 -16.97 32.54
N PHE E 242 19.78 -17.36 31.30
CA PHE E 242 21.17 -17.42 30.84
C PHE E 242 21.48 -16.56 29.63
N THR E 243 22.72 -16.11 29.55
CA THR E 243 23.24 -15.49 28.35
C THR E 243 24.69 -15.87 28.09
N THR E 244 25.15 -15.67 26.87
CA THR E 244 26.43 -16.19 26.46
C THR E 244 27.18 -15.17 25.65
N ARG E 245 28.41 -15.48 25.30
CA ARG E 245 29.29 -14.63 24.51
C ARG E 245 28.71 -14.05 23.22
N HIS E 246 28.18 -14.89 22.34
CA HIS E 246 27.67 -14.41 21.07
C HIS E 246 26.18 -14.14 21.09
N GLY E 247 25.68 -13.80 22.25
CA GLY E 247 24.41 -13.13 22.39
C GLY E 247 23.30 -14.13 22.49
N HIS E 248 23.67 -15.39 22.57
CA HIS E 248 22.70 -16.45 22.75
C HIS E 248 22.27 -16.50 24.20
N GLY E 249 20.98 -16.58 24.43
CA GLY E 249 20.43 -16.60 25.79
C GLY E 249 19.02 -17.13 25.85
N PHE E 250 18.61 -17.56 27.05
CA PHE E 250 17.28 -18.12 27.26
C PHE E 250 16.87 -18.16 28.73
N GLY E 251 15.57 -18.11 28.98
CA GLY E 251 15.01 -18.26 30.32
C GLY E 251 14.47 -19.67 30.50
N VAL E 252 14.35 -20.11 31.75
CA VAL E 252 13.85 -21.45 32.07
C VAL E 252 12.81 -21.42 33.17
N ILE E 253 11.74 -22.19 33.00
CA ILE E 253 10.72 -22.39 34.04
C ILE E 253 10.77 -23.86 34.45
N ASP E 254 11.07 -24.13 35.72
CA ASP E 254 11.34 -25.48 36.20
C ASP E 254 10.09 -26.38 36.18
N ASN E 255 10.25 -27.58 35.63
CA ASN E 255 9.19 -28.59 35.58
C ASN E 255 7.89 -28.07 34.94
N ALA E 256 8.04 -27.34 33.83
CA ALA E 256 6.89 -26.78 33.11
C ALA E 256 7.00 -27.00 31.60
N ALA E 257 7.76 -28.01 31.19
CA ALA E 257 7.94 -28.31 29.76
C ALA E 257 6.60 -28.50 29.08
N ALA E 258 5.80 -29.44 29.60
CA ALA E 258 4.44 -29.67 29.12
C ALA E 258 3.45 -28.84 29.93
N GLY E 259 3.68 -27.52 29.95
CA GLY E 259 2.84 -26.61 30.72
C GLY E 259 1.63 -26.16 29.94
N LEU E 260 1.86 -25.61 28.75
CA LEU E 260 0.79 -25.11 27.89
C LEU E 260 0.04 -26.22 27.16
N HIS E 261 0.66 -27.40 27.07
CA HIS E 261 0.02 -28.56 26.44
C HIS E 261 -1.13 -29.09 27.30
N ILE E 262 -2.36 -28.97 26.80
CA ILE E 262 -3.52 -29.57 27.46
C ILE E 262 -3.56 -31.08 27.20
N LYS E 263 -3.14 -31.48 26.01
CA LYS E 263 -2.96 -32.89 25.66
C LYS E 263 -1.46 -33.19 25.65
N ARG E 264 -0.96 -33.70 26.78
CA ARG E 264 0.47 -33.88 27.00
C ARG E 264 0.82 -35.33 27.38
N GLU E 265 0.01 -36.28 26.90
CA GLU E 265 0.19 -37.69 27.28
C GLU E 265 1.49 -38.26 26.76
N GLY E 266 1.67 -38.22 25.44
CA GLY E 266 2.88 -38.74 24.81
C GLY E 266 4.12 -37.89 25.06
N TRP E 267 3.92 -36.58 25.20
CA TRP E 267 5.03 -35.63 25.38
C TRP E 267 5.65 -35.74 26.78
N THR E 268 4.82 -35.87 27.81
CA THR E 268 5.31 -36.03 29.19
C THR E 268 5.89 -37.43 29.42
N LYS E 269 5.25 -38.44 28.85
CA LYS E 269 5.74 -39.83 28.96
C LYS E 269 7.10 -39.98 28.29
N PHE E 270 7.30 -39.25 27.19
CA PHE E 270 8.59 -39.22 26.48
C PHE E 270 9.68 -38.63 27.38
N LEU E 271 9.35 -37.54 28.08
CA LEU E 271 10.28 -36.89 29.00
C LEU E 271 10.60 -37.77 30.21
N GLU E 272 9.57 -38.44 30.76
CA GLU E 272 9.74 -39.31 31.91
C GLU E 272 10.59 -40.55 31.60
N ASP E 273 10.53 -41.02 30.36
CA ASP E 273 11.35 -42.16 29.92
C ASP E 273 12.79 -41.74 29.64
N THR E 274 12.98 -40.54 29.10
CA THR E 274 14.29 -40.07 28.65
C THR E 274 15.07 -39.27 29.70
N ARG E 275 14.41 -38.81 30.76
CA ARG E 275 15.07 -38.00 31.80
C ARG E 275 16.19 -38.74 32.54
N GLY E 276 16.05 -40.06 32.67
CA GLY E 276 17.03 -40.88 33.38
C GLY E 276 18.37 -40.93 32.65
N GLU E 277 18.33 -41.27 31.36
CA GLU E 277 19.54 -41.35 30.54
CA GLU E 277 19.53 -41.34 30.52
C GLU E 277 20.15 -39.97 30.30
N VAL E 278 19.31 -38.93 30.29
CA VAL E 278 19.79 -37.55 30.16
C VAL E 278 20.53 -37.11 31.43
N ARG E 279 20.06 -37.58 32.59
CA ARG E 279 20.69 -37.28 33.87
C ARG E 279 22.08 -37.91 33.98
N ARG E 280 22.22 -39.14 33.47
CA ARG E 280 23.50 -39.86 33.51
C ARG E 280 24.50 -39.32 32.48
N LYS E 281 23.99 -38.87 31.32
CA LYS E 281 24.84 -38.32 30.27
C LYS E 281 25.41 -36.95 30.65
N PHE E 282 24.51 -35.99 30.85
CA PHE E 282 24.90 -34.59 31.02
C PHE E 282 24.99 -34.16 32.49
N GLY E 283 24.08 -34.69 33.32
CA GLY E 283 24.08 -34.38 34.75
C GLY E 283 22.72 -33.91 35.25
N PRO E 284 22.57 -33.78 36.57
CA PRO E 284 21.31 -33.30 37.16
C PRO E 284 21.08 -31.79 36.98
N GLU E 285 22.13 -31.04 36.69
CA GLU E 285 22.02 -29.60 36.46
C GLU E 285 21.36 -29.32 35.12
N ARG E 286 21.63 -30.17 34.13
CA ARG E 286 21.01 -30.07 32.81
C ARG E 286 19.73 -30.91 32.71
N GLU E 287 19.54 -31.84 33.64
CA GLU E 287 18.26 -32.56 33.77
C GLU E 287 17.16 -31.56 34.16
N ARG E 288 17.52 -30.65 35.06
CA ARG E 288 16.65 -29.53 35.45
C ARG E 288 16.17 -28.75 34.24
N LEU E 289 17.07 -28.51 33.30
CA LEU E 289 16.75 -27.81 32.06
C LEU E 289 15.93 -28.70 31.12
N TYR E 290 16.28 -29.98 31.03
CA TYR E 290 15.58 -30.92 30.16
C TYR E 290 14.09 -31.04 30.48
N LEU E 291 13.72 -30.86 31.74
CA LEU E 291 12.31 -30.92 32.17
C LEU E 291 11.64 -29.54 32.19
N GLY E 292 12.43 -28.47 32.05
CA GLY E 292 11.91 -27.10 32.14
C GLY E 292 11.46 -26.50 30.82
N HIS E 293 10.72 -25.41 30.90
CA HIS E 293 10.22 -24.70 29.72
C HIS E 293 11.18 -23.57 29.33
N TRP E 294 11.72 -23.66 28.12
CA TRP E 294 12.69 -22.67 27.64
C TRP E 294 12.00 -21.55 26.86
N ASN E 295 12.67 -20.41 26.81
CA ASN E 295 12.35 -19.36 25.85
C ASN E 295 13.67 -18.81 25.32
N CYS E 296 14.10 -19.32 24.17
CA CYS E 296 15.42 -19.04 23.63
C CYS E 296 15.37 -18.13 22.40
N SER E 297 16.42 -17.37 22.23
CA SER E 297 16.70 -16.73 20.99
C SER E 297 18.14 -16.97 20.66
N ILE E 298 18.39 -17.52 19.49
CA ILE E 298 19.72 -17.64 18.96
C ILE E 298 20.02 -16.49 18.03
N PHE E 299 21.17 -15.88 18.22
CA PHE E 299 21.47 -14.62 17.62
C PHE E 299 21.86 -14.84 16.17
N PRO E 300 21.27 -14.10 15.26
CA PRO E 300 20.51 -12.91 15.59
C PRO E 300 19.01 -13.17 15.69
N ASN E 301 18.46 -14.03 14.84
CA ASN E 301 17.07 -13.96 14.46
C ASN E 301 16.30 -15.26 14.46
N CYS E 302 16.84 -16.25 15.15
CA CYS E 302 16.12 -17.47 15.42
C CYS E 302 15.69 -17.49 16.85
N SER E 303 14.53 -18.06 17.06
CA SER E 303 13.95 -18.20 18.39
C SER E 303 13.04 -19.43 18.48
N PHE E 304 12.94 -19.98 19.70
CA PHE E 304 12.07 -21.15 19.94
C PHE E 304 11.71 -21.31 21.40
N LEU E 305 10.65 -22.07 21.65
CA LEU E 305 10.20 -22.39 23.00
C LEU E 305 10.20 -23.91 23.19
N TYR E 306 11.24 -24.43 23.85
CA TYR E 306 11.30 -25.85 24.18
C TYR E 306 10.27 -26.16 25.25
N GLY E 307 9.44 -27.18 24.99
CA GLY E 307 8.31 -27.50 25.85
C GLY E 307 7.02 -27.29 25.10
N THR E 308 6.70 -26.03 24.81
CA THR E 308 5.59 -25.68 23.93
C THR E 308 5.91 -26.07 22.49
N ASN E 309 7.21 -26.13 22.17
CA ASN E 309 7.70 -26.66 20.90
C ASN E 309 7.27 -25.85 19.67
N THR E 310 7.49 -24.54 19.77
CA THR E 310 7.34 -23.65 18.62
C THR E 310 8.72 -23.15 18.21
N PHE E 311 8.97 -23.04 16.92
CA PHE E 311 10.27 -22.64 16.38
C PHE E 311 10.08 -21.55 15.34
N LYS E 312 10.65 -20.37 15.58
CA LYS E 312 10.41 -19.20 14.73
C LYS E 312 11.71 -18.57 14.21
N ILE E 313 11.63 -18.01 13.00
CA ILE E 313 12.73 -17.26 12.40
C ILE E 313 12.19 -15.93 11.89
N TRP E 314 12.81 -14.83 12.32
CA TRP E 314 12.34 -13.48 11.98
C TRP E 314 13.15 -12.92 10.81
N HIS E 315 12.61 -13.04 9.60
CA HIS E 315 13.28 -12.52 8.41
C HIS E 315 12.95 -11.04 8.24
N PRO E 316 13.96 -10.15 8.39
CA PRO E 316 13.69 -8.72 8.27
C PRO E 316 13.35 -8.29 6.84
N ARG E 317 12.35 -7.42 6.71
CA ARG E 317 11.97 -6.82 5.43
C ARG E 317 12.06 -5.30 5.57
N GLY E 318 13.25 -4.82 5.93
CA GLY E 318 13.46 -3.43 6.29
C GLY E 318 13.41 -3.27 7.80
N PRO E 319 13.61 -2.03 8.28
CA PRO E 319 13.62 -1.77 9.73
C PRO E 319 12.24 -1.83 10.39
N HIS E 320 11.17 -1.68 9.60
CA HIS E 320 9.80 -1.61 10.15
C HIS E 320 8.91 -2.78 9.73
N GLU E 321 9.51 -3.91 9.34
CA GLU E 321 8.74 -5.08 8.91
C GLU E 321 9.56 -6.37 8.94
N ILE E 322 8.89 -7.48 9.22
CA ILE E 322 9.52 -8.80 9.21
C ILE E 322 8.58 -9.86 8.63
N GLU E 323 9.13 -11.04 8.33
CA GLU E 323 8.36 -12.18 7.87
C GLU E 323 8.63 -13.38 8.77
N VAL E 324 7.65 -13.72 9.61
CA VAL E 324 7.81 -14.76 10.63
C VAL E 324 7.54 -16.15 10.05
N TRP E 325 8.55 -17.02 10.13
CA TRP E 325 8.43 -18.41 9.68
C TRP E 325 8.36 -19.33 10.88
N THR E 326 7.15 -19.83 11.18
CA THR E 326 6.92 -20.64 12.38
C THR E 326 6.91 -22.14 12.08
N TYR E 327 7.94 -22.85 12.57
CA TYR E 327 8.00 -24.31 12.50
C TYR E 327 7.61 -24.92 13.84
N THR E 328 7.56 -26.25 13.90
CA THR E 328 7.35 -26.98 15.14
C THR E 328 8.54 -27.90 15.41
N ILE E 329 9.17 -27.72 16.58
CA ILE E 329 10.37 -28.47 16.95
C ILE E 329 10.02 -29.68 17.84
N VAL E 330 10.26 -30.88 17.34
CA VAL E 330 9.92 -32.12 18.06
C VAL E 330 11.09 -33.09 18.11
N PRO E 331 11.10 -34.01 19.10
CA PRO E 331 12.18 -35.00 19.18
C PRO E 331 12.09 -36.06 18.08
N ARG E 332 13.25 -36.58 17.65
CA ARG E 332 13.30 -37.60 16.62
C ARG E 332 12.70 -38.94 17.09
N ASP E 333 13.07 -39.35 18.29
CA ASP E 333 12.68 -40.66 18.82
C ASP E 333 11.22 -40.74 19.30
N ALA E 334 10.54 -39.60 19.37
CA ALA E 334 9.11 -39.58 19.74
C ALA E 334 8.26 -40.23 18.66
N ASP E 335 7.11 -40.77 19.07
CA ASP E 335 6.21 -41.47 18.15
C ASP E 335 5.50 -40.48 17.22
N PRO E 336 5.16 -40.92 15.99
CA PRO E 336 4.42 -40.09 15.02
C PRO E 336 3.16 -39.43 15.60
N ALA E 337 2.44 -40.17 16.44
CA ALA E 337 1.23 -39.64 17.10
C ALA E 337 1.57 -38.52 18.08
N THR E 338 2.68 -38.69 18.80
CA THR E 338 3.15 -37.67 19.75
C THR E 338 3.66 -36.42 19.02
N LYS E 339 4.34 -36.61 17.90
CA LYS E 339 4.82 -35.50 17.07
C LYS E 339 3.67 -34.65 16.55
N SER E 340 2.61 -35.30 16.06
CA SER E 340 1.42 -34.61 15.56
C SER E 340 0.64 -33.94 16.69
N MET E 341 0.65 -34.56 17.87
CA MET E 341 0.00 -33.98 19.06
C MET E 341 0.73 -32.71 19.51
N ILE E 342 2.07 -32.79 19.55
CA ILE E 342 2.90 -31.62 19.85
C ILE E 342 2.73 -30.53 18.80
N GLN E 343 2.57 -30.93 17.54
CA GLN E 343 2.40 -29.98 16.44
C GLN E 343 1.11 -29.18 16.58
N ARG E 344 0.01 -29.86 16.91
CA ARG E 344 -1.29 -29.19 17.07
C ARG E 344 -1.33 -28.25 18.28
N GLU E 345 -0.76 -28.70 19.39
CA GLU E 345 -0.71 -27.88 20.61
C GLU E 345 0.21 -26.67 20.47
N ALA E 346 1.29 -26.82 19.70
CA ALA E 346 2.23 -25.73 19.46
C ALA E 346 1.63 -24.65 18.56
N ILE E 347 0.95 -25.07 17.50
CA ILE E 347 0.32 -24.15 16.54
C ILE E 347 -0.92 -23.48 17.16
N ARG E 348 -1.66 -24.20 17.99
CA ARG E 348 -2.81 -23.64 18.69
C ARG E 348 -2.39 -22.55 19.69
N THR E 349 -1.17 -22.66 20.20
CA THR E 349 -0.64 -21.69 21.16
C THR E 349 0.13 -20.57 20.48
N PHE E 350 1.08 -20.93 19.61
CA PHE E 350 1.99 -19.95 18.99
C PHE E 350 2.00 -19.98 17.46
N GLY E 351 0.87 -20.35 16.84
CA GLY E 351 0.75 -20.32 15.38
C GLY E 351 0.36 -18.95 14.88
N THR E 352 -0.13 -18.89 13.64
CA THR E 352 -0.62 -17.64 13.07
C THR E 352 -1.87 -17.16 13.82
N ALA E 353 -2.76 -18.11 14.13
CA ALA E 353 -3.92 -17.84 14.96
C ALA E 353 -3.74 -18.48 16.35
N GLY E 354 -2.56 -18.30 16.93
CA GLY E 354 -2.25 -18.88 18.23
C GLY E 354 -2.99 -18.20 19.36
N THR E 355 -3.28 -18.95 20.42
CA THR E 355 -4.00 -18.41 21.57
C THR E 355 -3.14 -17.45 22.40
N LEU E 356 -1.82 -17.62 22.32
CA LEU E 356 -0.88 -16.73 23.00
C LEU E 356 -0.28 -15.72 22.03
N GLU E 357 0.28 -16.20 20.93
CA GLU E 357 0.98 -15.34 19.95
C GLU E 357 0.11 -14.20 19.41
N SER E 358 -1.21 -14.43 19.32
CA SER E 358 -2.14 -13.38 18.88
C SER E 358 -2.18 -12.18 19.81
N ASP E 359 -1.85 -12.38 21.09
CA ASP E 359 -1.79 -11.28 22.06
C ASP E 359 -0.60 -10.36 21.81
N ASP E 360 0.52 -10.94 21.38
CA ASP E 360 1.77 -10.18 21.20
C ASP E 360 1.81 -9.35 19.92
N GLY E 361 0.87 -9.58 19.01
CA GLY E 361 0.83 -8.89 17.71
C GLY E 361 1.06 -7.40 17.76
N GLU E 362 0.35 -6.71 18.66
CA GLU E 362 0.47 -5.26 18.79
C GLU E 362 1.74 -4.85 19.54
N ASN E 363 2.13 -5.62 20.54
CA ASN E 363 3.31 -5.33 21.35
C ASN E 363 4.60 -5.22 20.52
N MET E 364 4.67 -5.99 19.44
CA MET E 364 5.81 -5.94 18.52
C MET E 364 5.74 -4.70 17.63
N SER E 365 4.58 -4.49 17.00
CA SER E 365 4.39 -3.42 16.03
C SER E 365 4.37 -2.03 16.66
N SER E 366 3.66 -1.89 17.78
CA SER E 366 3.53 -0.60 18.46
C SER E 366 4.87 -0.08 18.98
N ALA E 367 5.74 -0.99 19.42
CA ALA E 367 7.08 -0.61 19.88
C ALA E 367 7.94 -0.03 18.75
N THR E 368 7.71 -0.51 17.53
CA THR E 368 8.46 -0.05 16.36
C THR E 368 7.90 1.25 15.80
N TYR E 369 6.61 1.26 15.50
CA TYR E 369 5.96 2.39 14.81
C TYR E 369 5.66 3.61 15.70
N ILE E 370 5.86 3.47 17.00
CA ILE E 370 5.80 4.62 17.92
C ILE E 370 6.97 5.57 17.66
N ASN E 371 8.07 5.02 17.13
CA ASN E 371 9.25 5.81 16.79
C ASN E 371 9.12 6.55 15.45
N ARG E 372 7.90 6.66 14.94
CA ARG E 372 7.63 7.48 13.75
C ARG E 372 7.80 8.97 14.04
N GLY E 373 7.56 9.35 15.30
CA GLY E 373 7.80 10.72 15.75
C GLY E 373 9.25 10.96 16.10
N VAL E 374 9.73 12.17 15.84
CA VAL E 374 11.15 12.52 16.04
C VAL E 374 11.52 12.66 17.53
N ILE E 375 10.63 13.26 18.32
CA ILE E 375 10.87 13.44 19.76
C ILE E 375 10.80 12.11 20.48
N THR E 376 9.97 11.20 19.98
CA THR E 376 9.82 9.86 20.56
C THR E 376 11.08 9.02 20.33
N ARG E 377 11.51 8.90 19.07
CA ARG E 377 12.61 8.00 18.71
C ARG E 377 13.99 8.43 19.24
N ASN E 378 14.13 9.70 19.62
CA ASN E 378 15.35 10.19 20.27
C ASN E 378 15.41 9.84 21.76
N GLY E 379 14.33 9.26 22.30
CA GLY E 379 14.32 8.77 23.67
C GLY E 379 15.12 7.48 23.83
N ARG E 380 14.90 6.80 24.95
CA ARG E 380 15.64 5.57 25.25
C ARG E 380 14.74 4.48 25.85
N MET E 381 15.25 3.26 25.85
CA MET E 381 14.55 2.09 26.38
C MET E 381 15.32 1.52 27.56
N ASN E 382 14.59 1.05 28.58
CA ASN E 382 15.19 0.52 29.80
C ASN E 382 15.25 -1.00 29.77
N SER E 383 16.36 -1.55 30.29
CA SER E 383 16.52 -2.99 30.43
C SER E 383 17.43 -3.28 31.64
N THR E 384 16.94 -2.92 32.83
CA THR E 384 17.73 -3.00 34.06
C THR E 384 17.12 -3.92 35.12
N MET E 385 16.19 -4.79 34.71
CA MET E 385 15.52 -5.70 35.64
C MET E 385 16.47 -6.83 36.03
N GLY E 386 16.88 -6.83 37.30
CA GLY E 386 17.80 -7.85 37.82
C GLY E 386 19.26 -7.52 37.53
N VAL E 387 19.58 -6.24 37.38
CA VAL E 387 20.97 -5.81 37.19
C VAL E 387 21.72 -5.89 38.52
N GLY E 388 22.88 -6.55 38.50
CA GLY E 388 23.64 -6.82 39.72
C GLY E 388 23.41 -8.21 40.25
N TYR E 389 22.18 -8.70 40.13
CA TYR E 389 21.82 -10.06 40.54
C TYR E 389 22.10 -11.05 39.40
N GLU E 390 23.38 -11.18 39.05
CA GLU E 390 23.79 -12.00 37.91
C GLU E 390 25.32 -12.15 37.90
N GLY E 391 25.81 -13.19 37.23
CA GLY E 391 27.25 -13.43 37.14
C GLY E 391 27.59 -14.82 36.65
N PRO E 392 28.90 -15.16 36.67
CA PRO E 392 29.36 -16.48 36.24
C PRO E 392 29.01 -17.58 37.24
N HIS E 393 28.30 -18.60 36.77
CA HIS E 393 27.88 -19.72 37.61
C HIS E 393 29.01 -20.76 37.67
N PRO E 394 29.25 -21.35 38.86
CA PRO E 394 30.30 -22.37 38.97
C PRO E 394 30.00 -23.70 38.25
N VAL E 395 28.78 -23.88 37.77
CA VAL E 395 28.38 -25.07 37.01
C VAL E 395 27.97 -24.71 35.58
N TYR E 396 27.06 -23.74 35.45
CA TYR E 396 26.58 -23.30 34.14
C TYR E 396 27.56 -22.30 33.51
N PRO E 397 27.83 -22.45 32.19
CA PRO E 397 28.72 -21.50 31.50
C PRO E 397 28.07 -20.16 31.22
N GLY E 398 28.88 -19.18 30.82
CA GLY E 398 28.39 -17.83 30.51
C GLY E 398 27.95 -17.09 31.76
N ILE E 399 26.98 -16.19 31.60
CA ILE E 399 26.42 -15.42 32.71
C ILE E 399 24.99 -15.88 32.97
N VAL E 400 24.66 -16.08 34.24
CA VAL E 400 23.35 -16.60 34.66
C VAL E 400 22.61 -15.60 35.55
N GLY E 401 21.28 -15.64 35.48
CA GLY E 401 20.42 -14.78 36.29
C GLY E 401 19.62 -15.58 37.31
N ILE E 402 19.21 -14.91 38.39
CA ILE E 402 18.48 -15.57 39.49
C ILE E 402 17.04 -15.95 39.15
N SER E 403 16.41 -15.22 38.22
CA SER E 403 15.01 -15.47 37.84
C SER E 403 14.83 -15.35 36.33
N PHE E 404 13.88 -16.12 35.80
CA PHE E 404 13.58 -16.08 34.36
C PHE E 404 12.81 -14.80 34.00
N ILE E 405 12.12 -14.22 34.97
CA ILE E 405 11.56 -12.87 34.83
C ILE E 405 12.67 -11.86 35.14
N GLY E 406 13.54 -11.66 34.16
CA GLY E 406 14.67 -10.74 34.28
C GLY E 406 15.08 -10.20 32.92
N GLU E 407 16.20 -9.49 32.89
CA GLU E 407 16.70 -8.89 31.65
C GLU E 407 18.21 -9.07 31.47
N THR E 408 18.73 -10.19 32.01
CA THR E 408 20.11 -10.60 31.77
C THR E 408 20.32 -10.93 30.29
N SER E 409 19.36 -11.66 29.71
CA SER E 409 19.41 -12.00 28.29
CA SER E 409 19.40 -12.00 28.29
C SER E 409 19.23 -10.76 27.41
N TYR E 410 18.38 -9.84 27.85
CA TYR E 410 18.19 -8.57 27.17
C TYR E 410 19.52 -7.82 27.07
N ARG E 411 20.19 -7.65 28.21
CA ARG E 411 21.49 -6.99 28.27
C ARG E 411 22.53 -7.69 27.39
N GLY E 412 22.63 -9.01 27.54
CA GLY E 412 23.59 -9.80 26.78
C GLY E 412 23.34 -9.82 25.28
N PHE E 413 22.07 -9.73 24.89
CA PHE E 413 21.69 -9.66 23.47
C PHE E 413 22.19 -8.36 22.85
N TYR E 414 21.83 -7.24 23.48
CA TYR E 414 22.23 -5.92 22.99
C TYR E 414 23.70 -5.59 23.21
N ARG E 415 24.34 -6.30 24.14
CA ARG E 415 25.78 -6.18 24.37
C ARG E 415 26.57 -6.70 23.17
N PHE E 416 26.22 -7.90 22.72
CA PHE E 416 26.83 -8.49 21.53
C PHE E 416 26.40 -7.74 20.25
N TRP E 417 25.18 -7.24 20.25
CA TRP E 417 24.68 -6.41 19.15
C TRP E 417 25.54 -5.17 18.98
N LYS E 418 25.86 -4.52 20.09
CA LYS E 418 26.75 -3.35 20.10
C LYS E 418 28.16 -3.71 19.64
N GLU E 419 28.63 -4.89 20.05
CA GLU E 419 29.97 -5.37 19.67
C GLU E 419 30.08 -5.59 18.17
N MET E 420 29.03 -6.15 17.56
CA MET E 420 29.02 -6.43 16.12
C MET E 420 28.90 -5.13 15.30
N ILE E 421 28.05 -4.21 15.77
CA ILE E 421 27.82 -2.93 15.08
C ILE E 421 29.04 -2.01 15.15
N ASP E 422 29.80 -2.09 16.24
CA ASP E 422 31.00 -1.26 16.42
C ASP E 422 32.22 -1.83 15.71
N ALA E 423 32.39 -3.15 15.77
CA ALA E 423 33.55 -3.81 15.17
C ALA E 423 33.46 -3.80 13.64
N PRO E 424 34.58 -3.51 12.95
CA PRO E 424 34.64 -3.55 11.49
C PRO E 424 34.82 -4.94 10.87
N ASP E 425 35.18 -5.93 11.69
CA ASP E 425 35.34 -7.31 11.21
C ASP E 425 35.29 -8.33 12.36
N TRP E 426 35.32 -9.61 12.02
CA TRP E 426 35.31 -10.68 13.02
C TRP E 426 36.59 -10.72 13.87
N ALA E 427 37.69 -10.23 13.32
CA ALA E 427 38.96 -10.15 14.06
C ALA E 427 38.85 -9.22 15.26
N SER E 428 38.12 -8.11 15.08
CA SER E 428 37.88 -7.16 16.17
C SER E 428 36.90 -7.71 17.21
N VAL E 429 35.98 -8.57 16.76
CA VAL E 429 35.03 -9.23 17.66
C VAL E 429 35.78 -10.24 18.54
N LYS E 430 36.53 -11.14 17.90
CA LYS E 430 37.26 -12.20 18.60
C LYS E 430 38.30 -11.70 19.62
N ALA E 431 38.67 -10.43 19.54
CA ALA E 431 39.58 -9.81 20.51
C ALA E 431 38.96 -9.67 21.90
N ASN E 432 37.63 -9.66 21.97
CA ASN E 432 36.91 -9.49 23.25
C ASN E 432 36.53 -10.81 23.93
N ASP E 433 37.10 -11.93 23.45
CA ASP E 433 36.77 -13.25 23.99
C ASP E 433 37.00 -13.39 25.49
N ASP E 434 38.00 -12.67 26.03
CA ASP E 434 38.35 -12.75 27.45
C ASP E 434 37.75 -11.62 28.28
N THR E 435 37.23 -10.58 27.63
CA THR E 435 36.71 -9.40 28.33
C THR E 435 35.29 -9.00 27.88
N TRP E 436 34.49 -9.99 27.48
CA TRP E 436 33.11 -9.73 27.04
C TRP E 436 32.16 -9.53 28.21
N ASP E 437 32.35 -10.31 29.28
CA ASP E 437 31.46 -10.27 30.45
C ASP E 437 32.00 -9.41 31.60
N SER E 438 32.86 -8.43 31.26
CA SER E 438 33.33 -7.46 32.23
C SER E 438 32.25 -6.42 32.54
N VAL E 439 31.29 -6.26 31.63
CA VAL E 439 30.15 -5.38 31.83
C VAL E 439 29.24 -5.86 32.97
N PHE E 440 29.29 -7.16 33.25
CA PHE E 440 28.63 -7.75 34.42
C PHE E 440 29.63 -7.73 35.58
N PRO E 441 29.48 -6.76 36.51
CA PRO E 441 30.54 -6.52 37.50
C PRO E 441 30.54 -7.47 38.70
N ASN E 442 29.38 -8.03 39.02
CA ASN E 442 29.26 -8.90 40.20
C ASN E 442 29.87 -10.28 39.93
N ARG E 443 31.18 -10.38 40.17
CA ARG E 443 31.94 -11.61 39.93
C ARG E 443 31.64 -12.67 41.00
N ASN E 444 31.60 -12.23 42.26
CA ASN E 444 31.43 -13.14 43.40
C ASN E 444 29.96 -13.25 43.85
N PHE E 445 29.05 -13.32 42.88
CA PHE E 445 27.62 -13.36 43.18
C PHE E 445 27.15 -14.77 43.56
N TRP E 446 27.39 -15.72 42.66
CA TRP E 446 26.89 -17.09 42.82
C TRP E 446 27.63 -17.88 43.91
N ASN E 447 28.89 -17.55 44.15
CA ASN E 447 29.65 -18.17 45.25
C ASN E 447 29.06 -17.82 46.61
N GLU E 448 28.59 -16.57 46.75
CA GLU E 448 27.91 -16.12 47.96
C GLU E 448 26.49 -16.68 48.06
N LYS E 449 25.83 -16.82 46.92
CA LYS E 449 24.44 -17.32 46.87
C LYS E 449 24.35 -18.80 47.24
N LEU E 450 25.21 -19.62 46.63
CA LEU E 450 25.19 -21.07 46.85
C LEU E 450 25.64 -21.46 48.25
N ASN E 451 26.72 -20.83 48.73
CA ASN E 451 27.25 -21.12 50.07
C ASN E 451 26.32 -20.65 51.20
N ALA E 452 25.61 -19.56 50.96
CA ALA E 452 24.63 -19.04 51.93
C ALA E 452 23.40 -19.95 52.01
N ALA E 453 22.98 -20.47 50.86
CA ALA E 453 21.85 -21.40 50.80
C ALA E 453 22.22 -22.76 51.39
N GLU E 454 21.20 -23.56 51.69
CA GLU E 454 21.36 -24.88 52.33
C GLU E 454 22.45 -24.90 53.40
N GLN F 5 -23.91 -36.37 -6.25
CA GLN F 5 -23.75 -34.90 -6.16
C GLN F 5 -25.00 -34.19 -6.70
N ILE F 6 -26.04 -34.16 -5.87
CA ILE F 6 -27.31 -33.52 -6.21
C ILE F 6 -27.39 -32.14 -5.56
N PRO F 7 -27.49 -31.06 -6.36
CA PRO F 7 -27.70 -29.73 -5.80
C PRO F 7 -29.01 -29.63 -5.02
N VAL F 8 -28.98 -28.87 -3.92
CA VAL F 8 -30.15 -28.71 -3.05
C VAL F 8 -31.23 -27.84 -3.71
N THR F 9 -32.46 -27.98 -3.25
CA THR F 9 -33.59 -27.24 -3.78
C THR F 9 -33.54 -25.76 -3.35
N PRO F 10 -34.19 -24.86 -4.11
CA PRO F 10 -34.21 -23.43 -3.78
C PRO F 10 -34.68 -23.11 -2.35
N ASP F 11 -35.62 -23.89 -1.83
CA ASP F 11 -36.12 -23.71 -0.46
C ASP F 11 -35.05 -24.05 0.58
N VAL F 12 -34.28 -25.11 0.32
CA VAL F 12 -33.18 -25.51 1.20
C VAL F 12 -32.00 -24.56 1.08
N HIS F 13 -31.77 -24.03 -0.12
CA HIS F 13 -30.67 -23.09 -0.38
C HIS F 13 -30.82 -21.81 0.44
N TYR F 14 -32.06 -21.32 0.58
CA TYR F 14 -32.33 -20.13 1.38
C TYR F 14 -32.05 -20.38 2.87
N ASP F 15 -32.43 -21.56 3.36
CA ASP F 15 -32.22 -21.92 4.76
C ASP F 15 -30.75 -21.99 5.13
N ILE F 16 -29.93 -22.47 4.20
CA ILE F 16 -28.47 -22.50 4.37
C ILE F 16 -27.88 -21.09 4.23
N GLU F 17 -28.43 -20.31 3.29
CA GLU F 17 -28.02 -18.91 3.11
C GLU F 17 -28.36 -18.08 4.35
N ALA F 18 -29.57 -18.25 4.86
CA ALA F 18 -30.01 -17.55 6.08
C ALA F 18 -29.23 -18.00 7.32
N HIS F 19 -28.80 -19.25 7.32
CA HIS F 19 -27.98 -19.78 8.42
C HIS F 19 -26.60 -19.13 8.46
N TYR F 20 -25.95 -19.03 7.31
CA TYR F 20 -24.64 -18.37 7.21
C TYR F 20 -24.73 -16.87 7.50
N ARG F 21 -25.85 -16.26 7.13
CA ARG F 21 -26.07 -14.84 7.43
C ARG F 21 -26.24 -14.60 8.93
N ALA F 22 -26.97 -15.49 9.59
CA ALA F 22 -27.13 -15.44 11.05
C ALA F 22 -25.82 -15.77 11.75
N GLU F 23 -25.02 -16.64 11.12
CA GLU F 23 -23.70 -17.02 11.64
C GLU F 23 -22.72 -15.84 11.56
N VAL F 24 -22.78 -15.11 10.45
CA VAL F 24 -21.94 -13.92 10.26
C VAL F 24 -22.27 -12.83 11.28
N ARG F 25 -23.55 -12.65 11.58
CA ARG F 25 -23.99 -11.64 12.56
C ARG F 25 -23.42 -11.92 13.96
N MET F 26 -23.31 -13.19 14.32
CA MET F 26 -22.78 -13.58 15.63
C MET F 26 -21.28 -13.30 15.78
N PHE F 27 -20.52 -13.48 14.69
CA PHE F 27 -19.10 -13.16 14.70
C PHE F 27 -18.87 -11.65 14.79
N GLN F 28 -19.67 -10.89 14.05
CA GLN F 28 -19.54 -9.43 14.03
C GLN F 28 -19.99 -8.80 15.36
N THR F 29 -21.06 -9.33 15.94
CA THR F 29 -21.56 -8.84 17.23
C THR F 29 -20.78 -9.42 18.43
N GLY F 30 -19.99 -10.46 18.18
CA GLY F 30 -19.16 -11.07 19.21
C GLY F 30 -19.93 -12.00 20.13
N GLN F 31 -20.86 -12.77 19.55
CA GLN F 31 -21.64 -13.75 20.29
C GLN F 31 -21.14 -15.16 19.95
N TYR F 32 -19.93 -15.47 20.43
CA TYR F 32 -19.25 -16.72 20.09
C TYR F 32 -19.78 -17.93 20.84
N ARG F 33 -20.25 -17.73 22.08
CA ARG F 33 -20.80 -18.83 22.89
C ARG F 33 -22.09 -19.41 22.30
N GLU F 34 -22.97 -18.53 21.84
CA GLU F 34 -24.22 -18.94 21.20
C GLU F 34 -23.96 -19.65 19.87
N TRP F 35 -22.95 -19.19 19.15
CA TRP F 35 -22.52 -19.83 17.90
C TRP F 35 -21.94 -21.22 18.17
N LEU F 36 -21.12 -21.33 19.20
CA LEU F 36 -20.41 -22.57 19.53
C LEU F 36 -21.35 -23.72 19.89
N GLN F 37 -22.47 -23.42 20.54
CA GLN F 37 -23.44 -24.44 20.96
C GLN F 37 -24.59 -24.60 19.97
N GLY F 38 -25.04 -23.49 19.39
CA GLY F 38 -26.21 -23.48 18.52
C GLY F 38 -25.96 -23.81 17.06
N MET F 39 -24.77 -23.45 16.56
CA MET F 39 -24.46 -23.61 15.13
C MET F 39 -23.26 -24.54 14.86
N VAL F 40 -22.75 -25.20 15.89
CA VAL F 40 -21.64 -26.14 15.74
C VAL F 40 -21.92 -27.43 16.51
N ALA F 41 -21.69 -28.57 15.85
CA ALA F 41 -21.91 -29.88 16.46
C ALA F 41 -20.78 -30.23 17.42
N GLU F 42 -21.02 -31.20 18.29
CA GLU F 42 -20.04 -31.62 19.29
C GLU F 42 -18.97 -32.56 18.72
N ASP F 43 -19.17 -33.04 17.50
CA ASP F 43 -18.15 -33.81 16.78
C ASP F 43 -17.56 -32.97 15.62
N ILE F 44 -17.39 -31.67 15.88
CA ILE F 44 -16.88 -30.73 14.88
C ILE F 44 -15.39 -30.91 14.65
N HIS F 45 -14.96 -30.72 13.41
CA HIS F 45 -13.53 -30.67 13.08
C HIS F 45 -13.21 -29.38 12.32
N TYR F 46 -12.79 -28.36 13.07
CA TYR F 46 -12.43 -27.07 12.50
C TYR F 46 -10.99 -27.17 11.99
N TRP F 47 -10.82 -27.08 10.67
CA TRP F 47 -9.53 -27.36 10.02
C TRP F 47 -9.15 -26.27 9.01
N MET F 48 -7.91 -25.81 9.09
CA MET F 48 -7.35 -24.85 8.14
C MET F 48 -5.91 -25.27 7.80
N PRO F 49 -5.74 -26.13 6.79
CA PRO F 49 -4.40 -26.65 6.46
C PRO F 49 -3.48 -25.63 5.82
N ILE F 50 -2.17 -25.86 5.93
CA ILE F 50 -1.16 -24.98 5.36
C ILE F 50 -0.73 -25.50 3.99
N TYR F 51 -1.33 -24.94 2.94
CA TYR F 51 -0.91 -25.24 1.56
C TYR F 51 0.39 -24.51 1.24
N GLU F 52 1.28 -25.18 0.52
CA GLU F 52 2.54 -24.58 0.11
C GLU F 52 2.66 -24.53 -1.42
N GLN F 53 3.46 -23.59 -1.91
CA GLN F 53 3.65 -23.42 -3.34
C GLN F 53 4.56 -24.52 -3.88
N ARG F 54 3.97 -25.44 -4.65
CA ARG F 54 4.69 -26.55 -5.24
C ARG F 54 4.72 -26.43 -6.76
N LEU F 55 5.57 -27.21 -7.41
CA LEU F 55 5.59 -27.30 -8.86
C LEU F 55 4.49 -28.25 -9.33
N THR F 56 4.05 -28.07 -10.58
CA THR F 56 2.97 -28.89 -11.14
C THR F 56 3.39 -30.35 -11.33
N ARG F 57 4.68 -30.58 -11.57
CA ARG F 57 5.21 -31.94 -11.72
C ARG F 57 5.30 -32.70 -10.40
N ASP F 58 5.19 -31.99 -9.28
CA ASP F 58 5.21 -32.60 -7.94
C ASP F 58 3.99 -33.49 -7.76
N ARG F 59 4.21 -34.70 -7.25
CA ARG F 59 3.14 -35.70 -7.10
C ARG F 59 2.84 -36.06 -5.64
N ARG F 60 3.30 -35.22 -4.70
CA ARG F 60 3.00 -35.44 -3.28
C ARG F 60 1.54 -35.10 -3.00
N PRO F 61 0.91 -35.81 -2.05
CA PRO F 61 -0.51 -35.61 -1.76
C PRO F 61 -0.79 -34.33 -0.98
N ASP F 62 -2.01 -33.81 -1.11
CA ASP F 62 -2.40 -32.56 -0.46
C ASP F 62 -2.45 -32.70 1.07
N PRO F 63 -2.32 -31.57 1.80
CA PRO F 63 -2.31 -31.59 3.27
C PRO F 63 -3.47 -32.36 3.91
N THR F 64 -3.14 -33.16 4.93
CA THR F 64 -4.13 -33.93 5.68
C THR F 64 -4.17 -33.38 7.11
N PRO F 65 -5.19 -33.79 7.91
CA PRO F 65 -5.25 -33.35 9.31
C PRO F 65 -4.02 -33.72 10.15
N ASP F 66 -3.30 -34.78 9.76
CA ASP F 66 -2.08 -35.19 10.45
C ASP F 66 -0.94 -34.18 10.23
N ASP F 67 -0.97 -33.49 9.09
CA ASP F 67 0.06 -32.50 8.76
C ASP F 67 -0.21 -31.16 9.47
N ALA F 68 0.69 -30.20 9.27
CA ALA F 68 0.58 -28.88 9.91
C ALA F 68 -0.65 -28.12 9.44
N ALA F 69 -1.24 -27.34 10.35
CA ALA F 69 -2.43 -26.56 10.06
C ALA F 69 -2.62 -25.45 11.09
N ILE F 70 -3.10 -24.29 10.64
CA ILE F 70 -3.34 -23.16 11.53
C ILE F 70 -4.47 -23.49 12.51
N TYR F 71 -5.53 -24.10 11.98
CA TYR F 71 -6.61 -24.65 12.80
C TYR F 71 -6.66 -26.15 12.59
N ASN F 72 -6.88 -26.90 13.67
CA ASN F 72 -7.02 -28.35 13.63
C ASN F 72 -7.68 -28.83 14.92
N ASP F 73 -8.86 -28.27 15.19
CA ASP F 73 -9.48 -28.35 16.52
C ASP F 73 -10.70 -29.26 16.56
N ASP F 74 -10.92 -29.88 17.73
CA ASP F 74 -12.18 -30.57 18.03
C ASP F 74 -13.13 -29.57 18.71
N PHE F 75 -14.22 -30.06 19.29
CA PHE F 75 -15.19 -29.19 19.95
C PHE F 75 -14.62 -28.50 21.19
N GLY F 76 -13.93 -29.29 22.03
CA GLY F 76 -13.31 -28.76 23.25
C GLY F 76 -12.20 -27.77 22.98
N GLU F 77 -11.44 -28.00 21.92
CA GLU F 77 -10.35 -27.11 21.52
C GLU F 77 -10.87 -25.83 20.86
N LEU F 78 -12.07 -25.88 20.29
CA LEU F 78 -12.76 -24.68 19.80
C LEU F 78 -13.31 -23.88 20.98
N LYS F 79 -13.83 -24.58 21.98
CA LYS F 79 -14.29 -23.96 23.22
C LYS F 79 -13.15 -23.31 23.99
N GLN F 80 -11.94 -23.88 23.86
CA GLN F 80 -10.74 -23.30 24.43
C GLN F 80 -10.43 -21.94 23.80
N ARG F 81 -10.64 -21.85 22.48
CA ARG F 81 -10.38 -20.62 21.73
C ARG F 81 -11.47 -19.56 21.95
N VAL F 82 -12.73 -20.00 22.07
CA VAL F 82 -13.86 -19.09 22.22
C VAL F 82 -13.86 -18.37 23.57
N GLU F 83 -13.59 -19.12 24.64
CA GLU F 83 -13.61 -18.58 26.00
C GLU F 83 -12.46 -17.61 26.30
N ARG F 84 -11.39 -17.66 25.50
CA ARG F 84 -10.30 -16.69 25.60
C ARG F 84 -10.80 -15.28 25.26
N LEU F 85 -11.54 -15.18 24.15
CA LEU F 85 -12.11 -13.90 23.71
C LEU F 85 -13.21 -13.42 24.65
N TYR F 86 -13.93 -14.35 25.25
CA TYR F 86 -15.16 -14.05 25.99
C TYR F 86 -14.89 -13.60 27.42
N SER F 87 -14.35 -14.50 28.24
CA SER F 87 -14.14 -14.23 29.67
C SER F 87 -12.80 -13.53 29.95
N GLY F 88 -11.81 -13.77 29.09
CA GLY F 88 -10.48 -13.21 29.25
C GLY F 88 -10.43 -11.71 29.01
N GLN F 89 -9.28 -11.11 29.32
CA GLN F 89 -9.08 -9.67 29.16
C GLN F 89 -7.85 -9.38 28.30
N VAL F 90 -7.99 -9.61 26.99
CA VAL F 90 -6.92 -9.38 26.04
C VAL F 90 -6.76 -7.87 25.80
N TRP F 91 -5.54 -7.37 26.00
CA TRP F 91 -5.25 -5.94 25.85
C TRP F 91 -5.25 -5.50 24.38
N MET F 92 -4.90 -6.42 23.49
CA MET F 92 -4.84 -6.11 22.08
C MET F 92 -6.23 -5.87 21.58
N GLU F 93 -7.19 -6.46 22.28
CA GLU F 93 -8.57 -6.35 21.87
C GLU F 93 -9.37 -5.58 22.90
N ASP F 94 -8.76 -4.54 23.44
CA ASP F 94 -9.49 -3.55 24.20
C ASP F 94 -9.10 -2.17 23.72
N PRO F 95 -9.97 -1.57 22.95
CA PRO F 95 -11.23 -2.20 22.55
C PRO F 95 -11.03 -3.28 21.53
N PRO F 96 -12.04 -3.51 20.72
CA PRO F 96 -12.14 -4.76 19.96
C PRO F 96 -12.11 -4.48 18.47
N SER F 97 -11.44 -5.36 17.72
CA SER F 97 -11.27 -5.16 16.30
C SER F 97 -12.64 -5.20 15.66
N LYS F 98 -12.90 -4.26 14.77
CA LYS F 98 -14.07 -4.32 13.91
C LYS F 98 -13.84 -5.33 12.79
N ILE F 99 -14.73 -6.32 12.69
CA ILE F 99 -14.66 -7.34 11.65
C ILE F 99 -15.95 -7.38 10.85
N ARG F 100 -15.87 -7.74 9.58
CA ARG F 100 -17.04 -7.82 8.70
C ARG F 100 -16.82 -8.86 7.60
N TYR F 101 -17.80 -9.77 7.48
CA TYR F 101 -17.71 -10.87 6.51
C TYR F 101 -18.58 -10.60 5.30
N PHE F 102 -18.17 -11.15 4.16
CA PHE F 102 -18.93 -11.04 2.91
C PHE F 102 -18.98 -12.40 2.21
N VAL F 103 -19.96 -13.21 2.59
CA VAL F 103 -20.12 -14.56 2.06
C VAL F 103 -20.69 -14.53 0.64
N SER F 104 -20.18 -15.40 -0.21
CA SER F 104 -20.62 -15.49 -1.62
C SER F 104 -20.43 -16.90 -2.16
N ASN F 105 -21.09 -17.18 -3.28
CA ASN F 105 -21.03 -18.49 -3.95
C ASN F 105 -21.42 -19.65 -3.03
N VAL F 106 -22.55 -19.50 -2.34
CA VAL F 106 -23.05 -20.54 -1.45
C VAL F 106 -23.73 -21.64 -2.26
N GLU F 107 -22.96 -22.65 -2.65
CA GLU F 107 -23.46 -23.78 -3.42
C GLU F 107 -23.50 -25.05 -2.57
N ALA F 108 -24.70 -25.52 -2.27
CA ALA F 108 -24.89 -26.71 -1.43
C ALA F 108 -25.19 -27.94 -2.28
N PHE F 109 -24.72 -29.09 -1.80
CA PHE F 109 -24.96 -30.38 -2.46
C PHE F 109 -25.37 -31.43 -1.42
N GLU F 110 -26.30 -32.29 -1.79
CA GLU F 110 -26.82 -33.31 -0.86
C GLU F 110 -25.83 -34.46 -0.69
N ALA F 111 -25.66 -34.89 0.57
CA ALA F 111 -24.81 -36.03 0.91
C ALA F 111 -25.64 -37.08 1.65
N GLY F 112 -24.99 -38.17 2.05
CA GLY F 112 -25.66 -39.26 2.75
C GLY F 112 -26.03 -38.93 4.18
N ASN F 113 -27.04 -39.63 4.70
CA ASN F 113 -27.51 -39.47 6.09
C ASN F 113 -28.06 -38.06 6.38
N GLY F 114 -28.70 -37.45 5.38
CA GLY F 114 -29.28 -36.12 5.53
C GLY F 114 -28.25 -35.03 5.78
N GLU F 115 -27.08 -35.16 5.16
CA GLU F 115 -25.99 -34.21 5.32
C GLU F 115 -25.81 -33.39 4.05
N LEU F 116 -25.22 -32.20 4.18
CA LEU F 116 -25.10 -31.26 3.07
C LEU F 116 -23.67 -30.74 2.89
N ASP F 117 -23.07 -31.07 1.74
CA ASP F 117 -21.75 -30.55 1.38
C ASP F 117 -21.90 -29.16 0.78
N VAL F 118 -21.35 -28.15 1.46
CA VAL F 118 -21.53 -26.75 1.06
C VAL F 118 -20.21 -26.05 0.77
N LEU F 119 -20.10 -25.49 -0.44
CA LEU F 119 -18.94 -24.68 -0.83
C LEU F 119 -19.32 -23.20 -0.70
N SER F 120 -18.34 -22.36 -0.37
CA SER F 120 -18.58 -20.93 -0.17
C SER F 120 -17.31 -20.09 -0.25
N ASN F 121 -17.45 -18.89 -0.83
CA ASN F 121 -16.38 -17.90 -0.87
C ASN F 121 -16.58 -16.87 0.23
N ILE F 122 -15.49 -16.47 0.89
CA ILE F 122 -15.56 -15.55 2.03
C ILE F 122 -14.50 -14.45 1.92
N LEU F 123 -14.94 -13.20 2.10
CA LEU F 123 -14.04 -12.05 2.16
C LEU F 123 -14.18 -11.37 3.51
N VAL F 124 -13.11 -11.38 4.29
CA VAL F 124 -13.12 -10.83 5.65
C VAL F 124 -12.35 -9.50 5.71
N TYR F 125 -13.07 -8.43 6.07
CA TYR F 125 -12.46 -7.11 6.27
C TYR F 125 -12.32 -6.82 7.76
N ARG F 126 -11.10 -6.58 8.20
CA ARG F 126 -10.80 -6.31 9.60
C ARG F 126 -10.24 -4.90 9.78
N ASN F 127 -10.80 -4.16 10.72
CA ASN F 127 -10.32 -2.82 11.08
C ASN F 127 -10.04 -2.74 12.57
N ARG F 128 -8.99 -2.00 12.94
CA ARG F 128 -8.63 -1.82 14.34
C ARG F 128 -7.82 -0.54 14.55
N ARG F 129 -7.93 0.02 15.77
CA ARG F 129 -7.22 1.25 16.14
C ARG F 129 -7.55 2.41 15.20
N GLN F 130 -6.53 3.15 14.73
CA GLN F 130 -6.76 4.35 13.94
C GLN F 130 -6.81 4.07 12.43
N THR F 131 -5.72 3.53 11.89
CA THR F 131 -5.57 3.37 10.44
C THR F 131 -5.21 1.96 9.98
N GLU F 132 -5.32 0.96 10.86
CA GLU F 132 -4.92 -0.40 10.53
C GLU F 132 -6.06 -1.16 9.84
N VAL F 133 -5.78 -1.68 8.63
CA VAL F 133 -6.75 -2.44 7.84
C VAL F 133 -6.08 -3.66 7.22
N THR F 134 -6.77 -4.80 7.25
CA THR F 134 -6.30 -6.04 6.63
C THR F 134 -7.45 -6.79 5.97
N VAL F 135 -7.16 -7.44 4.84
CA VAL F 135 -8.16 -8.18 4.07
C VAL F 135 -7.75 -9.64 3.93
N HIS F 136 -8.73 -10.54 3.99
CA HIS F 136 -8.48 -11.98 3.84
C HIS F 136 -9.54 -12.64 2.95
N THR F 137 -9.11 -13.12 1.78
CA THR F 137 -9.96 -13.94 0.92
C THR F 137 -9.79 -15.41 1.31
N LEU F 138 -10.90 -16.13 1.39
CA LEU F 138 -10.88 -17.50 1.90
C LEU F 138 -11.97 -18.36 1.26
N GLY F 139 -11.65 -19.63 1.03
CA GLY F 139 -12.58 -20.61 0.49
C GLY F 139 -13.01 -21.59 1.58
N ARG F 140 -14.32 -21.78 1.71
CA ARG F 140 -14.90 -22.62 2.78
C ARG F 140 -15.55 -23.87 2.21
N GLU F 141 -15.28 -25.01 2.85
CA GLU F 141 -15.89 -26.29 2.47
C GLU F 141 -16.43 -26.98 3.73
N ASP F 142 -17.76 -27.10 3.82
CA ASP F 142 -18.41 -27.58 5.03
C ASP F 142 -19.27 -28.82 4.79
N LYS F 143 -19.53 -29.56 5.87
CA LYS F 143 -20.56 -30.59 5.90
C LYS F 143 -21.56 -30.23 6.99
N LEU F 144 -22.78 -29.87 6.58
CA LEU F 144 -23.82 -29.44 7.51
C LEU F 144 -24.87 -30.54 7.68
N ARG F 145 -25.40 -30.68 8.89
CA ARG F 145 -26.53 -31.56 9.17
C ARG F 145 -27.70 -30.76 9.74
N ARG F 146 -28.90 -31.32 9.61
CA ARG F 146 -30.12 -30.63 10.06
C ARG F 146 -30.43 -30.91 11.52
N ASP F 147 -29.88 -30.13 12.43
CA ASP F 147 -30.41 -30.10 13.79
C ASP F 147 -31.71 -29.32 13.82
N GLY F 148 -32.82 -30.03 13.65
CA GLY F 148 -34.09 -29.38 13.47
C GLY F 148 -34.12 -28.17 14.36
N ASN F 149 -33.87 -27.01 13.77
CA ASN F 149 -34.77 -26.44 12.78
C ASN F 149 -34.05 -25.37 11.97
N GLY F 150 -32.87 -25.70 11.48
CA GLY F 150 -31.63 -25.45 12.19
C GLY F 150 -30.54 -26.21 11.49
N PHE F 151 -29.36 -25.63 11.38
CA PHE F 151 -28.21 -26.39 10.92
C PHE F 151 -27.12 -26.37 11.96
N LYS F 152 -26.22 -27.35 11.86
CA LYS F 152 -25.03 -27.41 12.70
C LYS F 152 -23.86 -28.04 11.93
N VAL F 153 -22.76 -27.30 11.81
CA VAL F 153 -21.58 -27.76 11.08
C VAL F 153 -20.79 -28.77 11.91
N PHE F 154 -20.36 -29.87 11.27
CA PHE F 154 -19.52 -30.89 11.93
C PHE F 154 -18.19 -31.15 11.20
N ARG F 155 -18.01 -30.54 10.03
CA ARG F 155 -16.71 -30.49 9.36
C ARG F 155 -16.57 -29.15 8.66
N ARG F 156 -15.39 -28.54 8.74
CA ARG F 156 -15.16 -27.20 8.19
C ARG F 156 -13.71 -27.03 7.75
N LYS F 157 -13.49 -27.06 6.43
CA LYS F 157 -12.16 -26.90 5.85
C LYS F 157 -12.01 -25.51 5.23
N LEU F 158 -11.17 -24.69 5.84
CA LEU F 158 -10.91 -23.32 5.38
C LEU F 158 -9.64 -23.28 4.54
N ILE F 159 -9.74 -22.75 3.31
CA ILE F 159 -8.62 -22.66 2.40
C ILE F 159 -8.21 -21.21 2.19
N LEU F 160 -7.07 -20.82 2.75
CA LEU F 160 -6.54 -19.47 2.60
C LEU F 160 -5.88 -19.29 1.24
N ASP F 161 -6.10 -18.13 0.63
CA ASP F 161 -5.57 -17.83 -0.70
C ASP F 161 -4.10 -17.44 -0.63
N ALA F 162 -3.80 -16.43 0.18
CA ALA F 162 -2.43 -15.94 0.33
C ALA F 162 -1.58 -16.92 1.13
N ARG F 163 -0.35 -17.15 0.67
CA ARG F 163 0.59 -18.03 1.37
C ARG F 163 1.10 -17.34 2.63
N VAL F 164 1.69 -16.17 2.45
CA VAL F 164 2.17 -15.36 3.56
C VAL F 164 1.02 -14.47 4.05
N THR F 165 0.60 -14.69 5.30
CA THR F 165 -0.52 -13.95 5.87
C THR F 165 -0.13 -12.51 6.19
N GLN F 166 -0.67 -11.56 5.41
CA GLN F 166 -0.38 -10.15 5.61
C GLN F 166 -1.28 -9.55 6.71
N ASP F 167 -1.06 -10.03 7.93
CA ASP F 167 -1.85 -9.60 9.09
C ASP F 167 -1.13 -10.05 10.36
N LYS F 168 -1.43 -9.39 11.48
CA LYS F 168 -0.83 -9.73 12.77
C LYS F 168 -1.17 -11.16 13.19
N ASN F 169 -2.42 -11.55 12.97
CA ASN F 169 -2.88 -12.91 13.26
C ASN F 169 -4.08 -13.29 12.39
N LEU F 170 -4.47 -14.56 12.48
CA LEU F 170 -5.69 -15.06 11.84
C LEU F 170 -6.66 -15.56 12.89
N TYR F 171 -6.78 -14.83 13.99
CA TYR F 171 -7.65 -15.22 15.09
C TYR F 171 -9.07 -14.69 14.85
N PHE F 172 -9.78 -15.37 13.97
CA PHE F 172 -11.19 -15.08 13.70
C PHE F 172 -11.87 -16.29 13.07
N PHE F 173 -13.12 -16.54 13.46
CA PHE F 173 -13.85 -17.72 13.00
C PHE F 173 -14.48 -17.47 11.63
N CYS F 174 -14.67 -18.55 10.88
CA CYS F 174 -15.27 -18.48 9.54
C CYS F 174 -16.32 -19.59 9.39
FE FE G . -12.36 25.48 0.04
FE1 FES H . 7.31 -2.80 28.88
FE2 FES H . 5.47 -0.38 28.45
S1 FES H . 5.73 -1.84 30.07
S2 FES H . 6.73 -1.60 27.13
C1 BNL I . -12.89 28.64 3.06
C2 BNL I . -13.38 29.88 2.63
C3 BNL I . -12.49 30.90 2.28
C4 BNL I . -11.11 30.68 2.33
C5 BNL I . -10.63 29.44 2.76
C6 BNL I . -11.52 28.43 3.12
C12 BNL I . -16.76 31.53 3.00
C13 BNL I . -17.60 30.56 2.44
C14 BNL I . -17.06 29.39 1.94
C15 BNL I . -15.69 29.16 2.00
C16 BNL I . -14.85 30.12 2.57
C17 BNL I . -15.39 31.31 3.06
ZN ZN J . -37.86 -0.60 -4.36
ZN ZN K . -13.47 3.96 5.44
ZN ZN L . -33.32 8.90 14.15
FE FE M . 7.67 -11.83 -24.73
FE1 FES N . -4.10 28.52 -8.72
FE2 FES N . -4.04 26.39 -10.93
S1 FES N . -5.22 28.21 -10.59
S2 FES N . -3.32 26.47 -8.86
C1 BNL O . 8.90 -10.46 -28.71
C2 BNL O . 9.34 -11.30 -29.72
C3 BNL O . 10.71 -11.49 -29.91
C4 BNL O . 11.63 -10.85 -29.09
C5 BNL O . 11.18 -10.00 -28.08
C6 BNL O . 9.81 -9.81 -27.89
C12 BNL O . 7.60 -12.63 -32.80
C13 BNL O . 6.55 -13.34 -32.22
C14 BNL O . 6.40 -13.38 -30.83
C15 BNL O . 7.32 -12.71 -30.03
C16 BNL O . 8.38 -12.00 -30.60
C17 BNL O . 8.52 -11.96 -31.98
ZN ZN P . -8.60 -3.28 -12.33
ZN ZN Q . -26.09 -23.05 -15.91
ZN ZN R . -21.48 -7.37 -29.13
FE FE S . 4.27 -13.93 24.48
FE1 FES T . 17.70 -15.37 -18.44
FE2 FES T . 17.19 -16.63 -15.68
S1 FES T . 17.76 -17.42 -17.66
S2 FES T . 17.07 -14.60 -16.49
C1 BNL U . 7.36 -17.12 26.08
C2 BNL U . 7.32 -17.49 27.43
C3 BNL U . 8.20 -16.90 28.33
C4 BNL U . 9.11 -15.94 27.90
C5 BNL U . 9.15 -15.57 26.55
C6 BNL U . 8.26 -16.16 25.64
C12 BNL U . 5.84 -20.51 29.15
C13 BNL U . 4.51 -20.42 28.77
C14 BNL U . 4.09 -19.37 27.97
C15 BNL U . 5.00 -18.41 27.52
C16 BNL U . 6.34 -18.51 27.90
C17 BNL U . 6.76 -19.56 28.71
ZN ZN V . -4.73 -13.70 4.25
ZN ZN W . -12.21 -33.46 9.13
ZN ZN X . -29.30 -21.85 11.74
#